data_4LGD
#
_entry.id   4LGD
#
_cell.length_a   123.403
_cell.length_b   237.136
_cell.length_c   95.862
_cell.angle_alpha   90.000
_cell.angle_beta   100.700
_cell.angle_gamma   90.000
#
_symmetry.space_group_name_H-M   'C 1 2 1'
#
loop_
_entity.id
_entity.type
_entity.pdbx_description
1 polymer 'Serine/threonine-protein kinase 3'
2 polymer 'Ras association domain family member 5, RASSF5'
3 non-polymer 'PHOSPHOAMINOPHOSPHONIC ACID-ADENYLATE ESTER'
4 non-polymer 'MAGNESIUM ION'
5 non-polymer 'SULFATE ION'
6 non-polymer 'SODIUM ION'
#
loop_
_entity_poly.entity_id
_entity_poly.type
_entity_poly.pdbx_seq_one_letter_code
_entity_poly.pdbx_strand_id
1 'polypeptide(L)'
;MHHHHHHGSSKLKKLSEDSLTKQPEEVFDVLEKLGEGSYGSVFKAIHKESGQVVAIKQVPVESDLQEIIKEISIMQQCDS
PYVVKYYGSYFKNTDLWIVMEYCGAGSVSDIIRLRNKTLIEDEIATILKSTLKGLEYLHFMRKIHRNIKAGNILLNTEGH
AKLADFGVAGQLTDTMAKRNTVIGTPFWMAPEVIQEIGYNCVADIWSLGITSIEMAEGKPPYADIHPMRAIFMIPTNPPP
TFRKPELWSDDFTDFVKKCLVKNPEQRATATQLLQHPFIKNAKPVSILRDLITEAMEIKAKRHEEQQRELEEEENWKVPQ
DGDFDFLKNLSLEELQMRLKALDPMMEREIEELRQRYTAKRQPILDAMDAKKRRQQNF
;
A,B,C,D
2 'polypeptide(L)' GEVEWDAFSIPELQNFLTILEKEEQDKIQQVQKKYDKFRQKLEEALRES E,F,G,H
#
loop_
_chem_comp.id
_chem_comp.type
_chem_comp.name
_chem_comp.formula
ANP non-polymer 'PHOSPHOAMINOPHOSPHONIC ACID-ADENYLATE ESTER' 'C10 H17 N6 O12 P3'
MG non-polymer 'MAGNESIUM ION' 'Mg 2'
NA non-polymer 'SODIUM ION' 'Na 1'
SO4 non-polymer 'SULFATE ION' 'O4 S -2'
#
# COMPACT_ATOMS: atom_id res chain seq x y z
N GLU A 17 33.28 27.48 -44.44
CA GLU A 17 34.21 27.05 -43.40
C GLU A 17 35.34 28.06 -43.24
N ASP A 18 35.59 28.85 -44.27
CA ASP A 18 36.64 29.85 -44.23
C ASP A 18 36.26 31.00 -43.29
N SER A 19 34.97 31.30 -43.21
CA SER A 19 34.48 32.36 -42.35
C SER A 19 34.55 31.96 -40.88
N LEU A 20 34.71 30.66 -40.62
CA LEU A 20 34.82 30.15 -39.26
C LEU A 20 36.25 30.32 -38.74
N THR A 21 37.21 30.37 -39.64
CA THR A 21 38.61 30.53 -39.27
C THR A 21 38.95 31.99 -38.98
N LYS A 22 38.16 32.90 -39.52
CA LYS A 22 38.36 34.32 -39.28
C LYS A 22 37.90 34.69 -37.87
N GLN A 23 38.38 35.81 -37.37
CA GLN A 23 37.97 36.29 -36.04
C GLN A 23 36.55 36.86 -36.10
N PRO A 24 35.78 36.64 -35.02
CA PRO A 24 34.36 37.02 -34.96
C PRO A 24 34.08 38.48 -35.32
N GLU A 25 34.72 39.42 -34.65
CA GLU A 25 34.44 40.84 -34.86
C GLU A 25 34.64 41.27 -36.31
N GLU A 26 35.40 40.49 -37.07
CA GLU A 26 35.69 40.83 -38.46
C GLU A 26 34.66 40.27 -39.43
N VAL A 27 33.78 39.41 -38.93
CA VAL A 27 32.73 38.82 -39.76
C VAL A 27 31.36 39.44 -39.47
N PHE A 28 31.14 39.79 -38.20
CA PHE A 28 29.85 40.34 -37.78
C PHE A 28 30.02 41.67 -37.06
N ASP A 29 29.08 42.58 -37.29
CA ASP A 29 29.02 43.84 -36.54
C ASP A 29 27.95 43.72 -35.45
N VAL A 30 28.40 43.46 -34.22
CA VAL A 30 27.49 43.28 -33.10
C VAL A 30 26.83 44.62 -32.74
N LEU A 31 25.51 44.58 -32.57
CA LEU A 31 24.74 45.78 -32.27
C LEU A 31 24.27 45.77 -30.81
N GLU A 32 23.01 46.14 -30.58
CA GLU A 32 22.47 46.26 -29.23
C GLU A 32 22.44 44.93 -28.49
N LYS A 33 22.44 45.01 -27.16
CA LYS A 33 22.23 43.82 -26.32
C LYS A 33 20.74 43.49 -26.26
N LEU A 34 20.41 42.22 -26.17
CA LEU A 34 19.02 41.77 -26.20
C LEU A 34 18.53 41.27 -24.84
N GLY A 35 19.47 40.86 -23.99
CA GLY A 35 19.11 40.37 -22.67
C GLY A 35 20.08 39.33 -22.15
N GLU A 36 19.57 38.40 -21.36
CA GLU A 36 20.40 37.38 -20.73
C GLU A 36 19.55 36.34 -20.00
N GLY A 37 20.22 35.34 -19.45
CA GLY A 37 19.54 34.29 -18.70
C GLY A 37 20.33 33.88 -17.47
N SER A 38 21.19 32.88 -17.64
CA SER A 38 22.02 32.39 -16.54
C SER A 38 23.39 31.88 -16.99
N TYR A 39 23.73 32.08 -18.26
CA TYR A 39 24.99 31.56 -18.78
C TYR A 39 25.71 32.55 -19.68
N GLY A 40 25.23 33.79 -19.73
CA GLY A 40 25.87 34.82 -20.53
C GLY A 40 24.90 35.79 -21.17
N SER A 41 25.42 36.70 -21.98
CA SER A 41 24.61 37.73 -22.61
C SER A 41 24.33 37.39 -24.08
N VAL A 42 23.12 37.71 -24.52
CA VAL A 42 22.73 37.53 -25.91
C VAL A 42 22.78 38.87 -26.63
N PHE A 43 23.25 38.85 -27.87
CA PHE A 43 23.41 40.07 -28.65
C PHE A 43 22.86 39.95 -30.07
N LYS A 44 22.49 41.09 -30.65
CA LYS A 44 22.08 41.16 -32.04
C LYS A 44 23.31 41.42 -32.89
N ALA A 45 23.32 40.89 -34.11
CA ALA A 45 24.47 41.07 -35.00
C ALA A 45 24.06 41.02 -36.46
N ILE A 46 24.94 41.47 -37.34
CA ILE A 46 24.67 41.47 -38.77
C ILE A 46 25.86 40.87 -39.55
N HIS A 47 25.56 39.86 -40.36
CA HIS A 47 26.57 39.23 -41.19
C HIS A 47 27.02 40.22 -42.27
N LYS A 48 28.23 40.73 -42.12
CA LYS A 48 28.75 41.77 -43.02
C LYS A 48 28.68 41.37 -44.49
N GLU A 49 28.88 40.08 -44.76
CA GLU A 49 28.99 39.60 -46.14
C GLU A 49 27.65 39.54 -46.87
N SER A 50 26.67 38.86 -46.27
CA SER A 50 25.39 38.66 -46.93
C SER A 50 24.29 39.58 -46.37
N GLY A 51 24.57 40.21 -45.22
CA GLY A 51 23.62 41.10 -44.60
C GLY A 51 22.55 40.37 -43.81
N GLN A 52 22.64 39.04 -43.77
CA GLN A 52 21.69 38.22 -43.04
C GLN A 52 21.86 38.43 -41.55
N VAL A 53 20.82 38.92 -40.88
CA VAL A 53 20.88 39.19 -39.45
C VAL A 53 21.02 37.89 -38.67
N VAL A 54 21.94 37.89 -37.70
CA VAL A 54 22.14 36.71 -36.85
C VAL A 54 22.20 37.13 -35.38
N ALA A 55 22.27 36.14 -34.50
CA ALA A 55 22.39 36.38 -33.07
C ALA A 55 23.72 35.83 -32.57
N ILE A 56 24.24 36.42 -31.51
CA ILE A 56 25.53 35.99 -30.96
C ILE A 56 25.51 35.99 -29.43
N LYS A 57 25.64 34.79 -28.85
CA LYS A 57 25.66 34.64 -27.41
C LYS A 57 27.12 34.54 -26.95
N GLN A 58 27.38 35.04 -25.73
CA GLN A 58 28.74 35.04 -25.19
C GLN A 58 28.78 34.36 -23.82
N VAL A 59 29.46 33.21 -23.77
CA VAL A 59 29.57 32.46 -22.53
C VAL A 59 31.03 32.41 -22.05
N PRO A 60 31.24 32.46 -20.73
CA PRO A 60 32.59 32.35 -20.18
C PRO A 60 33.08 30.90 -20.18
N VAL A 61 34.18 30.63 -20.85
CA VAL A 61 34.71 29.28 -21.01
C VAL A 61 34.96 28.62 -19.65
N GLU A 62 35.41 29.40 -18.68
CA GLU A 62 35.76 28.89 -17.36
C GLU A 62 34.65 28.06 -16.72
N SER A 63 33.40 28.41 -17.01
CA SER A 63 32.27 27.75 -16.38
C SER A 63 31.72 26.59 -17.21
N ASP A 64 32.17 25.39 -16.88
CA ASP A 64 31.65 24.17 -17.49
C ASP A 64 31.49 24.26 -19.00
N LEU A 65 32.58 24.01 -19.72
CA LEU A 65 32.57 23.99 -21.17
C LEU A 65 31.81 22.78 -21.71
N GLN A 66 31.86 21.67 -20.98
CA GLN A 66 31.27 20.42 -21.43
C GLN A 66 29.75 20.51 -21.58
N GLU A 67 29.10 21.23 -20.68
CA GLU A 67 27.65 21.34 -20.68
C GLU A 67 27.17 22.19 -21.86
N ILE A 68 27.86 23.28 -22.13
CA ILE A 68 27.52 24.17 -23.23
C ILE A 68 27.64 23.45 -24.57
N ILE A 69 28.77 22.77 -24.77
CA ILE A 69 29.06 22.11 -26.03
C ILE A 69 28.09 20.98 -26.34
N LYS A 70 27.56 20.35 -25.30
CA LYS A 70 26.64 19.23 -25.48
C LYS A 70 25.34 19.72 -26.12
N GLU A 71 24.91 20.92 -25.75
CA GLU A 71 23.72 21.52 -26.33
C GLU A 71 24.02 21.97 -27.75
N ILE A 72 25.24 22.45 -27.96
CA ILE A 72 25.68 22.89 -29.29
C ILE A 72 25.64 21.74 -30.29
N SER A 73 26.08 20.55 -29.87
CA SER A 73 26.14 19.41 -30.75
C SER A 73 24.75 18.89 -31.11
N ILE A 74 23.77 19.16 -30.24
CA ILE A 74 22.41 18.70 -30.47
C ILE A 74 21.66 19.62 -31.42
N MET A 75 21.91 20.93 -31.31
CA MET A 75 21.24 21.90 -32.16
C MET A 75 21.81 21.91 -33.58
N GLN A 76 23.11 21.67 -33.69
CA GLN A 76 23.78 21.72 -34.99
C GLN A 76 23.32 20.57 -35.90
N GLN A 77 22.92 19.46 -35.29
CA GLN A 77 22.46 18.30 -36.04
C GLN A 77 20.97 18.41 -36.38
N CYS A 78 20.34 19.51 -35.97
CA CYS A 78 18.95 19.77 -36.34
C CYS A 78 18.89 20.67 -37.56
N ASP A 79 17.96 20.36 -38.47
CA ASP A 79 17.80 21.13 -39.70
C ASP A 79 16.31 21.29 -40.00
N SER A 80 15.70 22.28 -39.36
CA SER A 80 14.27 22.49 -39.52
C SER A 80 13.93 23.98 -39.40
N PRO A 81 12.93 24.43 -40.16
CA PRO A 81 12.45 25.81 -40.06
C PRO A 81 11.69 26.05 -38.75
N TYR A 82 11.44 24.99 -38.00
CA TYR A 82 10.75 25.09 -36.73
C TYR A 82 11.69 24.89 -35.56
N VAL A 83 12.95 24.59 -35.87
CA VAL A 83 13.99 24.50 -34.86
C VAL A 83 15.04 25.57 -35.13
N VAL A 84 15.38 26.35 -34.10
CA VAL A 84 16.33 27.44 -34.27
C VAL A 84 17.63 26.91 -34.88
N LYS A 85 18.02 27.50 -36.00
CA LYS A 85 19.19 27.05 -36.75
C LYS A 85 20.48 27.53 -36.08
N TYR A 86 21.44 26.62 -35.97
CA TYR A 86 22.76 26.94 -35.43
C TYR A 86 23.77 27.00 -36.58
N TYR A 87 24.64 27.99 -36.55
CA TYR A 87 25.51 28.27 -37.69
C TYR A 87 27.00 27.98 -37.46
N GLY A 88 27.50 28.26 -36.26
CA GLY A 88 28.92 28.02 -35.99
C GLY A 88 29.41 28.61 -34.68
N SER A 89 30.73 28.60 -34.51
CA SER A 89 31.35 29.08 -33.28
C SER A 89 32.73 29.68 -33.51
N TYR A 90 33.20 30.45 -32.52
CA TYR A 90 34.54 31.03 -32.54
C TYR A 90 35.08 31.06 -31.12
N PHE A 91 36.32 31.51 -30.97
CA PHE A 91 36.91 31.72 -29.66
C PHE A 91 37.51 33.13 -29.57
N LYS A 92 37.17 33.85 -28.50
CA LYS A 92 37.60 35.23 -28.36
C LYS A 92 37.61 35.68 -26.90
N ASN A 93 38.78 36.05 -26.40
CA ASN A 93 38.94 36.59 -25.05
C ASN A 93 38.11 35.85 -24.01
N THR A 94 38.51 34.61 -23.71
CA THR A 94 37.87 33.82 -22.66
C THR A 94 36.37 33.61 -22.88
N ASP A 95 35.85 34.08 -24.02
CA ASP A 95 34.43 33.95 -24.30
C ASP A 95 34.22 33.10 -25.54
N LEU A 96 33.35 32.10 -25.43
CA LEU A 96 32.99 31.26 -26.56
C LEU A 96 31.80 31.88 -27.27
N TRP A 97 31.98 32.23 -28.53
CA TRP A 97 30.92 32.90 -29.30
C TRP A 97 30.05 31.89 -30.05
N ILE A 98 28.75 31.97 -29.82
CA ILE A 98 27.79 31.09 -30.46
C ILE A 98 26.89 31.88 -31.40
N VAL A 99 26.95 31.57 -32.69
CA VAL A 99 26.12 32.24 -33.69
C VAL A 99 24.83 31.47 -33.90
N MET A 100 23.70 32.12 -33.61
CA MET A 100 22.39 31.47 -33.67
C MET A 100 21.49 32.22 -34.64
N GLU A 101 20.35 31.62 -34.97
CA GLU A 101 19.38 32.28 -35.84
C GLU A 101 18.69 33.41 -35.10
N TYR A 102 18.47 34.53 -35.79
CA TYR A 102 17.93 35.73 -35.15
C TYR A 102 16.40 35.70 -35.08
N CYS A 103 15.89 35.43 -33.88
CA CYS A 103 14.46 35.53 -33.62
C CYS A 103 14.17 36.86 -32.93
N GLY A 104 13.93 37.89 -33.74
CA GLY A 104 13.81 39.25 -33.23
C GLY A 104 12.73 39.46 -32.19
N ALA A 105 11.58 38.83 -32.39
CA ALA A 105 10.43 39.05 -31.53
C ALA A 105 10.57 38.41 -30.15
N GLY A 106 11.66 37.67 -29.95
CA GLY A 106 11.91 37.03 -28.67
C GLY A 106 11.06 35.79 -28.47
N SER A 107 10.98 35.32 -27.22
CA SER A 107 10.22 34.13 -26.91
C SER A 107 8.75 34.48 -26.65
N VAL A 108 7.89 33.48 -26.78
CA VAL A 108 6.46 33.67 -26.53
C VAL A 108 6.26 34.23 -25.13
N SER A 109 7.11 33.81 -24.20
CA SER A 109 7.02 34.27 -22.83
C SER A 109 7.41 35.74 -22.72
N ASP A 110 8.38 36.16 -23.52
CA ASP A 110 8.84 37.54 -23.51
C ASP A 110 7.81 38.49 -24.11
N ILE A 111 7.17 38.04 -25.19
CA ILE A 111 6.17 38.85 -25.87
C ILE A 111 4.96 39.08 -24.98
N ILE A 112 4.52 38.03 -24.29
CA ILE A 112 3.43 38.15 -23.32
C ILE A 112 3.85 39.06 -22.18
N ARG A 113 5.14 39.02 -21.84
CA ARG A 113 5.68 39.84 -20.76
C ARG A 113 5.76 41.31 -21.17
N LEU A 114 6.27 41.56 -22.37
CA LEU A 114 6.47 42.91 -22.87
C LEU A 114 5.18 43.71 -22.96
N ARG A 115 4.17 43.11 -23.58
CA ARG A 115 2.91 43.80 -23.83
C ARG A 115 2.02 43.84 -22.58
N ASN A 116 2.30 42.98 -21.62
CA ASN A 116 1.47 42.87 -20.43
C ASN A 116 0.08 42.38 -20.81
N LYS A 117 0.04 41.44 -21.76
CA LYS A 117 -1.22 40.90 -22.27
C LYS A 117 -1.07 39.44 -22.64
N THR A 118 -2.09 38.64 -22.32
CA THR A 118 -2.10 37.23 -22.70
C THR A 118 -2.40 37.10 -24.19
N LEU A 119 -2.24 35.90 -24.72
CA LEU A 119 -2.45 35.66 -26.15
C LEU A 119 -3.85 35.16 -26.45
N ILE A 120 -4.40 35.66 -27.55
CA ILE A 120 -5.72 35.24 -28.01
C ILE A 120 -5.60 33.92 -28.76
N GLU A 121 -6.69 33.15 -28.78
CA GLU A 121 -6.69 31.84 -29.41
C GLU A 121 -6.00 31.85 -30.77
N ASP A 122 -6.55 32.59 -31.72
CA ASP A 122 -6.00 32.65 -33.07
C ASP A 122 -4.47 32.77 -33.01
N GLU A 123 -3.99 33.64 -32.14
CA GLU A 123 -2.56 33.81 -31.95
C GLU A 123 -1.94 32.50 -31.46
N ILE A 124 -2.61 31.88 -30.49
CA ILE A 124 -2.15 30.62 -29.91
C ILE A 124 -2.10 29.51 -30.95
N ALA A 125 -3.19 29.37 -31.71
CA ALA A 125 -3.29 28.31 -32.71
C ALA A 125 -2.12 28.37 -33.67
N THR A 126 -1.90 29.53 -34.28
CA THR A 126 -0.82 29.71 -35.23
C THR A 126 0.52 29.29 -34.63
N ILE A 127 0.83 29.81 -33.45
CA ILE A 127 2.07 29.50 -32.77
C ILE A 127 2.17 28.00 -32.53
N LEU A 128 1.07 27.40 -32.10
CA LEU A 128 1.02 25.97 -31.82
C LEU A 128 1.18 25.15 -33.09
N LYS A 129 0.70 25.69 -34.21
CA LYS A 129 0.75 24.97 -35.47
C LYS A 129 2.20 24.70 -35.90
N SER A 130 3.06 25.68 -35.65
CA SER A 130 4.47 25.56 -35.99
C SER A 130 5.24 24.85 -34.88
N THR A 131 4.81 25.04 -33.64
CA THR A 131 5.42 24.36 -32.50
C THR A 131 5.20 22.86 -32.64
N LEU A 132 3.99 22.49 -33.07
CA LEU A 132 3.67 21.09 -33.32
C LEU A 132 4.51 20.54 -34.46
N LYS A 133 4.67 21.33 -35.53
CA LYS A 133 5.50 20.93 -36.66
C LYS A 133 6.90 20.59 -36.18
N GLY A 134 7.41 21.39 -35.25
CA GLY A 134 8.73 21.17 -34.69
C GLY A 134 8.80 19.89 -33.86
N LEU A 135 7.79 19.67 -33.04
CA LEU A 135 7.73 18.46 -32.21
C LEU A 135 7.66 17.22 -33.09
N GLU A 136 6.82 17.27 -34.12
CA GLU A 136 6.68 16.16 -35.05
C GLU A 136 8.03 15.87 -35.70
N TYR A 137 8.68 16.91 -36.18
CA TYR A 137 10.00 16.78 -36.79
C TYR A 137 10.97 16.10 -35.84
N LEU A 138 11.02 16.57 -34.60
CA LEU A 138 11.91 16.01 -33.59
C LEU A 138 11.58 14.55 -33.29
N HIS A 139 10.34 14.30 -32.92
CA HIS A 139 9.91 12.96 -32.51
C HIS A 139 10.10 11.95 -33.64
N PHE A 140 9.91 12.37 -34.88
CA PHE A 140 10.08 11.48 -36.02
C PHE A 140 11.52 11.00 -36.13
N MET A 141 12.45 11.84 -35.69
CA MET A 141 13.86 11.47 -35.66
C MET A 141 14.20 10.77 -34.35
N ARG A 142 13.17 10.35 -33.62
CA ARG A 142 13.35 9.67 -32.33
C ARG A 142 14.16 10.52 -31.36
N LYS A 143 14.00 11.84 -31.45
CA LYS A 143 14.62 12.76 -30.49
C LYS A 143 13.56 13.27 -29.53
N ILE A 144 13.99 13.87 -28.44
CA ILE A 144 13.07 14.40 -27.43
C ILE A 144 13.53 15.78 -26.97
N HIS A 145 12.60 16.72 -26.88
CA HIS A 145 12.93 18.08 -26.45
C HIS A 145 13.19 18.10 -24.94
N ARG A 146 12.37 17.36 -24.19
CA ARG A 146 12.60 17.16 -22.76
C ARG A 146 12.38 18.44 -21.95
N ASN A 147 11.92 19.51 -22.59
CA ASN A 147 11.89 20.81 -21.93
C ASN A 147 11.10 21.86 -22.72
N ILE A 148 9.86 21.52 -23.10
CA ILE A 148 9.02 22.46 -23.82
C ILE A 148 8.34 23.44 -22.87
N LYS A 149 8.29 24.70 -23.28
CA LYS A 149 7.62 25.74 -22.51
C LYS A 149 7.61 27.05 -23.32
N ALA A 150 6.82 28.02 -22.85
CA ALA A 150 6.69 29.28 -23.58
C ALA A 150 8.03 29.97 -23.76
N GLY A 151 8.85 29.96 -22.71
CA GLY A 151 10.13 30.63 -22.73
C GLY A 151 11.10 30.05 -23.74
N ASN A 152 10.82 28.85 -24.22
CA ASN A 152 11.71 28.18 -25.17
C ASN A 152 11.13 28.11 -26.59
N ILE A 153 10.06 28.86 -26.83
CA ILE A 153 9.51 29.00 -28.17
C ILE A 153 9.77 30.42 -28.67
N LEU A 154 10.58 30.55 -29.71
CA LEU A 154 11.03 31.86 -30.20
C LEU A 154 10.36 32.26 -31.51
N LEU A 155 9.91 33.51 -31.57
CA LEU A 155 9.34 34.08 -32.78
C LEU A 155 10.35 35.05 -33.40
N ASN A 156 10.54 34.95 -34.71
CA ASN A 156 11.39 35.91 -35.41
C ASN A 156 10.57 37.10 -35.91
N THR A 157 11.25 38.05 -36.53
CA THR A 157 10.62 39.30 -36.94
C THR A 157 9.43 39.10 -37.88
N GLU A 158 9.33 37.92 -38.47
CA GLU A 158 8.30 37.64 -39.45
C GLU A 158 7.06 36.99 -38.83
N GLY A 159 7.26 36.26 -37.73
CA GLY A 159 6.18 35.58 -37.06
C GLY A 159 6.28 34.06 -37.14
N HIS A 160 7.50 33.57 -37.30
CA HIS A 160 7.75 32.14 -37.43
C HIS A 160 8.27 31.58 -36.11
N ALA A 161 7.49 30.69 -35.50
CA ALA A 161 7.84 30.12 -34.21
C ALA A 161 8.90 29.03 -34.36
N LYS A 162 9.81 28.97 -33.40
CA LYS A 162 10.91 28.02 -33.44
C LYS A 162 11.24 27.46 -32.05
N LEU A 163 11.65 26.20 -32.02
CA LEU A 163 12.00 25.53 -30.76
C LEU A 163 13.46 25.76 -30.42
N ALA A 164 13.73 26.09 -29.17
CA ALA A 164 15.09 26.39 -28.73
C ALA A 164 15.32 25.92 -27.29
N ASP A 165 16.53 26.16 -26.79
CA ASP A 165 16.91 25.77 -25.44
C ASP A 165 16.44 24.35 -25.14
N PHE A 166 17.03 23.39 -25.82
CA PHE A 166 16.65 22.00 -25.69
C PHE A 166 17.07 21.43 -24.34
N GLY A 167 16.32 20.44 -23.87
CA GLY A 167 16.77 19.62 -22.76
C GLY A 167 17.74 18.59 -23.32
N VAL A 168 18.52 17.96 -22.44
CA VAL A 168 19.50 16.98 -22.89
C VAL A 168 19.26 15.63 -22.21
N ALA A 169 19.53 14.55 -22.95
CA ALA A 169 19.31 13.20 -22.45
C ALA A 169 20.01 12.98 -21.11
N GLY A 170 19.26 12.51 -20.12
CA GLY A 170 19.82 12.22 -18.82
C GLY A 170 19.94 13.44 -17.94
N GLN A 171 19.17 14.48 -18.25
CA GLN A 171 19.23 15.73 -17.49
C GLN A 171 18.54 15.60 -16.14
N LEU A 172 17.96 14.45 -15.86
CA LEU A 172 17.31 14.20 -14.58
C LEU A 172 18.24 13.46 -13.62
N THR A 173 19.01 12.51 -14.15
CA THR A 173 19.88 11.69 -13.33
C THR A 173 21.35 12.05 -13.55
N ASP A 174 21.65 13.34 -13.56
CA ASP A 174 23.02 13.79 -13.80
C ASP A 174 23.64 14.42 -12.55
N THR A 175 23.63 13.67 -11.45
CA THR A 175 24.33 14.04 -10.22
C THR A 175 23.53 14.98 -9.32
N MET A 176 23.71 16.29 -9.47
CA MET A 176 23.12 17.26 -8.55
C MET A 176 22.71 18.57 -9.21
N ALA A 177 23.58 19.13 -10.05
CA ALA A 177 23.31 20.43 -10.66
C ALA A 177 22.02 20.41 -11.48
N LYS A 178 21.93 19.49 -12.43
CA LYS A 178 20.74 19.38 -13.27
C LYS A 178 19.75 18.35 -12.74
N ARG A 179 20.19 17.57 -11.75
CA ARG A 179 19.30 16.65 -11.06
C ARG A 179 18.52 17.40 -9.97
N ASN A 180 18.66 18.72 -9.97
CA ASN A 180 18.05 19.56 -8.94
C ASN A 180 17.41 20.83 -9.49
N THR A 181 17.96 21.37 -10.58
CA THR A 181 17.44 22.60 -11.18
C THR A 181 16.13 22.31 -11.92
N VAL A 182 16.02 21.13 -12.52
CA VAL A 182 14.80 20.71 -13.20
C VAL A 182 13.71 20.42 -12.18
N ILE A 183 14.10 19.83 -11.05
CA ILE A 183 13.18 19.53 -9.97
C ILE A 183 12.52 20.80 -9.44
N GLY A 184 13.27 21.90 -9.44
CA GLY A 184 12.79 23.16 -8.89
C GLY A 184 11.67 23.78 -9.70
N THR A 185 11.52 23.36 -10.95
CA THR A 185 10.49 23.90 -11.83
C THR A 185 9.83 22.78 -12.63
N PRO A 186 8.92 22.04 -12.00
CA PRO A 186 8.30 20.85 -12.58
C PRO A 186 6.90 21.10 -13.17
N PHE A 187 6.52 22.36 -13.35
CA PHE A 187 5.17 22.70 -13.75
C PHE A 187 4.81 22.23 -15.16
N TRP A 188 5.83 21.99 -15.98
CA TRP A 188 5.60 21.55 -17.36
C TRP A 188 5.87 20.06 -17.54
N MET A 189 6.14 19.37 -16.43
CA MET A 189 6.50 17.96 -16.51
C MET A 189 5.27 17.07 -16.60
N ALA A 190 5.36 16.03 -17.42
CA ALA A 190 4.30 15.04 -17.53
C ALA A 190 4.38 14.12 -16.32
N PRO A 191 3.25 13.46 -15.99
CA PRO A 191 3.19 12.58 -14.82
C PRO A 191 4.21 11.45 -14.86
N GLU A 192 4.34 10.79 -16.00
CA GLU A 192 5.22 9.62 -16.10
C GLU A 192 6.69 10.02 -15.99
N VAL A 193 6.99 11.30 -16.18
CA VAL A 193 8.35 11.78 -16.04
C VAL A 193 8.74 11.80 -14.56
N ILE A 194 7.79 12.15 -13.71
CA ILE A 194 7.99 12.15 -12.27
C ILE A 194 8.07 10.73 -11.71
N GLN A 195 7.32 9.82 -12.31
CA GLN A 195 7.23 8.46 -11.80
C GLN A 195 8.25 7.51 -12.44
N GLU A 196 8.67 7.84 -13.65
CA GLU A 196 9.65 7.01 -14.36
C GLU A 196 11.05 7.62 -14.28
N ILE A 197 11.13 8.89 -13.92
CA ILE A 197 12.39 9.61 -13.93
C ILE A 197 13.05 9.45 -15.30
N GLY A 198 12.32 9.87 -16.32
CA GLY A 198 12.78 9.75 -17.70
C GLY A 198 11.80 10.44 -18.63
N TYR A 199 12.07 10.34 -19.93
CA TYR A 199 11.25 11.03 -20.92
C TYR A 199 10.84 10.13 -22.09
N ASN A 200 9.60 10.33 -22.55
CA ASN A 200 9.14 9.75 -23.80
C ASN A 200 8.66 10.88 -24.71
N CYS A 201 8.60 10.62 -26.00
CA CYS A 201 8.19 11.63 -26.96
C CYS A 201 6.91 12.34 -26.51
N VAL A 202 5.93 11.56 -26.08
CA VAL A 202 4.64 12.11 -25.66
C VAL A 202 4.74 13.02 -24.43
N ALA A 203 5.86 12.96 -23.73
CA ALA A 203 6.07 13.84 -22.59
C ALA A 203 6.01 15.29 -23.07
N ASP A 204 6.56 15.56 -24.25
CA ASP A 204 6.58 16.91 -24.79
C ASP A 204 5.18 17.40 -25.11
N ILE A 205 4.29 16.48 -25.48
CA ILE A 205 2.92 16.82 -25.79
C ILE A 205 2.21 17.35 -24.54
N TRP A 206 2.45 16.69 -23.41
CA TRP A 206 1.90 17.17 -22.15
C TRP A 206 2.43 18.57 -21.87
N SER A 207 3.75 18.73 -21.97
CA SER A 207 4.37 20.03 -21.79
C SER A 207 3.73 21.06 -22.71
N LEU A 208 3.47 20.65 -23.95
CA LEU A 208 2.83 21.53 -24.92
C LEU A 208 1.45 21.92 -24.42
N GLY A 209 0.73 20.95 -23.86
CA GLY A 209 -0.59 21.19 -23.32
C GLY A 209 -0.56 22.24 -22.23
N ILE A 210 0.37 22.08 -21.30
CA ILE A 210 0.55 23.05 -20.23
C ILE A 210 0.96 24.40 -20.81
N THR A 211 1.82 24.36 -21.82
CA THR A 211 2.30 25.58 -22.47
C THR A 211 1.12 26.29 -23.13
N SER A 212 0.11 25.53 -23.54
CA SER A 212 -1.09 26.10 -24.14
C SER A 212 -1.82 26.97 -23.13
N ILE A 213 -1.93 26.49 -21.90
CA ILE A 213 -2.56 27.26 -20.83
C ILE A 213 -1.66 28.43 -20.43
N GLU A 214 -0.35 28.22 -20.52
CA GLU A 214 0.63 29.25 -20.17
C GLU A 214 0.46 30.48 -21.07
N MET A 215 0.08 30.24 -22.33
CA MET A 215 -0.06 31.32 -23.29
C MET A 215 -1.37 32.07 -23.13
N ALA A 216 -2.39 31.38 -22.63
CA ALA A 216 -3.72 31.97 -22.49
C ALA A 216 -3.90 32.70 -21.15
N GLU A 217 -3.26 32.18 -20.11
CA GLU A 217 -3.46 32.70 -18.75
C GLU A 217 -2.24 33.45 -18.22
N GLY A 218 -1.11 33.32 -18.90
CA GLY A 218 0.10 34.04 -18.52
C GLY A 218 1.06 33.21 -17.68
N LYS A 219 0.57 32.13 -17.11
CA LYS A 219 1.39 31.26 -16.27
C LYS A 219 0.78 29.86 -16.20
N PRO A 220 1.62 28.83 -16.00
CA PRO A 220 1.14 27.45 -15.99
C PRO A 220 0.40 27.10 -14.71
N PRO A 221 -0.40 26.03 -14.73
CA PRO A 221 -1.11 25.56 -13.53
C PRO A 221 -0.15 25.16 -12.42
N TYR A 222 -0.43 25.60 -11.19
CA TYR A 222 0.40 25.30 -10.02
C TYR A 222 1.67 26.16 -9.96
N ALA A 223 1.79 27.13 -10.86
CA ALA A 223 2.99 27.94 -10.94
C ALA A 223 3.31 28.62 -9.62
N ASP A 224 2.29 29.15 -8.95
CA ASP A 224 2.48 29.91 -7.73
C ASP A 224 2.62 29.03 -6.50
N ILE A 225 2.51 27.71 -6.69
CA ILE A 225 2.59 26.76 -5.58
C ILE A 225 4.01 26.20 -5.43
N HIS A 226 4.36 25.83 -4.20
CA HIS A 226 5.68 25.31 -3.89
C HIS A 226 5.97 24.05 -4.70
N PRO A 227 7.18 23.94 -5.27
CA PRO A 227 7.52 22.84 -6.17
C PRO A 227 7.26 21.47 -5.57
N MET A 228 7.92 21.16 -4.46
CA MET A 228 7.74 19.90 -3.76
C MET A 228 6.26 19.48 -3.78
N ARG A 229 5.37 20.44 -3.55
CA ARG A 229 3.93 20.18 -3.53
C ARG A 229 3.40 19.88 -4.93
N ALA A 230 3.93 20.57 -5.92
CA ALA A 230 3.57 20.33 -7.31
C ALA A 230 4.01 18.94 -7.74
N ILE A 231 5.25 18.58 -7.40
CA ILE A 231 5.80 17.27 -7.77
C ILE A 231 4.86 16.15 -7.33
N PHE A 232 4.09 16.41 -6.28
CA PHE A 232 3.16 15.43 -5.74
C PHE A 232 1.78 15.53 -6.39
N MET A 233 1.39 16.74 -6.77
CA MET A 233 0.07 16.97 -7.35
C MET A 233 -0.05 16.45 -8.78
N ILE A 234 0.93 16.79 -9.61
CA ILE A 234 0.86 16.51 -11.05
C ILE A 234 0.51 15.05 -11.38
N PRO A 235 1.18 14.09 -10.72
CA PRO A 235 0.85 12.69 -11.01
C PRO A 235 -0.37 12.18 -10.23
N THR A 236 -0.92 13.00 -9.34
CA THR A 236 -2.05 12.59 -8.50
C THR A 236 -3.36 13.20 -8.97
N ASN A 237 -3.41 14.53 -9.02
CA ASN A 237 -4.63 15.24 -9.41
C ASN A 237 -5.02 14.98 -10.87
N PRO A 238 -6.26 15.36 -11.22
CA PRO A 238 -6.70 15.28 -12.61
C PRO A 238 -6.13 16.44 -13.42
N PRO A 239 -5.92 16.24 -14.73
CA PRO A 239 -5.29 17.29 -15.55
C PRO A 239 -5.95 18.66 -15.35
N PRO A 240 -5.15 19.74 -15.41
CA PRO A 240 -5.67 21.10 -15.20
C PRO A 240 -6.49 21.61 -16.38
N THR A 241 -7.33 22.61 -16.12
CA THR A 241 -8.09 23.26 -17.16
C THR A 241 -7.94 24.77 -17.00
N PHE A 242 -8.79 25.54 -17.68
CA PHE A 242 -8.72 26.99 -17.59
C PHE A 242 -9.41 27.49 -16.32
N ARG A 243 -8.83 28.50 -15.69
CA ARG A 243 -9.43 29.11 -14.51
C ARG A 243 -10.79 29.73 -14.87
N LYS A 244 -10.96 30.02 -16.15
CA LYS A 244 -12.23 30.52 -16.67
C LYS A 244 -12.48 29.92 -18.05
N PRO A 245 -13.04 28.69 -18.09
CA PRO A 245 -13.20 27.90 -19.32
C PRO A 245 -14.22 28.46 -20.30
N GLU A 246 -15.06 29.39 -19.86
CA GLU A 246 -16.09 29.95 -20.73
C GLU A 246 -15.49 30.92 -21.75
N LEU A 247 -14.34 31.50 -21.42
CA LEU A 247 -13.68 32.46 -22.30
C LEU A 247 -13.03 31.79 -23.51
N TRP A 248 -12.96 30.47 -23.49
CA TRP A 248 -12.25 29.73 -24.53
C TRP A 248 -13.19 28.81 -25.30
N SER A 249 -12.90 28.63 -26.58
CA SER A 249 -13.76 27.86 -27.47
C SER A 249 -13.79 26.38 -27.09
N ASP A 250 -14.56 25.61 -27.85
CA ASP A 250 -14.65 24.17 -27.64
C ASP A 250 -13.52 23.46 -28.36
N ASP A 251 -13.09 24.00 -29.48
CA ASP A 251 -11.94 23.46 -30.19
C ASP A 251 -10.69 23.63 -29.32
N PHE A 252 -10.49 24.85 -28.82
CA PHE A 252 -9.37 25.13 -27.94
C PHE A 252 -9.43 24.25 -26.71
N THR A 253 -10.56 24.30 -26.01
CA THR A 253 -10.75 23.52 -24.79
C THR A 253 -10.51 22.04 -25.01
N ASP A 254 -11.03 21.51 -26.11
CA ASP A 254 -10.90 20.09 -26.40
C ASP A 254 -9.44 19.74 -26.72
N PHE A 255 -8.80 20.56 -27.53
CA PHE A 255 -7.41 20.33 -27.90
C PHE A 255 -6.55 20.16 -26.66
N VAL A 256 -6.71 21.07 -25.70
CA VAL A 256 -5.98 21.01 -24.45
C VAL A 256 -6.23 19.69 -23.72
N LYS A 257 -7.50 19.29 -23.66
CA LYS A 257 -7.87 18.04 -23.00
C LYS A 257 -7.13 16.85 -23.62
N LYS A 258 -6.93 16.89 -24.93
CA LYS A 258 -6.28 15.79 -25.64
C LYS A 258 -4.79 15.71 -25.35
N CYS A 259 -4.19 16.85 -25.02
CA CYS A 259 -2.77 16.89 -24.69
C CYS A 259 -2.55 16.46 -23.25
N LEU A 260 -3.29 17.06 -22.34
CA LEU A 260 -3.16 16.74 -20.92
C LEU A 260 -3.89 15.43 -20.59
N VAL A 261 -3.35 14.33 -21.12
CA VAL A 261 -3.86 13.00 -20.80
C VAL A 261 -2.82 12.27 -19.97
N LYS A 262 -3.14 12.00 -18.71
CA LYS A 262 -2.17 11.42 -17.77
C LYS A 262 -1.59 10.12 -18.29
N ASN A 263 -2.41 9.31 -18.96
CA ASN A 263 -1.91 8.09 -19.58
C ASN A 263 -1.10 8.41 -20.84
N PRO A 264 0.22 8.14 -20.80
CA PRO A 264 1.07 8.45 -21.95
C PRO A 264 0.75 7.64 -23.20
N GLU A 265 0.03 6.53 -23.03
CA GLU A 265 -0.36 5.69 -24.16
C GLU A 265 -1.68 6.16 -24.77
N GLN A 266 -2.40 7.01 -24.05
CA GLN A 266 -3.64 7.59 -24.56
C GLN A 266 -3.47 9.08 -24.85
N ARG A 267 -2.22 9.52 -24.98
CA ARG A 267 -1.95 10.92 -25.25
C ARG A 267 -1.63 11.11 -26.73
N ALA A 268 -2.35 12.04 -27.36
CA ALA A 268 -2.19 12.30 -28.79
C ALA A 268 -0.74 12.61 -29.15
N THR A 269 -0.33 12.15 -30.33
CA THR A 269 1.01 12.45 -30.82
C THR A 269 1.01 13.78 -31.58
N ALA A 270 2.21 14.26 -31.91
CA ALA A 270 2.35 15.51 -32.64
C ALA A 270 1.70 15.40 -34.01
N THR A 271 1.88 14.26 -34.65
CA THR A 271 1.31 14.01 -35.96
C THR A 271 -0.21 14.17 -35.93
N GLN A 272 -0.83 13.73 -34.83
CA GLN A 272 -2.27 13.74 -34.69
C GLN A 272 -2.83 15.09 -34.28
N LEU A 273 -2.12 15.78 -33.38
CA LEU A 273 -2.58 17.09 -32.90
C LEU A 273 -2.61 18.12 -34.02
N LEU A 274 -1.92 17.85 -35.12
CA LEU A 274 -1.94 18.73 -36.28
C LEU A 274 -3.26 18.59 -37.05
N GLN A 275 -4.00 17.53 -36.75
CA GLN A 275 -5.26 17.25 -37.43
C GLN A 275 -6.44 17.85 -36.68
N HIS A 276 -6.19 18.32 -35.45
CA HIS A 276 -7.26 18.84 -34.61
C HIS A 276 -7.76 20.19 -35.16
N PRO A 277 -9.09 20.38 -35.18
CA PRO A 277 -9.72 21.59 -35.73
C PRO A 277 -9.03 22.88 -35.32
N PHE A 278 -8.92 23.11 -34.02
CA PHE A 278 -8.24 24.29 -33.48
C PHE A 278 -7.00 24.65 -34.30
N ILE A 279 -6.25 23.62 -34.71
CA ILE A 279 -5.00 23.81 -35.44
C ILE A 279 -5.21 23.84 -36.94
N LYS A 280 -5.93 22.85 -37.47
CA LYS A 280 -6.18 22.75 -38.90
C LYS A 280 -6.83 24.01 -39.44
N ASN A 281 -7.67 24.63 -38.60
CA ASN A 281 -8.35 25.86 -38.97
C ASN A 281 -7.62 27.09 -38.42
N ALA A 282 -6.30 27.00 -38.38
CA ALA A 282 -5.48 28.10 -37.86
C ALA A 282 -5.21 29.13 -38.95
N LYS A 283 -5.03 30.39 -38.53
CA LYS A 283 -4.79 31.48 -39.44
C LYS A 283 -3.35 31.48 -39.90
N PRO A 284 -3.03 32.24 -40.96
CA PRO A 284 -1.63 32.40 -41.38
C PRO A 284 -0.79 33.11 -40.34
N VAL A 285 0.54 33.03 -40.48
CA VAL A 285 1.45 33.63 -39.51
C VAL A 285 1.34 35.15 -39.51
N SER A 286 0.61 35.69 -40.48
CA SER A 286 0.44 37.13 -40.60
C SER A 286 -0.36 37.72 -39.44
N ILE A 287 -1.13 36.89 -38.76
CA ILE A 287 -1.92 37.37 -37.63
C ILE A 287 -1.03 37.67 -36.42
N LEU A 288 0.17 37.10 -36.43
CA LEU A 288 1.17 37.38 -35.40
C LEU A 288 1.88 38.69 -35.70
N ARG A 289 1.86 39.08 -36.97
CA ARG A 289 2.51 40.31 -37.43
C ARG A 289 2.19 41.49 -36.53
N ASP A 290 0.91 41.61 -36.14
CA ASP A 290 0.46 42.75 -35.34
C ASP A 290 0.92 42.65 -33.89
N LEU A 291 0.79 41.47 -33.29
CA LEU A 291 1.20 41.29 -31.90
C LEU A 291 2.72 41.32 -31.80
N ILE A 292 3.40 41.05 -32.91
CA ILE A 292 4.85 41.05 -32.96
C ILE A 292 5.40 42.46 -33.08
N THR A 293 4.72 43.30 -33.85
CA THR A 293 5.14 44.68 -34.05
C THR A 293 5.05 45.47 -32.75
N GLU A 294 3.96 45.25 -32.02
CA GLU A 294 3.76 45.92 -30.74
C GLU A 294 4.87 45.53 -29.77
N ALA A 295 5.15 44.23 -29.69
CA ALA A 295 6.19 43.73 -28.81
C ALA A 295 7.55 44.33 -29.17
N MET A 296 7.91 44.28 -30.44
CA MET A 296 9.19 44.79 -30.90
C MET A 296 9.26 46.31 -30.75
N GLU A 297 8.13 46.98 -30.99
CA GLU A 297 8.07 48.43 -30.87
C GLU A 297 8.30 48.84 -29.42
N ILE A 298 7.59 48.21 -28.50
CA ILE A 298 7.78 48.45 -27.08
C ILE A 298 9.22 48.13 -26.69
N LYS A 299 9.78 47.12 -27.33
CA LYS A 299 11.16 46.72 -27.08
C LYS A 299 12.09 47.87 -27.45
N ALA A 300 11.74 48.60 -28.50
CA ALA A 300 12.51 49.74 -28.95
C ALA A 300 12.26 50.95 -28.05
N LYS A 301 11.00 51.18 -27.70
CA LYS A 301 10.63 52.30 -26.85
C LYS A 301 11.35 52.20 -25.50
N ARG A 302 11.42 50.99 -24.97
CA ARG A 302 12.15 50.76 -23.72
C ARG A 302 13.63 51.01 -23.91
N HIS A 303 14.15 50.57 -25.06
CA HIS A 303 15.58 50.72 -25.36
C HIS A 303 15.99 52.19 -25.35
N GLU A 304 15.33 52.99 -26.18
CA GLU A 304 15.65 54.42 -26.27
C GLU A 304 15.32 55.14 -24.95
N GLU A 305 14.19 54.80 -24.36
CA GLU A 305 13.75 55.43 -23.12
C GLU A 305 14.76 55.18 -22.00
N GLN A 306 15.38 54.01 -22.04
CA GLN A 306 16.32 53.61 -20.99
C GLN A 306 17.73 54.11 -21.27
N GLN A 307 18.07 54.26 -22.55
CA GLN A 307 19.39 54.75 -22.93
C GLN A 307 19.51 56.24 -22.64
N ARG A 308 18.39 56.94 -22.70
CA ARG A 308 18.36 58.37 -22.39
C ARG A 308 18.39 58.60 -20.88
N GLU A 309 18.05 57.58 -20.12
CA GLU A 309 18.04 57.67 -18.66
C GLU A 309 19.42 57.41 -18.07
N LEU A 310 20.09 56.39 -18.58
CA LEU A 310 21.44 56.05 -18.11
C LEU A 310 22.47 57.08 -18.55
N GLU A 311 22.10 57.90 -19.52
CA GLU A 311 23.00 58.92 -20.06
C GLU A 311 22.81 60.27 -19.37
N GLU A 312 21.71 60.41 -18.64
CA GLU A 312 21.37 61.69 -18.03
C GLU A 312 21.85 61.82 -16.58
N GLU A 313 21.31 60.99 -15.70
CA GLU A 313 21.59 61.13 -14.26
C GLU A 313 22.89 60.45 -13.84
N GLU A 314 23.82 60.30 -14.77
CA GLU A 314 25.12 59.72 -14.44
C GLU A 314 25.88 60.64 -13.48
N PHE A 324 35.36 47.92 -22.22
CA PHE A 324 36.46 48.30 -23.10
C PHE A 324 35.97 48.48 -24.53
N ASP A 325 34.77 49.02 -24.68
CA ASP A 325 34.19 49.25 -26.00
C ASP A 325 33.55 50.63 -26.07
N PHE A 326 32.73 50.94 -25.09
CA PHE A 326 32.06 52.24 -25.03
C PHE A 326 33.07 53.39 -25.06
N LEU A 327 34.24 53.17 -24.48
CA LEU A 327 35.28 54.20 -24.44
C LEU A 327 35.91 54.40 -25.82
N LYS A 328 35.99 53.33 -26.60
CA LYS A 328 36.51 53.41 -27.95
C LYS A 328 35.46 54.04 -28.87
N ASN A 329 34.20 53.95 -28.46
CA ASN A 329 33.09 54.50 -29.23
C ASN A 329 32.57 55.81 -28.62
N LEU A 330 33.28 56.34 -27.63
CA LEU A 330 32.84 57.55 -26.94
C LEU A 330 33.57 58.79 -27.45
N SER A 331 32.96 59.95 -27.27
CA SER A 331 33.54 61.21 -27.70
C SER A 331 34.47 61.77 -26.64
N LEU A 332 35.29 62.74 -27.03
CA LEU A 332 36.29 63.31 -26.13
C LEU A 332 35.67 64.07 -24.95
N GLU A 333 34.59 64.80 -25.22
CA GLU A 333 34.00 65.67 -24.19
C GLU A 333 33.04 64.93 -23.27
N GLU A 334 32.48 63.82 -23.74
CA GLU A 334 31.65 62.98 -22.89
C GLU A 334 32.49 61.96 -22.14
N LEU A 335 33.78 61.92 -22.47
CA LEU A 335 34.71 61.03 -21.81
C LEU A 335 35.49 61.78 -20.73
N GLN A 336 35.67 63.08 -20.94
CA GLN A 336 36.38 63.92 -19.99
C GLN A 336 35.50 64.33 -18.83
N MET A 337 34.19 64.41 -19.06
CA MET A 337 33.27 64.91 -18.04
C MET A 337 32.77 63.80 -17.11
N ARG A 338 32.83 62.55 -17.58
CA ARG A 338 32.51 61.42 -16.73
C ARG A 338 33.65 61.19 -15.74
N LEU A 339 34.88 61.33 -16.23
CA LEU A 339 36.07 61.18 -15.40
C LEU A 339 36.07 62.20 -14.28
N LYS A 340 35.56 63.40 -14.58
CA LYS A 340 35.49 64.47 -13.59
C LYS A 340 34.35 64.25 -12.61
N ALA A 341 33.27 63.66 -13.08
CA ALA A 341 32.11 63.35 -12.24
C ALA A 341 32.20 61.93 -11.73
N LEU A 342 33.42 61.41 -11.59
CA LEU A 342 33.63 60.04 -11.16
C LEU A 342 33.67 59.95 -9.64
N ASP A 343 34.31 60.92 -8.99
CA ASP A 343 34.44 60.91 -7.55
C ASP A 343 33.09 61.10 -6.85
N PRO A 344 32.27 62.04 -7.34
CA PRO A 344 30.93 62.22 -6.77
C PRO A 344 30.10 60.94 -6.78
N MET A 345 30.41 60.03 -7.70
CA MET A 345 29.71 58.75 -7.78
C MET A 345 30.19 57.77 -6.72
N MET A 346 31.33 58.06 -6.11
CA MET A 346 31.90 57.17 -5.10
C MET A 346 31.37 57.52 -3.71
N GLU A 347 31.24 58.82 -3.43
CA GLU A 347 30.73 59.27 -2.14
C GLU A 347 29.29 58.82 -1.93
N ARG A 348 28.59 58.56 -3.03
CA ARG A 348 27.21 58.08 -2.94
C ARG A 348 27.16 56.55 -3.01
N GLU A 349 28.24 55.95 -3.50
CA GLU A 349 28.31 54.50 -3.66
C GLU A 349 28.71 53.81 -2.36
N ILE A 350 29.61 54.44 -1.61
CA ILE A 350 30.12 53.85 -0.38
C ILE A 350 29.44 54.41 0.87
N GLU A 351 28.70 55.51 0.71
CA GLU A 351 27.91 56.05 1.80
C GLU A 351 26.63 55.23 1.96
N GLU A 352 26.25 54.55 0.88
CA GLU A 352 25.12 53.63 0.92
C GLU A 352 25.54 52.34 1.60
N LEU A 353 26.80 51.96 1.39
CA LEU A 353 27.35 50.77 2.00
C LEU A 353 27.50 50.95 3.50
N ARG A 354 27.80 52.17 3.92
CA ARG A 354 27.93 52.49 5.34
C ARG A 354 26.56 52.51 6.02
N GLN A 355 25.52 52.79 5.25
CA GLN A 355 24.16 52.77 5.78
C GLN A 355 23.61 51.36 5.85
N ARG A 356 24.03 50.50 4.93
CA ARG A 356 23.58 49.12 4.88
C ARG A 356 24.15 48.31 6.05
N TYR A 357 25.37 48.63 6.45
CA TYR A 357 26.05 47.89 7.49
C TYR A 357 25.81 48.45 8.88
N THR A 358 25.27 49.67 8.94
CA THR A 358 24.79 50.21 10.21
C THR A 358 23.45 49.55 10.53
N ALA A 359 22.74 49.13 9.48
CA ALA A 359 21.48 48.43 9.64
C ALA A 359 21.72 46.99 10.06
N LYS A 360 22.72 46.36 9.47
CA LYS A 360 23.07 44.97 9.81
C LYS A 360 23.58 44.86 11.25
N ARG A 361 24.25 45.91 11.72
CA ARG A 361 24.80 45.91 13.07
C ARG A 361 23.86 46.56 14.08
N GLN A 362 22.74 47.08 13.62
CA GLN A 362 21.78 47.74 14.50
C GLN A 362 21.24 46.76 15.55
N PRO A 363 20.87 45.54 15.11
CA PRO A 363 20.40 44.53 16.06
C PRO A 363 21.47 44.17 17.09
N ILE A 364 22.68 43.88 16.60
CA ILE A 364 23.78 43.44 17.46
C ILE A 364 24.09 44.48 18.52
N LEU A 365 23.89 45.76 18.18
CA LEU A 365 24.17 46.85 19.11
C LEU A 365 23.01 47.05 20.08
N ASP A 366 21.80 46.80 19.60
CA ASP A 366 20.62 46.91 20.45
C ASP A 366 20.63 45.78 21.49
N ALA A 367 21.18 44.64 21.10
CA ALA A 367 21.29 43.51 22.00
C ALA A 367 22.37 43.76 23.05
N MET A 368 23.53 44.24 22.58
CA MET A 368 24.62 44.57 23.48
C MET A 368 24.18 45.67 24.45
N ASP A 369 23.27 46.52 24.01
CA ASP A 369 22.73 47.56 24.88
C ASP A 369 22.06 46.93 26.09
N ALA A 370 21.21 45.93 25.85
CA ALA A 370 20.50 45.26 26.93
C ALA A 370 21.48 44.58 27.88
N LYS A 371 22.43 43.84 27.32
CA LYS A 371 23.40 43.10 28.13
C LYS A 371 24.28 44.03 28.96
N LYS A 372 24.47 45.26 28.49
CA LYS A 372 25.24 46.25 29.24
C LYS A 372 24.40 46.88 30.35
N ARG A 373 23.09 46.64 30.31
CA ARG A 373 22.18 47.15 31.33
C ARG A 373 21.92 46.13 32.43
N ARG A 374 22.12 44.85 32.10
CA ARG A 374 21.81 43.77 33.05
C ARG A 374 22.92 43.56 34.07
N GLN A 375 24.17 43.48 33.60
CA GLN A 375 25.30 43.32 34.51
C GLN A 375 25.44 44.53 35.41
N LYS B 11 30.72 17.31 33.13
CA LYS B 11 30.27 18.26 32.13
C LYS B 11 30.89 19.64 32.34
N LEU B 12 31.60 20.12 31.32
CA LEU B 12 32.00 21.52 31.25
C LEU B 12 30.79 22.29 30.73
N LYS B 13 30.58 23.50 31.23
CA LYS B 13 29.42 24.29 30.85
C LYS B 13 29.80 25.69 30.37
N LYS B 14 28.83 26.43 29.86
CA LYS B 14 29.07 27.68 29.13
C LYS B 14 30.36 28.39 29.54
N LEU B 15 31.17 28.72 28.54
CA LEU B 15 32.47 29.34 28.77
C LEU B 15 32.35 30.72 29.40
N SER B 16 33.19 30.96 30.42
CA SER B 16 33.22 32.24 31.11
C SER B 16 33.36 33.39 30.12
N GLU B 17 32.74 34.51 30.43
CA GLU B 17 32.78 35.68 29.56
C GLU B 17 34.22 36.16 29.36
N ASP B 18 35.08 35.86 30.32
CA ASP B 18 36.48 36.27 30.24
C ASP B 18 37.27 35.40 29.28
N SER B 19 37.05 34.09 29.34
CA SER B 19 37.77 33.15 28.51
C SER B 19 37.34 33.27 27.04
N LEU B 20 36.24 33.96 26.80
CA LEU B 20 35.74 34.16 25.44
C LEU B 20 36.46 35.31 24.74
N THR B 21 37.11 36.18 25.51
CA THR B 21 37.87 37.29 24.93
C THR B 21 39.27 36.84 24.52
N LYS B 22 39.83 35.89 25.27
CA LYS B 22 41.15 35.36 24.97
C LYS B 22 41.12 34.65 23.61
N GLN B 23 42.27 34.58 22.95
CA GLN B 23 42.36 33.88 21.67
C GLN B 23 42.19 32.38 21.90
N PRO B 24 41.44 31.70 21.03
CA PRO B 24 41.08 30.29 21.18
C PRO B 24 42.26 29.38 21.53
N GLU B 25 43.35 29.47 20.78
CA GLU B 25 44.50 28.58 21.02
C GLU B 25 45.03 28.69 22.45
N GLU B 26 44.76 29.81 23.11
CA GLU B 26 45.19 30.02 24.49
C GLU B 26 44.32 29.22 25.46
N VAL B 27 43.07 28.97 25.06
CA VAL B 27 42.12 28.29 25.91
C VAL B 27 42.03 26.80 25.58
N PHE B 28 42.27 26.44 24.32
CA PHE B 28 42.12 25.05 23.88
C PHE B 28 43.39 24.48 23.25
N ASP B 29 43.58 23.19 23.42
CA ASP B 29 44.56 22.43 22.64
C ASP B 29 43.81 21.66 21.57
N VAL B 30 44.12 21.93 20.31
CA VAL B 30 43.43 21.29 19.19
C VAL B 30 44.14 20.00 18.76
N LEU B 31 43.42 18.89 18.84
CA LEU B 31 44.00 17.59 18.48
C LEU B 31 43.53 17.15 17.09
N GLU B 32 43.43 15.84 16.87
CA GLU B 32 43.13 15.31 15.54
C GLU B 32 41.84 15.84 14.94
N LYS B 33 41.78 15.80 13.61
CA LYS B 33 40.58 16.18 12.87
C LYS B 33 39.57 15.03 12.91
N LEU B 34 38.31 15.35 13.16
CA LEU B 34 37.27 14.33 13.32
C LEU B 34 36.45 14.13 12.04
N GLY B 35 36.75 14.92 11.02
CA GLY B 35 36.04 14.83 9.76
C GLY B 35 35.54 16.19 9.32
N GLU B 36 34.51 16.20 8.50
CA GLU B 36 33.94 17.45 8.00
C GLU B 36 32.67 17.19 7.21
N GLY B 37 32.02 18.27 6.80
CA GLY B 37 30.77 18.17 6.07
C GLY B 37 30.67 19.19 4.96
N SER B 38 29.78 20.17 5.15
CA SER B 38 29.49 21.15 4.11
C SER B 38 29.80 22.58 4.54
N TYR B 39 29.93 22.80 5.84
CA TYR B 39 30.09 24.15 6.36
C TYR B 39 31.41 24.33 7.10
N GLY B 40 32.22 23.28 7.15
CA GLY B 40 33.50 23.37 7.84
C GLY B 40 33.94 22.04 8.43
N SER B 41 35.07 22.07 9.14
CA SER B 41 35.62 20.87 9.75
C SER B 41 35.38 20.86 11.26
N VAL B 42 35.24 19.67 11.83
CA VAL B 42 35.13 19.51 13.27
C VAL B 42 36.45 18.96 13.82
N PHE B 43 36.83 19.43 15.01
CA PHE B 43 38.08 19.00 15.62
C PHE B 43 37.88 18.55 17.06
N LYS B 44 38.77 17.66 17.52
CA LYS B 44 38.80 17.26 18.91
C LYS B 44 39.78 18.17 19.63
N ALA B 45 39.30 18.89 20.64
CA ALA B 45 40.14 19.84 21.36
C ALA B 45 39.97 19.70 22.86
N ILE B 46 40.89 20.29 23.61
CA ILE B 46 40.91 20.15 25.07
C ILE B 46 40.90 21.49 25.78
N HIS B 47 39.93 21.67 26.68
CA HIS B 47 39.88 22.86 27.51
C HIS B 47 41.02 22.81 28.51
N LYS B 48 42.05 23.63 28.28
CA LYS B 48 43.29 23.56 29.05
C LYS B 48 43.07 23.58 30.55
N GLU B 49 42.17 24.45 31.02
CA GLU B 49 41.90 24.58 32.45
C GLU B 49 41.31 23.31 33.04
N SER B 50 40.35 22.71 32.33
CA SER B 50 39.59 21.59 32.87
C SER B 50 40.03 20.23 32.34
N GLY B 51 40.87 20.23 31.32
CA GLY B 51 41.26 18.99 30.66
C GLY B 51 40.06 18.27 30.07
N GLN B 52 38.94 18.99 29.96
CA GLN B 52 37.71 18.42 29.43
C GLN B 52 37.77 18.41 27.91
N VAL B 53 37.51 17.26 27.29
CA VAL B 53 37.54 17.15 25.84
C VAL B 53 36.28 17.77 25.22
N VAL B 54 36.47 18.55 24.16
CA VAL B 54 35.36 19.19 23.46
C VAL B 54 35.55 19.07 21.96
N ALA B 55 34.51 19.41 21.20
CA ALA B 55 34.60 19.44 19.75
C ALA B 55 34.53 20.88 19.28
N ILE B 56 35.32 21.21 18.26
CA ILE B 56 35.34 22.57 17.72
C ILE B 56 35.15 22.56 16.21
N LYS B 57 34.02 23.09 15.77
CA LYS B 57 33.71 23.21 14.35
C LYS B 57 34.27 24.53 13.85
N GLN B 58 35.07 24.46 12.79
CA GLN B 58 35.61 25.67 12.17
C GLN B 58 34.88 25.94 10.85
N VAL B 59 34.15 27.06 10.81
CA VAL B 59 33.39 27.42 9.62
C VAL B 59 33.83 28.78 9.10
N PRO B 60 34.16 28.85 7.79
CA PRO B 60 34.53 30.13 7.19
C PRO B 60 33.39 31.15 7.26
N VAL B 61 33.73 32.41 7.51
CA VAL B 61 32.73 33.47 7.65
C VAL B 61 32.18 33.91 6.30
N GLU B 62 32.98 33.73 5.25
CA GLU B 62 32.59 34.15 3.91
C GLU B 62 31.21 33.63 3.51
N SER B 63 31.00 32.33 3.69
CA SER B 63 29.81 31.67 3.17
C SER B 63 28.60 31.81 4.10
N ASP B 64 27.76 32.79 3.80
CA ASP B 64 26.50 32.99 4.52
C ASP B 64 26.62 32.71 6.01
N LEU B 65 27.20 33.64 6.75
CA LEU B 65 27.29 33.51 8.20
C LEU B 65 25.90 33.53 8.82
N GLN B 66 25.05 34.44 8.33
CA GLN B 66 23.74 34.65 8.93
C GLN B 66 22.95 33.35 9.07
N GLU B 67 23.22 32.40 8.18
CA GLU B 67 22.53 31.10 8.25
C GLU B 67 23.11 30.27 9.38
N ILE B 68 24.44 30.22 9.46
CA ILE B 68 25.13 29.51 10.53
C ILE B 68 24.78 30.12 11.89
N ILE B 69 24.75 31.44 11.94
CA ILE B 69 24.52 32.15 13.19
C ILE B 69 23.08 31.96 13.68
N LYS B 70 22.14 31.91 12.74
CA LYS B 70 20.76 31.63 13.07
C LYS B 70 20.69 30.25 13.69
N GLU B 71 21.53 29.35 13.19
CA GLU B 71 21.55 27.97 13.66
C GLU B 71 22.16 27.86 15.06
N ILE B 72 23.31 28.51 15.25
CA ILE B 72 23.97 28.52 16.55
C ILE B 72 23.02 28.96 17.66
N SER B 73 22.30 30.06 17.41
CA SER B 73 21.39 30.61 18.41
C SER B 73 20.34 29.58 18.85
N ILE B 74 20.03 28.64 17.96
CA ILE B 74 19.10 27.56 18.29
C ILE B 74 19.73 26.64 19.35
N MET B 75 20.95 26.21 19.09
CA MET B 75 21.63 25.27 19.97
C MET B 75 21.89 25.90 21.33
N GLN B 76 22.09 27.22 21.35
CA GLN B 76 22.45 27.90 22.59
C GLN B 76 21.25 28.13 23.50
N GLN B 77 20.05 28.17 22.93
CA GLN B 77 18.85 28.35 23.72
C GLN B 77 18.24 27.01 24.16
N CYS B 78 19.02 25.93 23.99
CA CYS B 78 18.62 24.62 24.49
C CYS B 78 19.57 24.18 25.59
N ASP B 79 19.00 23.70 26.70
CA ASP B 79 19.80 23.22 27.81
C ASP B 79 19.25 21.88 28.29
N SER B 80 19.69 20.80 27.65
CA SER B 80 19.21 19.47 27.96
C SER B 80 20.33 18.46 27.77
N PRO B 81 20.29 17.36 28.55
CA PRO B 81 21.27 16.27 28.39
C PRO B 81 20.99 15.42 27.16
N TYR B 82 19.97 15.79 26.38
CA TYR B 82 19.64 15.07 25.17
C TYR B 82 19.87 15.93 23.93
N VAL B 83 20.27 17.18 24.14
CA VAL B 83 20.59 18.09 23.05
C VAL B 83 22.02 18.58 23.22
N VAL B 84 22.85 18.33 22.20
CA VAL B 84 24.26 18.71 22.23
C VAL B 84 24.41 20.18 22.64
N LYS B 85 25.23 20.42 23.65
CA LYS B 85 25.38 21.76 24.21
C LYS B 85 26.43 22.60 23.47
N TYR B 86 26.16 23.89 23.38
CA TYR B 86 27.08 24.84 22.75
C TYR B 86 27.70 25.72 23.83
N TYR B 87 29.03 25.73 23.88
CA TYR B 87 29.75 26.42 24.94
C TYR B 87 30.01 27.89 24.60
N GLY B 88 30.41 28.14 23.35
CA GLY B 88 30.70 29.49 22.90
C GLY B 88 31.47 29.46 21.60
N SER B 89 31.79 30.65 21.08
CA SER B 89 32.51 30.75 19.81
C SER B 89 33.57 31.86 19.82
N TYR B 90 34.54 31.72 18.91
CA TYR B 90 35.58 32.73 18.72
C TYR B 90 35.69 33.07 17.24
N PHE B 91 36.12 34.29 16.94
CA PHE B 91 36.47 34.67 15.58
C PHE B 91 37.99 34.63 15.47
N LYS B 92 38.50 33.93 14.46
CA LYS B 92 39.94 33.74 14.34
C LYS B 92 40.35 33.35 12.92
N ASN B 93 41.17 34.19 12.30
CA ASN B 93 41.72 33.91 10.97
C ASN B 93 40.66 33.55 9.93
N THR B 94 39.71 34.45 9.72
CA THR B 94 38.65 34.26 8.73
C THR B 94 37.66 33.14 9.08
N ASP B 95 38.01 32.28 10.03
CA ASP B 95 37.13 31.18 10.43
C ASP B 95 36.42 31.50 11.74
N LEU B 96 35.20 31.00 11.86
CA LEU B 96 34.43 31.12 13.10
C LEU B 96 34.53 29.80 13.86
N TRP B 97 35.03 29.86 15.08
CA TRP B 97 35.23 28.66 15.89
C TRP B 97 34.06 28.37 16.81
N ILE B 98 33.37 27.26 16.57
CA ILE B 98 32.23 26.87 17.38
C ILE B 98 32.61 25.72 18.29
N VAL B 99 32.59 25.97 19.60
CA VAL B 99 32.96 24.96 20.58
C VAL B 99 31.72 24.25 21.10
N MET B 100 31.62 22.95 20.83
CA MET B 100 30.45 22.16 21.19
C MET B 100 30.79 21.08 22.20
N GLU B 101 29.76 20.38 22.67
CA GLU B 101 29.95 19.22 23.53
C GLU B 101 30.52 18.08 22.69
N TYR B 102 31.52 17.40 23.24
CA TYR B 102 32.17 16.30 22.52
C TYR B 102 31.42 14.99 22.71
N CYS B 103 30.72 14.57 21.67
CA CYS B 103 30.12 13.25 21.64
C CYS B 103 31.06 12.33 20.88
N GLY B 104 31.87 11.60 21.62
CA GLY B 104 33.01 10.90 21.07
C GLY B 104 32.70 9.78 20.08
N ALA B 105 31.55 9.14 20.23
CA ALA B 105 31.20 8.01 19.38
C ALA B 105 30.72 8.46 17.99
N GLY B 106 30.54 9.76 17.81
CA GLY B 106 30.05 10.29 16.55
C GLY B 106 28.54 10.14 16.44
N SER B 107 28.03 10.12 15.22
CA SER B 107 26.60 9.96 14.99
C SER B 107 26.23 8.49 14.78
N VAL B 108 24.96 8.16 15.02
CA VAL B 108 24.49 6.80 14.83
C VAL B 108 24.79 6.34 13.40
N SER B 109 24.67 7.27 12.46
CA SER B 109 25.03 7.00 11.07
C SER B 109 26.50 6.56 11.00
N ASP B 110 27.39 7.39 11.55
CA ASP B 110 28.82 7.12 11.52
C ASP B 110 29.16 5.75 12.11
N ILE B 111 28.57 5.43 13.25
CA ILE B 111 28.81 4.15 13.91
C ILE B 111 28.44 3.00 12.99
N ILE B 112 27.23 3.04 12.45
CA ILE B 112 26.75 1.99 11.56
C ILE B 112 27.65 1.88 10.35
N ARG B 113 28.16 3.02 9.88
CA ARG B 113 29.08 3.04 8.76
C ARG B 113 30.40 2.40 9.18
N LEU B 114 30.92 2.83 10.33
CA LEU B 114 32.23 2.41 10.81
C LEU B 114 32.32 0.90 11.00
N ARG B 115 31.43 0.34 11.80
CA ARG B 115 31.46 -1.08 12.12
C ARG B 115 31.01 -1.93 10.93
N ASN B 116 30.40 -1.29 9.94
CA ASN B 116 29.86 -2.00 8.79
C ASN B 116 28.79 -3.00 9.24
N LYS B 117 28.00 -2.59 10.23
CA LYS B 117 26.94 -3.43 10.77
C LYS B 117 25.79 -2.56 11.24
N THR B 118 24.57 -3.05 11.09
CA THR B 118 23.39 -2.33 11.55
C THR B 118 23.17 -2.61 13.04
N LEU B 119 22.31 -1.82 13.66
CA LEU B 119 22.07 -1.96 15.09
C LEU B 119 20.99 -2.99 15.38
N ILE B 120 21.15 -3.72 16.48
CA ILE B 120 20.16 -4.69 16.91
C ILE B 120 19.06 -3.99 17.70
N GLU B 121 17.98 -4.70 17.99
CA GLU B 121 16.81 -4.08 18.63
C GLU B 121 17.12 -3.44 19.98
N ASP B 122 17.87 -4.13 20.83
CA ASP B 122 18.22 -3.59 22.15
C ASP B 122 18.93 -2.24 21.99
N GLU B 123 20.07 -2.28 21.30
CA GLU B 123 20.83 -1.06 21.04
C GLU B 123 19.90 0.04 20.54
N ILE B 124 19.02 -0.31 19.60
CA ILE B 124 18.11 0.65 18.99
C ILE B 124 17.13 1.23 20.01
N ALA B 125 16.50 0.36 20.78
CA ALA B 125 15.50 0.81 21.75
C ALA B 125 16.12 1.78 22.75
N THR B 126 17.34 1.49 23.18
CA THR B 126 18.04 2.33 24.14
C THR B 126 18.34 3.72 23.58
N ILE B 127 18.88 3.75 22.36
CA ILE B 127 19.22 5.00 21.68
C ILE B 127 17.97 5.84 21.43
N LEU B 128 16.91 5.20 20.95
CA LEU B 128 15.67 5.91 20.63
C LEU B 128 15.00 6.47 21.88
N LYS B 129 15.21 5.82 23.02
CA LYS B 129 14.64 6.30 24.27
C LYS B 129 15.24 7.65 24.64
N SER B 130 16.56 7.78 24.44
CA SER B 130 17.23 9.04 24.71
C SER B 130 16.77 10.10 23.72
N THR B 131 16.63 9.69 22.45
CA THR B 131 16.19 10.60 21.40
C THR B 131 14.78 11.09 21.68
N LEU B 132 13.94 10.19 22.18
CA LEU B 132 12.55 10.52 22.49
C LEU B 132 12.47 11.53 23.63
N LYS B 133 13.28 11.31 24.67
CA LYS B 133 13.37 12.27 25.77
C LYS B 133 13.74 13.64 25.21
N GLY B 134 14.62 13.64 24.22
CA GLY B 134 15.05 14.87 23.58
C GLY B 134 13.93 15.54 22.83
N LEU B 135 13.25 14.79 21.96
CA LEU B 135 12.13 15.32 21.19
C LEU B 135 11.03 15.85 22.12
N GLU B 136 10.81 15.14 23.22
CA GLU B 136 9.85 15.57 24.22
C GLU B 136 10.22 16.97 24.74
N TYR B 137 11.49 17.14 25.10
CA TYR B 137 11.98 18.42 25.58
C TYR B 137 11.71 19.53 24.56
N LEU B 138 12.18 19.33 23.33
CA LEU B 138 11.96 20.31 22.26
C LEU B 138 10.48 20.62 22.12
N HIS B 139 9.67 19.57 22.01
CA HIS B 139 8.24 19.74 21.78
C HIS B 139 7.55 20.44 22.95
N PHE B 140 8.07 20.27 24.16
CA PHE B 140 7.50 20.93 25.33
C PHE B 140 7.80 22.43 25.30
N MET B 141 8.97 22.80 24.83
CA MET B 141 9.32 24.21 24.69
C MET B 141 8.76 24.75 23.39
N ARG B 142 7.86 24.00 22.78
CA ARG B 142 7.19 24.42 21.56
C ARG B 142 8.20 24.72 20.46
N LYS B 143 9.20 23.84 20.37
CA LYS B 143 10.19 23.90 19.29
C LYS B 143 10.10 22.63 18.45
N ILE B 144 10.74 22.66 17.28
CA ILE B 144 10.73 21.52 16.36
C ILE B 144 12.11 21.32 15.76
N HIS B 145 12.50 20.06 15.59
CA HIS B 145 13.82 19.75 15.03
C HIS B 145 13.85 19.93 13.51
N ARG B 146 12.77 19.50 12.84
CA ARG B 146 12.61 19.71 11.40
C ARG B 146 13.67 18.99 10.57
N ASN B 147 14.43 18.08 11.19
CA ASN B 147 15.56 17.48 10.50
C ASN B 147 16.15 16.29 11.25
N ILE B 148 15.29 15.39 11.72
CA ILE B 148 15.72 14.21 12.46
C ILE B 148 16.23 13.13 11.51
N LYS B 149 17.24 12.39 11.96
CA LYS B 149 17.82 11.31 11.18
C LYS B 149 19.04 10.76 11.92
N ALA B 150 19.43 9.53 11.61
CA ALA B 150 20.52 8.86 12.33
C ALA B 150 21.82 9.67 12.33
N GLY B 151 22.06 10.42 11.27
CA GLY B 151 23.27 11.22 11.16
C GLY B 151 23.28 12.42 12.09
N ASN B 152 22.11 12.80 12.59
CA ASN B 152 22.01 13.91 13.53
C ASN B 152 21.68 13.43 14.95
N ILE B 153 21.97 12.16 15.22
CA ILE B 153 21.88 11.65 16.59
C ILE B 153 23.29 11.27 17.03
N LEU B 154 23.85 12.07 17.93
CA LEU B 154 25.22 11.86 18.39
C LEU B 154 25.27 11.09 19.70
N LEU B 155 26.19 10.13 19.78
CA LEU B 155 26.44 9.37 21.00
C LEU B 155 27.76 9.81 21.62
N ASN B 156 27.74 10.12 22.92
CA ASN B 156 28.97 10.37 23.64
C ASN B 156 29.56 9.04 24.13
N THR B 157 30.63 9.10 24.90
CA THR B 157 31.34 7.90 25.31
C THR B 157 30.58 7.11 26.37
N GLU B 158 29.77 7.79 27.17
CA GLU B 158 29.00 7.11 28.21
C GLU B 158 27.75 6.44 27.63
N GLY B 159 27.38 6.82 26.42
CA GLY B 159 26.30 6.16 25.70
C GLY B 159 25.02 6.96 25.58
N HIS B 160 25.10 8.27 25.82
CA HIS B 160 23.91 9.12 25.72
C HIS B 160 23.76 9.73 24.32
N ALA B 161 22.66 9.40 23.67
CA ALA B 161 22.35 9.95 22.36
C ALA B 161 21.92 11.41 22.51
N LYS B 162 22.27 12.23 21.53
CA LYS B 162 21.99 13.67 21.61
C LYS B 162 21.60 14.25 20.26
N LEU B 163 20.63 15.15 20.27
CA LEU B 163 20.12 15.79 19.06
C LEU B 163 21.10 16.84 18.56
N ALA B 164 21.36 16.82 17.26
CA ALA B 164 22.31 17.75 16.65
C ALA B 164 21.80 18.27 15.32
N ASP B 165 22.49 19.28 14.78
CA ASP B 165 22.17 19.86 13.48
C ASP B 165 20.67 20.09 13.30
N PHE B 166 20.12 20.95 14.14
CA PHE B 166 18.70 21.31 14.05
C PHE B 166 18.40 22.00 12.72
N GLY B 167 17.16 21.85 12.26
CA GLY B 167 16.67 22.63 11.14
C GLY B 167 16.08 23.92 11.66
N VAL B 168 15.93 24.92 10.78
CA VAL B 168 15.46 26.23 11.20
C VAL B 168 14.12 26.59 10.56
N ALA B 169 13.30 27.31 11.30
CA ALA B 169 11.95 27.67 10.85
C ALA B 169 11.98 28.36 9.50
N GLY B 170 11.09 27.92 8.61
CA GLY B 170 10.97 28.52 7.28
C GLY B 170 12.05 28.07 6.34
N GLN B 171 12.77 27.01 6.69
CA GLN B 171 13.86 26.53 5.84
C GLN B 171 13.33 25.94 4.53
N LEU B 172 12.02 25.77 4.44
CA LEU B 172 11.39 25.30 3.20
C LEU B 172 10.90 26.48 2.35
N THR B 173 11.01 27.69 2.90
CA THR B 173 10.44 28.87 2.27
C THR B 173 11.47 29.98 1.99
N ASP B 174 12.69 29.81 2.47
CA ASP B 174 13.72 30.85 2.33
C ASP B 174 14.53 30.73 1.05
N THR B 175 13.88 31.03 -0.06
CA THR B 175 14.52 31.16 -1.37
C THR B 175 14.98 29.82 -1.98
N MET B 176 16.24 29.73 -2.40
CA MET B 176 16.64 28.69 -3.34
C MET B 176 17.89 27.92 -2.98
N ALA B 177 18.32 27.98 -1.72
CA ALA B 177 19.52 27.26 -1.31
C ALA B 177 19.18 26.15 -0.33
N LYS B 178 18.25 26.42 0.57
CA LYS B 178 17.78 25.41 1.51
C LYS B 178 16.40 24.92 1.09
N ARG B 179 16.00 25.27 -0.13
CA ARG B 179 14.75 24.80 -0.70
C ARG B 179 15.04 23.65 -1.66
N ASN B 180 16.28 23.59 -2.16
CA ASN B 180 16.69 22.55 -3.07
C ASN B 180 17.66 21.56 -2.44
N THR B 181 18.13 21.87 -1.23
CA THR B 181 19.03 20.98 -0.51
C THR B 181 18.21 20.05 0.37
N VAL B 182 17.18 20.59 1.00
CA VAL B 182 16.26 19.81 1.81
C VAL B 182 15.47 18.87 0.91
N ILE B 183 15.05 19.39 -0.23
CA ILE B 183 14.24 18.63 -1.19
C ILE B 183 15.07 17.61 -1.95
N GLY B 184 16.38 17.83 -2.01
CA GLY B 184 17.28 16.87 -2.64
C GLY B 184 17.30 15.55 -1.88
N THR B 185 16.87 15.59 -0.61
CA THR B 185 16.85 14.40 0.23
C THR B 185 15.63 14.44 1.16
N PRO B 186 14.48 14.00 0.65
CA PRO B 186 13.20 14.09 1.37
C PRO B 186 12.79 12.79 2.04
N PHE B 187 13.72 11.85 2.17
CA PHE B 187 13.39 10.51 2.62
C PHE B 187 12.84 10.46 4.05
N TRP B 188 13.34 11.35 4.91
CA TRP B 188 12.92 11.36 6.31
C TRP B 188 11.72 12.27 6.53
N MET B 189 11.26 12.93 5.46
CA MET B 189 10.16 13.88 5.59
C MET B 189 8.83 13.18 5.84
N ALA B 190 7.96 13.83 6.60
CA ALA B 190 6.62 13.32 6.86
C ALA B 190 5.71 13.70 5.68
N PRO B 191 4.60 12.96 5.52
CA PRO B 191 3.68 13.19 4.41
C PRO B 191 3.11 14.60 4.39
N GLU B 192 2.61 15.05 5.53
CA GLU B 192 1.97 16.36 5.61
C GLU B 192 2.96 17.50 5.41
N VAL B 193 4.25 17.21 5.58
CA VAL B 193 5.29 18.21 5.38
C VAL B 193 5.48 18.48 3.88
N ILE B 194 5.29 17.44 3.08
CA ILE B 194 5.36 17.55 1.63
C ILE B 194 4.12 18.25 1.08
N GLN B 195 2.98 18.02 1.73
CA GLN B 195 1.70 18.54 1.28
C GLN B 195 1.41 19.94 1.82
N GLU B 196 1.70 20.14 3.11
CA GLU B 196 1.44 21.43 3.75
C GLU B 196 2.60 22.41 3.55
N ILE B 197 3.73 21.90 3.10
CA ILE B 197 4.96 22.71 3.00
C ILE B 197 5.18 23.42 4.32
N GLY B 198 5.39 22.63 5.38
CA GLY B 198 5.58 23.18 6.71
C GLY B 198 5.66 22.07 7.75
N TYR B 199 6.17 22.42 8.93
CA TYR B 199 6.39 21.44 9.98
C TYR B 199 5.47 21.65 11.18
N ASN B 200 5.13 20.55 11.83
CA ASN B 200 4.52 20.59 13.15
C ASN B 200 5.23 19.60 14.06
N CYS B 201 4.95 19.67 15.37
CA CYS B 201 5.67 18.87 16.35
C CYS B 201 5.84 17.41 15.94
N VAL B 202 4.73 16.76 15.62
CA VAL B 202 4.76 15.31 15.36
C VAL B 202 5.45 14.93 14.05
N ALA B 203 5.88 15.92 13.27
CA ALA B 203 6.59 15.64 12.03
C ALA B 203 7.92 14.94 12.34
N ASP B 204 8.51 15.27 13.49
CA ASP B 204 9.75 14.63 13.91
C ASP B 204 9.51 13.16 14.27
N ILE B 205 8.33 12.88 14.83
CA ILE B 205 7.98 11.52 15.21
C ILE B 205 8.01 10.60 14.00
N TRP B 206 7.44 11.07 12.89
CA TRP B 206 7.52 10.35 11.63
C TRP B 206 8.98 10.07 11.30
N SER B 207 9.79 11.13 11.26
CA SER B 207 11.20 11.03 10.93
C SER B 207 11.86 9.99 11.82
N LEU B 208 11.52 10.01 13.12
CA LEU B 208 12.07 9.06 14.07
C LEU B 208 11.77 7.64 13.62
N GLY B 209 10.52 7.40 13.24
CA GLY B 209 10.14 6.10 12.71
C GLY B 209 11.04 5.68 11.57
N ILE B 210 11.19 6.57 10.60
CA ILE B 210 12.09 6.30 9.46
C ILE B 210 13.50 6.01 9.95
N THR B 211 13.96 6.80 10.92
CA THR B 211 15.30 6.62 11.46
C THR B 211 15.43 5.25 12.10
N SER B 212 14.36 4.79 12.75
CA SER B 212 14.34 3.46 13.36
C SER B 212 14.63 2.40 12.30
N ILE B 213 14.00 2.54 11.14
CA ILE B 213 14.25 1.63 10.03
C ILE B 213 15.68 1.81 9.53
N GLU B 214 16.13 3.06 9.45
CA GLU B 214 17.49 3.37 9.00
C GLU B 214 18.54 2.65 9.85
N MET B 215 18.34 2.66 11.17
CA MET B 215 19.26 1.98 12.08
C MET B 215 19.16 0.47 11.91
N ALA B 216 17.96 -0.01 11.64
CA ALA B 216 17.70 -1.45 11.57
C ALA B 216 18.20 -2.06 10.26
N GLU B 217 18.09 -1.31 9.18
CA GLU B 217 18.39 -1.85 7.85
C GLU B 217 19.54 -1.12 7.15
N GLY B 218 19.98 0.00 7.73
CA GLY B 218 21.13 0.71 7.20
C GLY B 218 20.76 1.96 6.42
N LYS B 219 19.65 1.90 5.70
CA LYS B 219 19.20 3.02 4.89
C LYS B 219 17.69 3.11 4.95
N PRO B 220 17.15 4.34 4.87
CA PRO B 220 15.69 4.51 4.96
C PRO B 220 14.99 4.00 3.70
N PRO B 221 13.68 3.78 3.78
CA PRO B 221 12.89 3.40 2.60
C PRO B 221 12.93 4.49 1.53
N TYR B 222 13.02 4.07 0.27
CA TYR B 222 13.10 4.98 -0.88
C TYR B 222 14.50 5.57 -1.04
N ALA B 223 15.43 5.15 -0.21
CA ALA B 223 16.77 5.74 -0.20
C ALA B 223 17.51 5.52 -1.52
N ASP B 224 17.15 4.47 -2.24
CA ASP B 224 17.83 4.14 -3.49
C ASP B 224 17.12 4.71 -4.71
N ILE B 225 15.97 5.33 -4.50
CA ILE B 225 15.17 5.87 -5.60
C ILE B 225 15.32 7.38 -5.71
N HIS B 226 15.21 7.87 -6.93
CA HIS B 226 15.32 9.30 -7.22
C HIS B 226 14.36 10.10 -6.34
N PRO B 227 14.82 11.26 -5.83
CA PRO B 227 14.06 12.11 -4.90
C PRO B 227 12.64 12.43 -5.35
N MET B 228 12.47 13.19 -6.43
CA MET B 228 11.14 13.68 -6.81
C MET B 228 10.11 12.55 -6.91
N ARG B 229 10.57 11.34 -7.25
CA ARG B 229 9.68 10.18 -7.25
C ARG B 229 9.35 9.78 -5.82
N ALA B 230 10.33 9.92 -4.93
CA ALA B 230 10.12 9.63 -3.52
C ALA B 230 9.21 10.67 -2.88
N ILE B 231 9.40 11.93 -3.25
CA ILE B 231 8.55 13.02 -2.75
C ILE B 231 7.09 12.74 -3.11
N PHE B 232 6.88 12.06 -4.22
CA PHE B 232 5.54 11.72 -4.68
C PHE B 232 5.01 10.47 -4.00
N MET B 233 5.91 9.52 -3.69
CA MET B 233 5.52 8.26 -3.07
C MET B 233 5.12 8.43 -1.61
N ILE B 234 5.89 9.24 -0.88
CA ILE B 234 5.75 9.35 0.56
C ILE B 234 4.33 9.69 1.03
N PRO B 235 3.71 10.72 0.43
CA PRO B 235 2.34 11.03 0.83
C PRO B 235 1.32 10.09 0.17
N THR B 236 1.75 9.37 -0.85
CA THR B 236 0.86 8.52 -1.64
C THR B 236 0.74 7.11 -1.06
N ASN B 237 1.87 6.41 -1.01
CA ASN B 237 1.89 5.01 -0.62
C ASN B 237 1.58 4.79 0.85
N PRO B 238 1.39 3.52 1.25
CA PRO B 238 1.15 3.23 2.65
C PRO B 238 2.45 3.35 3.43
N PRO B 239 2.37 3.61 4.75
CA PRO B 239 3.61 3.78 5.53
C PRO B 239 4.53 2.59 5.34
N PRO B 240 5.85 2.84 5.30
CA PRO B 240 6.83 1.78 5.04
C PRO B 240 6.98 0.79 6.20
N THR B 241 7.59 -0.35 5.90
CA THR B 241 7.87 -1.36 6.91
C THR B 241 9.27 -1.92 6.68
N PHE B 242 9.60 -3.01 7.35
CA PHE B 242 10.92 -3.60 7.19
C PHE B 242 10.96 -4.44 5.92
N ARG B 243 12.13 -4.48 5.28
CA ARG B 243 12.34 -5.30 4.10
C ARG B 243 12.26 -6.79 4.44
N LYS B 244 12.37 -7.10 5.74
CA LYS B 244 12.24 -8.47 6.24
C LYS B 244 11.64 -8.47 7.63
N PRO B 245 10.29 -8.39 7.72
CA PRO B 245 9.57 -8.21 8.98
C PRO B 245 9.69 -9.37 9.97
N GLU B 246 10.20 -10.52 9.52
CA GLU B 246 10.33 -11.68 10.40
C GLU B 246 11.52 -11.54 11.34
N LEU B 247 12.47 -10.69 10.97
CA LEU B 247 13.67 -10.47 11.77
C LEU B 247 13.41 -9.63 13.02
N TRP B 248 12.25 -9.00 13.09
CA TRP B 248 11.99 -8.00 14.12
C TRP B 248 10.85 -8.39 15.06
N SER B 249 10.85 -7.79 16.24
CA SER B 249 9.91 -8.16 17.30
C SER B 249 8.57 -7.45 17.19
N ASP B 250 7.57 -7.97 17.89
CA ASP B 250 6.26 -7.34 17.93
C ASP B 250 6.36 -5.91 18.46
N ASP B 251 7.04 -5.74 19.59
CA ASP B 251 7.21 -4.44 20.19
C ASP B 251 7.83 -3.46 19.20
N PHE B 252 9.00 -3.82 18.68
CA PHE B 252 9.70 -2.96 17.73
C PHE B 252 8.81 -2.64 16.54
N THR B 253 8.30 -3.70 15.91
CA THR B 253 7.46 -3.56 14.73
C THR B 253 6.29 -2.60 14.98
N ASP B 254 5.58 -2.81 16.09
CA ASP B 254 4.45 -1.95 16.43
C ASP B 254 4.91 -0.52 16.68
N PHE B 255 6.03 -0.36 17.38
CA PHE B 255 6.57 0.96 17.64
C PHE B 255 6.73 1.74 16.35
N VAL B 256 7.34 1.09 15.35
CA VAL B 256 7.54 1.70 14.05
C VAL B 256 6.20 2.04 13.40
N LYS B 257 5.20 1.23 13.68
CA LYS B 257 3.86 1.44 13.13
C LYS B 257 3.17 2.64 13.75
N LYS B 258 3.45 2.90 15.02
CA LYS B 258 2.82 4.01 15.73
C LYS B 258 3.39 5.36 15.27
N CYS B 259 4.65 5.36 14.86
CA CYS B 259 5.31 6.58 14.43
C CYS B 259 4.89 6.97 13.02
N LEU B 260 4.78 5.97 12.15
CA LEU B 260 4.51 6.21 10.74
C LEU B 260 3.01 6.23 10.45
N VAL B 261 2.27 6.98 11.26
CA VAL B 261 0.86 7.25 11.01
C VAL B 261 0.75 8.51 10.14
N LYS B 262 0.16 8.37 8.96
CA LYS B 262 0.14 9.46 7.98
C LYS B 262 -0.66 10.67 8.46
N ASN B 263 -1.73 10.43 9.20
CA ASN B 263 -2.49 11.53 9.81
C ASN B 263 -1.77 12.04 11.05
N PRO B 264 -1.31 13.31 11.02
CA PRO B 264 -0.59 13.87 12.17
C PRO B 264 -1.46 14.00 13.41
N GLU B 265 -2.78 13.89 13.25
CA GLU B 265 -3.69 13.95 14.38
C GLU B 265 -3.74 12.59 15.09
N GLN B 266 -3.50 11.53 14.32
CA GLN B 266 -3.51 10.18 14.85
C GLN B 266 -2.11 9.73 15.29
N ARG B 267 -1.10 10.50 14.91
CA ARG B 267 0.28 10.14 15.21
C ARG B 267 0.59 10.36 16.69
N ALA B 268 1.39 9.48 17.26
CA ALA B 268 1.73 9.53 18.68
C ALA B 268 2.67 10.69 19.01
N THR B 269 2.49 11.28 20.18
CA THR B 269 3.41 12.29 20.68
C THR B 269 4.61 11.59 21.33
N ALA B 270 5.72 12.32 21.46
CA ALA B 270 6.92 11.76 22.06
C ALA B 270 6.64 11.29 23.49
N THR B 271 5.86 12.09 24.21
CA THR B 271 5.51 11.76 25.59
C THR B 271 4.92 10.37 25.69
N GLN B 272 4.06 10.03 24.74
CA GLN B 272 3.38 8.75 24.73
C GLN B 272 4.32 7.62 24.30
N LEU B 273 5.10 7.86 23.26
CA LEU B 273 5.99 6.83 22.74
C LEU B 273 7.02 6.34 23.77
N LEU B 274 7.22 7.12 24.83
CA LEU B 274 8.11 6.70 25.91
C LEU B 274 7.45 5.60 26.75
N GLN B 275 6.14 5.45 26.63
CA GLN B 275 5.39 4.45 27.40
C GLN B 275 5.22 3.15 26.61
N HIS B 276 5.46 3.21 25.31
CA HIS B 276 5.38 2.03 24.46
C HIS B 276 6.41 1.01 24.92
N PRO B 277 5.99 -0.26 25.08
CA PRO B 277 6.87 -1.32 25.59
C PRO B 277 8.29 -1.29 25.02
N PHE B 278 8.40 -1.40 23.70
CA PHE B 278 9.70 -1.34 23.02
C PHE B 278 10.64 -0.32 23.67
N ILE B 279 10.07 0.79 24.15
CA ILE B 279 10.86 1.84 24.80
C ILE B 279 10.88 1.68 26.31
N LYS B 280 9.69 1.52 26.90
CA LYS B 280 9.56 1.40 28.34
C LYS B 280 10.41 0.26 28.89
N ASN B 281 10.76 -0.69 28.02
CA ASN B 281 11.56 -1.85 28.44
C ASN B 281 12.99 -1.83 27.88
N ALA B 282 13.43 -0.66 27.43
CA ALA B 282 14.77 -0.53 26.88
C ALA B 282 15.80 -0.74 27.99
N LYS B 283 16.95 -1.28 27.62
CA LYS B 283 18.03 -1.54 28.56
C LYS B 283 18.71 -0.22 28.96
N PRO B 284 19.50 -0.23 30.03
CA PRO B 284 20.28 0.95 30.40
C PRO B 284 21.36 1.26 29.37
N VAL B 285 21.80 2.51 29.30
CA VAL B 285 22.74 2.93 28.26
C VAL B 285 24.01 2.09 28.28
N SER B 286 24.29 1.46 29.41
CA SER B 286 25.52 0.68 29.59
C SER B 286 25.65 -0.48 28.59
N ILE B 287 24.54 -0.88 27.97
CA ILE B 287 24.59 -1.95 26.98
C ILE B 287 25.29 -1.47 25.70
N LEU B 288 25.43 -0.17 25.56
CA LEU B 288 26.04 0.40 24.37
C LEU B 288 27.57 0.48 24.48
N ARG B 289 28.10 0.15 25.66
CA ARG B 289 29.53 0.30 25.92
C ARG B 289 30.38 -0.50 24.93
N ASP B 290 29.88 -1.67 24.52
CA ASP B 290 30.62 -2.52 23.60
C ASP B 290 30.71 -1.91 22.20
N LEU B 291 29.59 -1.50 21.63
CA LEU B 291 29.59 -0.97 20.27
C LEU B 291 30.28 0.39 20.22
N ILE B 292 30.21 1.14 21.31
CA ILE B 292 30.87 2.43 21.38
C ILE B 292 32.39 2.26 21.40
N THR B 293 32.86 1.20 22.05
CA THR B 293 34.28 0.90 22.08
C THR B 293 34.75 0.48 20.69
N GLU B 294 33.96 -0.37 20.03
CA GLU B 294 34.27 -0.78 18.67
C GLU B 294 34.40 0.45 17.78
N ALA B 295 33.41 1.33 17.86
CA ALA B 295 33.33 2.52 17.02
C ALA B 295 34.59 3.38 17.15
N MET B 296 34.96 3.69 18.39
CA MET B 296 36.09 4.57 18.63
C MET B 296 37.42 3.86 18.37
N GLU B 297 37.44 2.55 18.58
CA GLU B 297 38.61 1.74 18.26
C GLU B 297 38.86 1.79 16.76
N ILE B 298 37.79 1.69 15.98
CA ILE B 298 37.89 1.74 14.53
C ILE B 298 38.27 3.15 14.06
N LYS B 299 37.62 4.15 14.64
CA LYS B 299 37.87 5.54 14.26
C LYS B 299 39.32 5.93 14.55
N ALA B 300 39.88 5.37 15.62
CA ALA B 300 41.26 5.61 15.97
C ALA B 300 42.19 4.87 15.01
N LYS B 301 41.91 3.59 14.78
CA LYS B 301 42.72 2.78 13.89
C LYS B 301 42.79 3.42 12.51
N ARG B 302 41.70 4.05 12.09
CA ARG B 302 41.67 4.73 10.80
C ARG B 302 42.63 5.91 10.78
N HIS B 303 42.58 6.72 11.83
CA HIS B 303 43.41 7.92 11.91
C HIS B 303 44.89 7.57 11.91
N GLU B 304 45.25 6.52 12.66
CA GLU B 304 46.64 6.07 12.72
C GLU B 304 47.10 5.58 11.35
N GLU B 305 46.27 4.78 10.68
CA GLU B 305 46.60 4.26 9.36
C GLU B 305 46.66 5.38 8.32
N GLN B 306 45.95 6.48 8.59
CA GLN B 306 45.86 7.57 7.64
C GLN B 306 47.01 8.56 7.79
N GLN B 307 47.46 8.78 9.02
CA GLN B 307 48.58 9.69 9.28
C GLN B 307 49.89 9.07 8.83
N ARG B 308 49.99 7.74 8.91
CA ARG B 308 51.16 7.02 8.41
C ARG B 308 51.19 7.06 6.88
N GLU B 309 50.00 7.18 6.28
CA GLU B 309 49.87 7.21 4.83
C GLU B 309 50.21 8.60 4.28
N LEU B 310 49.58 9.63 4.84
CA LEU B 310 49.80 11.00 4.40
C LEU B 310 51.23 11.42 4.69
N GLU B 311 51.79 10.92 5.78
CA GLU B 311 53.16 11.23 6.18
C GLU B 311 54.17 10.56 5.25
N GLU B 312 53.79 9.43 4.67
CA GLU B 312 54.71 8.63 3.88
C GLU B 312 54.73 9.02 2.41
N GLU B 313 53.59 9.45 1.88
CA GLU B 313 53.48 9.70 0.44
C GLU B 313 53.24 11.16 0.07
N GLU B 314 53.62 12.07 0.97
CA GLU B 314 53.50 13.49 0.68
C GLU B 314 54.50 13.92 -0.38
N LEU B 330 57.63 22.24 14.69
CA LEU B 330 58.26 21.94 13.40
C LEU B 330 59.04 20.64 13.45
N SER B 331 59.01 19.90 12.35
CA SER B 331 59.86 18.72 12.17
C SER B 331 61.09 19.14 11.37
N LEU B 332 62.10 19.66 12.07
CA LEU B 332 63.26 20.28 11.44
C LEU B 332 64.03 19.35 10.50
N GLU B 333 64.19 18.10 10.90
CA GLU B 333 65.03 17.17 10.13
C GLU B 333 64.53 17.00 8.69
N GLU B 334 63.26 17.34 8.45
CA GLU B 334 62.69 17.18 7.12
C GLU B 334 62.53 18.52 6.39
N LEU B 335 63.12 19.58 6.94
CA LEU B 335 63.17 20.87 6.25
C LEU B 335 64.38 20.92 5.33
N GLN B 336 65.40 20.11 5.67
CA GLN B 336 66.65 20.11 4.94
C GLN B 336 66.52 19.42 3.58
N MET B 337 65.72 18.36 3.52
CA MET B 337 65.69 17.50 2.34
C MET B 337 64.32 17.41 1.67
N ARG B 338 63.37 18.22 2.14
CA ARG B 338 62.09 18.37 1.42
C ARG B 338 62.15 19.59 0.51
N LEU B 339 63.01 20.55 0.85
CA LEU B 339 63.25 21.71 0.02
C LEU B 339 64.15 21.34 -1.16
N LYS B 340 65.09 20.43 -0.91
CA LYS B 340 65.98 19.94 -1.96
C LYS B 340 65.23 19.04 -2.92
N ALA B 341 64.30 18.25 -2.39
CA ALA B 341 63.50 17.34 -3.19
C ALA B 341 62.12 17.93 -3.46
N LEU B 342 62.07 19.24 -3.67
CA LEU B 342 60.81 19.94 -3.94
C LEU B 342 60.46 19.83 -5.42
N ASP B 343 61.47 19.86 -6.28
CA ASP B 343 61.27 19.78 -7.72
C ASP B 343 60.80 18.40 -8.18
N PRO B 344 61.42 17.34 -7.63
CA PRO B 344 61.00 15.97 -7.96
C PRO B 344 59.49 15.72 -7.79
N MET B 345 58.84 16.51 -6.96
CA MET B 345 57.40 16.37 -6.73
C MET B 345 56.58 17.18 -7.73
N MET B 346 57.21 18.15 -8.38
CA MET B 346 56.52 18.99 -9.35
C MET B 346 56.45 18.29 -10.71
N GLU B 347 57.51 17.55 -11.05
CA GLU B 347 57.55 16.85 -12.33
C GLU B 347 56.62 15.64 -12.37
N ARG B 348 56.13 15.23 -11.20
CA ARG B 348 55.14 14.16 -11.12
C ARG B 348 53.74 14.75 -10.96
N GLU B 349 53.67 16.06 -10.78
CA GLU B 349 52.40 16.75 -10.60
C GLU B 349 51.87 17.27 -11.93
N ILE B 350 52.76 17.79 -12.77
CA ILE B 350 52.36 18.40 -14.03
C ILE B 350 52.44 17.41 -15.20
N GLU B 351 53.14 16.30 -15.02
CA GLU B 351 53.14 15.24 -16.02
C GLU B 351 51.98 14.29 -15.78
N GLU B 352 51.33 14.43 -14.63
CA GLU B 352 50.09 13.72 -14.36
C GLU B 352 48.90 14.55 -14.83
N LEU B 353 49.12 15.84 -15.00
CA LEU B 353 48.08 16.74 -15.46
C LEU B 353 48.11 16.85 -16.99
N ARG B 354 49.29 16.64 -17.57
CA ARG B 354 49.45 16.72 -19.01
C ARG B 354 48.83 15.52 -19.73
N GLN B 355 49.03 14.32 -19.18
CA GLN B 355 48.48 13.10 -19.77
C GLN B 355 46.97 13.06 -19.61
N ARG B 356 46.47 13.73 -18.57
CA ARG B 356 45.04 13.77 -18.29
C ARG B 356 44.33 14.69 -19.28
N TYR B 357 45.03 15.74 -19.71
CA TYR B 357 44.47 16.68 -20.67
C TYR B 357 44.77 16.24 -22.10
N THR B 358 45.79 15.40 -22.26
CA THR B 358 46.03 14.73 -23.53
C THR B 358 44.99 13.63 -23.69
N ALA B 359 44.47 13.17 -22.55
CA ALA B 359 43.39 12.19 -22.54
C ALA B 359 42.05 12.88 -22.78
N LYS B 360 41.94 14.13 -22.33
CA LYS B 360 40.75 14.93 -22.58
C LYS B 360 40.63 15.27 -24.06
N ARG B 361 41.77 15.48 -24.71
CA ARG B 361 41.80 15.79 -26.13
C ARG B 361 41.88 14.51 -26.97
N GLN B 362 41.53 13.38 -26.36
CA GLN B 362 41.59 12.10 -27.05
C GLN B 362 40.40 11.92 -28.00
N PRO B 363 39.18 12.27 -27.55
CA PRO B 363 38.04 12.24 -28.46
C PRO B 363 38.09 13.34 -29.53
N ILE B 364 38.40 14.56 -29.12
CA ILE B 364 38.39 15.70 -30.03
C ILE B 364 39.38 15.53 -31.18
N LEU B 365 40.47 14.81 -30.93
CA LEU B 365 41.48 14.58 -31.95
C LEU B 365 41.12 13.40 -32.85
N ASP B 366 40.21 12.55 -32.39
CA ASP B 366 39.71 11.44 -33.20
C ASP B 366 38.82 11.95 -34.32
N ALA B 367 38.34 13.18 -34.18
CA ALA B 367 37.52 13.81 -35.21
C ALA B 367 38.38 14.26 -36.38
N MET B 368 39.58 14.75 -36.07
CA MET B 368 40.52 15.17 -37.10
C MET B 368 41.09 13.97 -37.86
N ASP B 369 40.98 12.78 -37.26
CA ASP B 369 41.44 11.56 -37.91
C ASP B 369 40.56 11.20 -39.11
N ALA B 370 39.26 11.42 -38.97
CA ALA B 370 38.31 11.07 -40.03
C ALA B 370 38.32 12.07 -41.17
N LYS B 371 38.41 13.36 -40.83
CA LYS B 371 38.38 14.42 -41.84
C LYS B 371 39.58 14.34 -42.79
N LYS B 372 40.69 13.79 -42.30
CA LYS B 372 41.87 13.61 -43.15
C LYS B 372 41.71 12.39 -44.07
N ARG B 373 40.79 11.50 -43.70
CA ARG B 373 40.53 10.30 -44.49
C ARG B 373 39.49 10.57 -45.59
N ARG B 374 38.62 11.54 -45.35
CA ARG B 374 37.56 11.86 -46.29
C ARG B 374 38.04 12.81 -47.39
N GLN B 375 38.92 13.73 -47.03
CA GLN B 375 39.47 14.66 -48.01
C GLN B 375 40.41 13.96 -48.97
N LYS C 13 -1.36 -51.02 24.21
CA LYS C 13 -1.72 -52.37 23.83
C LYS C 13 -2.58 -52.36 22.56
N LYS C 14 -1.93 -52.19 21.41
CA LYS C 14 -2.64 -52.19 20.13
C LYS C 14 -3.28 -53.54 19.90
N LEU C 15 -4.56 -53.54 19.55
CA LEU C 15 -5.33 -54.78 19.42
C LEU C 15 -4.62 -55.82 18.57
N SER C 16 -4.53 -57.03 19.10
CA SER C 16 -3.90 -58.14 18.40
C SER C 16 -4.61 -58.41 17.08
N GLU C 17 -3.86 -58.88 16.09
CA GLU C 17 -4.44 -59.17 14.78
C GLU C 17 -5.55 -60.20 14.90
N ASP C 18 -5.44 -61.08 15.89
CA ASP C 18 -6.45 -62.10 16.14
C ASP C 18 -7.73 -61.46 16.67
N SER C 19 -7.56 -60.51 17.60
CA SER C 19 -8.69 -59.82 18.21
C SER C 19 -9.37 -58.86 17.22
N LEU C 20 -8.71 -58.60 16.10
CA LEU C 20 -9.26 -57.72 15.07
C LEU C 20 -10.19 -58.47 14.12
N THR C 21 -10.12 -59.80 14.14
CA THR C 21 -10.96 -60.62 13.28
C THR C 21 -12.28 -60.97 13.96
N LYS C 22 -12.28 -61.01 15.28
CA LYS C 22 -13.49 -61.30 16.04
C LYS C 22 -14.49 -60.16 15.91
N GLN C 23 -15.74 -60.43 16.26
CA GLN C 23 -16.75 -59.39 16.37
C GLN C 23 -16.46 -58.56 17.62
N PRO C 24 -16.77 -57.25 17.57
CA PRO C 24 -16.48 -56.36 18.70
C PRO C 24 -17.17 -56.76 20.01
N GLU C 25 -18.44 -57.11 19.94
CA GLU C 25 -19.20 -57.46 21.15
C GLU C 25 -18.58 -58.64 21.90
N GLU C 26 -17.78 -59.43 21.20
CA GLU C 26 -17.20 -60.63 21.77
C GLU C 26 -15.87 -60.35 22.46
N VAL C 27 -15.34 -59.14 22.28
CA VAL C 27 -14.10 -58.74 22.92
C VAL C 27 -14.33 -57.68 23.99
N PHE C 28 -15.39 -56.90 23.83
CA PHE C 28 -15.69 -55.81 24.76
C PHE C 28 -17.16 -55.82 25.21
N ASP C 29 -17.38 -55.62 26.50
CA ASP C 29 -18.72 -55.42 27.03
C ASP C 29 -19.04 -53.94 27.06
N VAL C 30 -20.04 -53.52 26.28
CA VAL C 30 -20.35 -52.10 26.12
C VAL C 30 -21.25 -51.58 27.25
N LEU C 31 -20.91 -50.39 27.74
CA LEU C 31 -21.65 -49.76 28.83
C LEU C 31 -22.31 -48.45 28.36
N GLU C 32 -22.68 -47.59 29.31
CA GLU C 32 -23.35 -46.33 29.03
C GLU C 32 -22.82 -45.57 27.82
N LYS C 33 -23.63 -44.63 27.33
CA LYS C 33 -23.22 -43.74 26.24
C LYS C 33 -22.40 -42.58 26.77
N SER C 41 -21.84 -41.74 17.72
CA SER C 41 -22.02 -41.81 19.17
C SER C 41 -20.84 -42.50 19.84
N VAL C 42 -20.36 -41.90 20.92
CA VAL C 42 -19.26 -42.48 21.70
C VAL C 42 -19.82 -43.27 22.87
N PHE C 43 -19.22 -44.42 23.16
CA PHE C 43 -19.68 -45.29 24.23
C PHE C 43 -18.53 -45.78 25.09
N LYS C 44 -18.82 -45.98 26.38
CA LYS C 44 -17.87 -46.59 27.30
C LYS C 44 -17.97 -48.11 27.14
N ALA C 45 -16.83 -48.78 27.26
CA ALA C 45 -16.80 -50.24 27.14
C ALA C 45 -15.59 -50.79 27.89
N ILE C 46 -15.56 -52.11 28.07
CA ILE C 46 -14.47 -52.75 28.81
C ILE C 46 -13.88 -53.93 28.04
N HIS C 47 -12.55 -53.94 27.94
CA HIS C 47 -11.83 -55.02 27.29
C HIS C 47 -11.91 -56.27 28.15
N LYS C 48 -12.75 -57.21 27.74
CA LYS C 48 -13.02 -58.41 28.52
C LYS C 48 -11.74 -59.15 28.93
N GLU C 49 -10.75 -59.15 28.05
CA GLU C 49 -9.54 -59.94 28.26
C GLU C 49 -8.64 -59.42 29.38
N SER C 50 -8.34 -58.12 29.36
CA SER C 50 -7.43 -57.54 30.34
C SER C 50 -8.14 -56.65 31.36
N GLY C 51 -9.36 -56.25 31.05
CA GLY C 51 -10.15 -55.42 31.95
C GLY C 51 -9.96 -53.93 31.69
N GLN C 52 -9.08 -53.60 30.75
CA GLN C 52 -8.82 -52.20 30.41
C GLN C 52 -10.06 -51.55 29.85
N VAL C 53 -10.43 -50.39 30.40
CA VAL C 53 -11.59 -49.65 29.91
C VAL C 53 -11.23 -48.85 28.68
N VAL C 54 -12.06 -48.94 27.64
CA VAL C 54 -11.83 -48.20 26.41
C VAL C 54 -13.10 -47.52 25.93
N ALA C 55 -12.97 -46.65 24.93
CA ALA C 55 -14.10 -45.95 24.36
C ALA C 55 -14.30 -46.41 22.92
N ILE C 56 -15.55 -46.58 22.51
CA ILE C 56 -15.86 -47.04 21.16
C ILE C 56 -16.83 -46.09 20.46
N LYS C 57 -16.34 -45.48 19.38
CA LYS C 57 -17.13 -44.52 18.61
C LYS C 57 -17.85 -45.22 17.48
N GLN C 58 -19.19 -45.24 17.55
CA GLN C 58 -20.00 -45.86 16.51
C GLN C 58 -20.37 -44.85 15.44
N VAL C 59 -19.92 -45.11 14.21
CA VAL C 59 -20.13 -44.18 13.10
C VAL C 59 -20.82 -44.88 11.93
N PRO C 60 -21.84 -44.24 11.36
CA PRO C 60 -22.52 -44.80 10.19
C PRO C 60 -21.66 -44.71 8.92
N VAL C 61 -21.58 -45.81 8.18
CA VAL C 61 -20.70 -45.89 7.02
C VAL C 61 -21.13 -45.00 5.86
N GLU C 62 -22.41 -44.63 5.82
CA GLU C 62 -22.96 -43.87 4.71
C GLU C 62 -22.30 -42.51 4.49
N SER C 63 -22.12 -41.77 5.57
CA SER C 63 -21.69 -40.36 5.45
C SER C 63 -20.18 -40.16 5.47
N ASP C 64 -19.63 -39.90 4.29
CA ASP C 64 -18.24 -39.48 4.14
C ASP C 64 -17.29 -40.18 5.11
N LEU C 65 -16.93 -41.43 4.80
CA LEU C 65 -16.01 -42.18 5.65
C LEU C 65 -14.55 -41.79 5.38
N GLN C 66 -14.28 -41.28 4.19
CA GLN C 66 -12.91 -40.92 3.83
C GLN C 66 -12.30 -40.00 4.88
N GLU C 67 -13.10 -39.08 5.41
CA GLU C 67 -12.61 -38.12 6.39
C GLU C 67 -12.36 -38.79 7.73
N ILE C 68 -13.28 -39.65 8.15
CA ILE C 68 -13.13 -40.37 9.41
C ILE C 68 -11.94 -41.34 9.34
N ILE C 69 -11.78 -41.99 8.19
CA ILE C 69 -10.70 -42.94 8.00
C ILE C 69 -9.35 -42.24 7.90
N LYS C 70 -9.35 -41.02 7.36
CA LYS C 70 -8.12 -40.25 7.26
C LYS C 70 -7.67 -39.82 8.64
N GLU C 71 -8.62 -39.41 9.47
CA GLU C 71 -8.33 -39.02 10.85
C GLU C 71 -7.82 -40.22 11.62
N ILE C 72 -8.43 -41.38 11.37
CA ILE C 72 -8.03 -42.61 12.03
C ILE C 72 -6.59 -42.99 11.70
N SER C 73 -6.22 -42.88 10.43
CA SER C 73 -4.87 -43.23 9.98
C SER C 73 -3.82 -42.34 10.63
N ILE C 74 -4.23 -41.14 11.06
CA ILE C 74 -3.31 -40.22 11.73
C ILE C 74 -3.06 -40.64 13.17
N MET C 75 -4.10 -41.14 13.83
CA MET C 75 -4.02 -41.47 15.25
C MET C 75 -3.31 -42.79 15.51
N GLN C 76 -3.41 -43.72 14.55
CA GLN C 76 -2.87 -45.05 14.73
C GLN C 76 -1.35 -45.07 14.74
N GLN C 77 -0.75 -44.18 13.95
CA GLN C 77 0.71 -44.11 13.86
C GLN C 77 1.30 -43.20 14.93
N CYS C 78 0.47 -42.83 15.90
CA CYS C 78 0.94 -42.09 17.08
C CYS C 78 0.95 -42.99 18.30
N ASP C 79 2.03 -42.94 19.07
CA ASP C 79 2.18 -43.75 20.26
C ASP C 79 2.81 -42.92 21.36
N SER C 80 1.98 -42.26 22.17
CA SER C 80 2.46 -41.38 23.21
C SER C 80 1.47 -41.28 24.36
N PRO C 81 1.98 -41.15 25.60
CA PRO C 81 1.12 -40.96 26.77
C PRO C 81 0.35 -39.65 26.73
N TYR C 82 0.72 -38.76 25.82
CA TYR C 82 0.13 -37.43 25.75
C TYR C 82 -0.78 -37.29 24.53
N VAL C 83 -0.91 -38.36 23.75
CA VAL C 83 -1.83 -38.40 22.62
C VAL C 83 -2.78 -39.57 22.79
N VAL C 84 -4.08 -39.31 22.74
CA VAL C 84 -5.07 -40.37 22.85
C VAL C 84 -4.71 -41.49 21.90
N LYS C 85 -4.60 -42.70 22.44
CA LYS C 85 -4.18 -43.86 21.65
C LYS C 85 -5.35 -44.45 20.88
N TYR C 86 -5.05 -44.97 19.69
CA TYR C 86 -6.05 -45.64 18.87
C TYR C 86 -5.71 -47.13 18.74
N TYR C 87 -6.65 -47.97 19.17
CA TYR C 87 -6.37 -49.40 19.32
C TYR C 87 -6.72 -50.21 18.08
N GLY C 88 -7.84 -49.90 17.44
CA GLY C 88 -8.26 -50.63 16.26
C GLY C 88 -9.71 -50.37 15.91
N SER C 89 -10.22 -51.09 14.91
CA SER C 89 -11.59 -50.89 14.45
C SER C 89 -12.24 -52.18 13.96
N TYR C 90 -13.56 -52.15 13.82
CA TYR C 90 -14.33 -53.29 13.32
C TYR C 90 -15.48 -52.82 12.43
N PHE C 91 -16.00 -53.73 11.63
CA PHE C 91 -17.20 -53.45 10.84
C PHE C 91 -18.39 -54.18 11.46
N LYS C 92 -19.47 -53.45 11.73
CA LYS C 92 -20.64 -54.03 12.38
C LYS C 92 -21.92 -53.24 12.11
N ASN C 93 -22.91 -53.90 11.52
CA ASN C 93 -24.23 -53.31 11.28
C ASN C 93 -24.15 -51.87 10.76
N THR C 94 -23.68 -51.71 9.54
CA THR C 94 -23.61 -50.40 8.89
C THR C 94 -22.85 -49.37 9.73
N ASP C 95 -22.17 -49.83 10.77
CA ASP C 95 -21.45 -48.93 11.66
C ASP C 95 -19.99 -49.35 11.80
N LEU C 96 -19.10 -48.36 11.74
CA LEU C 96 -17.68 -48.60 11.94
C LEU C 96 -17.32 -48.34 13.40
N TRP C 97 -16.91 -49.39 14.09
CA TRP C 97 -16.57 -49.27 15.51
C TRP C 97 -15.10 -48.91 15.69
N ILE C 98 -14.85 -47.78 16.34
CA ILE C 98 -13.50 -47.28 16.54
C ILE C 98 -13.12 -47.41 18.02
N VAL C 99 -12.11 -48.23 18.30
CA VAL C 99 -11.68 -48.44 19.67
C VAL C 99 -10.53 -47.50 20.02
N MET C 100 -10.77 -46.60 20.97
CA MET C 100 -9.79 -45.61 21.37
C MET C 100 -9.68 -45.56 22.89
N GLU C 101 -8.63 -44.89 23.40
CA GLU C 101 -8.39 -44.81 24.84
C GLU C 101 -9.52 -44.11 25.57
N TYR C 102 -9.77 -44.53 26.81
CA TYR C 102 -10.87 -44.00 27.61
C TYR C 102 -10.40 -42.90 28.56
N CYS C 103 -10.78 -41.66 28.25
CA CYS C 103 -10.51 -40.53 29.12
C CYS C 103 -11.83 -40.08 29.77
N GLY C 104 -12.11 -40.61 30.96
CA GLY C 104 -13.40 -40.44 31.59
C GLY C 104 -13.78 -39.01 31.97
N ALA C 105 -12.81 -38.23 32.43
CA ALA C 105 -13.10 -36.89 32.91
C ALA C 105 -13.55 -35.95 31.79
N GLY C 106 -13.41 -36.39 30.55
CA GLY C 106 -13.79 -35.58 29.41
C GLY C 106 -12.69 -34.63 28.99
N SER C 107 -13.08 -33.53 28.34
CA SER C 107 -12.12 -32.51 27.93
C SER C 107 -11.98 -31.44 28.99
N VAL C 108 -10.90 -30.66 28.92
CA VAL C 108 -10.69 -29.58 29.87
C VAL C 108 -11.85 -28.60 29.80
N SER C 109 -12.44 -28.49 28.61
CA SER C 109 -13.59 -27.63 28.42
C SER C 109 -14.78 -28.17 29.20
N ASP C 110 -14.99 -29.49 29.14
CA ASP C 110 -16.09 -30.14 29.83
C ASP C 110 -16.01 -29.93 31.34
N ILE C 111 -14.82 -30.13 31.90
CA ILE C 111 -14.61 -29.95 33.33
C ILE C 111 -15.01 -28.54 33.77
N ILE C 112 -14.65 -27.56 32.95
CA ILE C 112 -14.98 -26.17 33.23
C ILE C 112 -16.48 -25.93 33.10
N ARG C 113 -17.09 -26.61 32.14
CA ARG C 113 -18.53 -26.48 31.90
C ARG C 113 -19.31 -27.11 33.06
N LEU C 114 -18.82 -28.25 33.55
CA LEU C 114 -19.50 -29.02 34.59
C LEU C 114 -19.51 -28.31 35.94
N ARG C 115 -18.34 -27.84 36.37
CA ARG C 115 -18.23 -27.17 37.65
C ARG C 115 -18.73 -25.73 37.58
N ASN C 116 -18.75 -25.17 36.37
CA ASN C 116 -19.09 -23.77 36.18
C ASN C 116 -18.05 -22.88 36.88
N LYS C 117 -16.78 -23.27 36.72
CA LYS C 117 -15.68 -22.56 37.36
C LYS C 117 -14.45 -22.55 36.47
N THR C 118 -13.68 -21.47 36.56
CA THR C 118 -12.43 -21.37 35.80
C THR C 118 -11.37 -22.21 36.51
N LEU C 119 -10.23 -22.41 35.85
CA LEU C 119 -9.14 -23.19 36.43
C LEU C 119 -8.12 -22.29 37.11
N ILE C 120 -7.59 -22.76 38.24
CA ILE C 120 -6.55 -22.05 38.97
C ILE C 120 -5.21 -22.30 38.30
N GLU C 121 -4.28 -21.37 38.49
CA GLU C 121 -2.98 -21.42 37.80
C GLU C 121 -2.31 -22.79 37.89
N ASP C 122 -2.11 -23.29 39.10
CA ASP C 122 -1.43 -24.57 39.27
C ASP C 122 -2.16 -25.70 38.54
N GLU C 123 -3.49 -25.63 38.52
CA GLU C 123 -4.29 -26.58 37.75
C GLU C 123 -3.95 -26.44 36.26
N ILE C 124 -3.78 -25.20 35.83
CA ILE C 124 -3.45 -24.89 34.46
C ILE C 124 -2.02 -25.34 34.10
N ALA C 125 -1.09 -25.05 34.99
CA ALA C 125 0.32 -25.35 34.74
C ALA C 125 0.55 -26.85 34.52
N THR C 126 -0.08 -27.67 35.35
CA THR C 126 0.07 -29.11 35.24
C THR C 126 -0.46 -29.61 33.90
N ILE C 127 -1.67 -29.19 33.56
CA ILE C 127 -2.30 -29.61 32.31
C ILE C 127 -1.42 -29.22 31.13
N LEU C 128 -0.98 -27.97 31.11
CA LEU C 128 -0.16 -27.44 30.03
C LEU C 128 1.17 -28.18 29.91
N LYS C 129 1.66 -28.71 31.02
CA LYS C 129 2.92 -29.45 31.02
C LYS C 129 2.83 -30.69 30.15
N SER C 130 1.71 -31.40 30.26
CA SER C 130 1.50 -32.59 29.46
C SER C 130 1.08 -32.23 28.04
N THR C 131 0.31 -31.15 27.92
CA THR C 131 -0.08 -30.65 26.60
C THR C 131 1.17 -30.28 25.82
N LEU C 132 2.13 -29.67 26.49
CA LEU C 132 3.40 -29.32 25.87
C LEU C 132 4.22 -30.56 25.56
N LYS C 133 4.24 -31.51 26.51
CA LYS C 133 4.92 -32.78 26.29
C LYS C 133 4.39 -33.45 25.02
N GLY C 134 3.10 -33.27 24.77
CA GLY C 134 2.47 -33.83 23.58
C GLY C 134 2.89 -33.10 22.32
N LEU C 135 2.77 -31.77 22.33
CA LEU C 135 3.16 -30.96 21.19
C LEU C 135 4.63 -31.16 20.86
N GLU C 136 5.43 -31.46 21.88
CA GLU C 136 6.84 -31.75 21.68
C GLU C 136 7.00 -33.03 20.86
N TYR C 137 6.24 -34.06 21.25
CA TYR C 137 6.28 -35.34 20.55
C TYR C 137 5.85 -35.18 19.09
N LEU C 138 4.70 -34.54 18.89
CA LEU C 138 4.17 -34.33 17.54
C LEU C 138 5.14 -33.52 16.68
N HIS C 139 5.61 -32.39 17.21
CA HIS C 139 6.50 -31.50 16.47
C HIS C 139 7.83 -32.18 16.14
N PHE C 140 8.27 -33.07 17.03
CA PHE C 140 9.49 -33.82 16.79
C PHE C 140 9.29 -34.82 15.65
N MET C 141 8.06 -35.31 15.52
CA MET C 141 7.68 -36.20 14.44
C MET C 141 7.45 -35.41 13.15
N ARG C 142 7.63 -34.09 13.22
CA ARG C 142 7.32 -33.22 12.09
C ARG C 142 5.85 -33.29 11.72
N LYS C 143 5.00 -33.47 12.73
CA LYS C 143 3.55 -33.47 12.54
C LYS C 143 2.94 -32.25 13.22
N ILE C 144 1.72 -31.89 12.83
CA ILE C 144 1.08 -30.69 13.34
C ILE C 144 -0.36 -30.97 13.77
N HIS C 145 -0.73 -30.44 14.93
CA HIS C 145 -2.07 -30.65 15.46
C HIS C 145 -3.10 -29.84 14.68
N ARG C 146 -2.79 -28.57 14.44
CA ARG C 146 -3.63 -27.71 13.58
C ARG C 146 -4.94 -27.28 14.23
N ASN C 147 -5.21 -27.75 15.45
CA ASN C 147 -6.49 -27.48 16.09
C ASN C 147 -6.45 -27.61 17.61
N ILE C 148 -5.51 -26.93 18.25
CA ILE C 148 -5.38 -26.96 19.70
C ILE C 148 -6.41 -26.05 20.38
N LYS C 149 -7.07 -26.58 21.40
CA LYS C 149 -8.07 -25.84 22.15
C LYS C 149 -8.53 -26.67 23.33
N ALA C 150 -9.11 -26.02 24.34
CA ALA C 150 -9.50 -26.69 25.58
C ALA C 150 -10.32 -27.95 25.31
N GLY C 151 -11.24 -27.87 24.36
CA GLY C 151 -12.12 -28.98 24.05
C GLY C 151 -11.40 -30.21 23.52
N ASN C 152 -10.17 -30.03 23.06
CA ASN C 152 -9.40 -31.13 22.49
C ASN C 152 -8.28 -31.62 23.40
N ILE C 153 -8.25 -31.12 24.62
CA ILE C 153 -7.37 -31.66 25.66
C ILE C 153 -8.20 -32.53 26.58
N LEU C 154 -7.97 -33.84 26.52
CA LEU C 154 -8.76 -34.78 27.32
C LEU C 154 -7.99 -35.22 28.57
N LEU C 155 -8.74 -35.41 29.65
CA LEU C 155 -8.17 -35.89 30.91
C LEU C 155 -8.80 -37.23 31.28
N ASN C 156 -7.98 -38.22 31.60
CA ASN C 156 -8.50 -39.48 32.10
C ASN C 156 -8.80 -39.35 33.59
N THR C 157 -9.16 -40.46 34.22
CA THR C 157 -9.61 -40.45 35.61
C THR C 157 -8.49 -40.12 36.60
N GLU C 158 -7.25 -40.12 36.12
CA GLU C 158 -6.10 -39.97 37.01
C GLU C 158 -5.42 -38.61 36.89
N GLY C 159 -5.88 -37.77 35.97
CA GLY C 159 -5.32 -36.45 35.80
C GLY C 159 -4.28 -36.38 34.69
N HIS C 160 -4.30 -37.38 33.81
CA HIS C 160 -3.37 -37.41 32.68
C HIS C 160 -3.97 -36.74 31.45
N ALA C 161 -3.43 -35.59 31.07
CA ALA C 161 -3.92 -34.85 29.92
C ALA C 161 -3.44 -35.49 28.62
N LYS C 162 -4.28 -35.42 27.60
CA LYS C 162 -3.96 -36.00 26.30
C LYS C 162 -4.54 -35.15 25.18
N LEU C 163 -3.87 -35.18 24.03
CA LEU C 163 -4.33 -34.45 22.86
C LEU C 163 -5.25 -35.33 22.02
N ALA C 164 -6.30 -34.74 21.48
CA ALA C 164 -7.31 -35.50 20.75
C ALA C 164 -7.95 -34.67 19.65
N ASP C 165 -8.66 -35.34 18.76
CA ASP C 165 -9.36 -34.68 17.67
C ASP C 165 -8.41 -33.76 16.91
N PHE C 166 -7.41 -34.34 16.26
CA PHE C 166 -6.45 -33.58 15.48
C PHE C 166 -7.14 -32.86 14.33
N GLY C 167 -6.55 -31.75 13.89
CA GLY C 167 -6.92 -31.16 12.62
C GLY C 167 -6.26 -31.98 11.53
N VAL C 168 -6.65 -31.74 10.28
CA VAL C 168 -6.09 -32.49 9.17
C VAL C 168 -5.48 -31.56 8.12
N ALA C 169 -4.39 -32.00 7.50
CA ALA C 169 -3.68 -31.20 6.52
C ALA C 169 -4.58 -30.82 5.35
N GLY C 170 -4.51 -29.55 4.95
CA GLY C 170 -5.27 -29.07 3.82
C GLY C 170 -6.73 -28.83 4.14
N GLN C 171 -7.06 -28.78 5.42
CA GLN C 171 -8.44 -28.58 5.84
C GLN C 171 -8.92 -27.16 5.55
N LEU C 172 -7.98 -26.26 5.25
CA LEU C 172 -8.32 -24.88 4.93
C LEU C 172 -8.71 -24.72 3.46
N THR C 173 -8.11 -25.52 2.60
CA THR C 173 -8.22 -25.34 1.15
C THR C 173 -8.93 -26.49 0.46
N ASP C 174 -9.87 -27.14 1.14
CA ASP C 174 -10.59 -28.27 0.56
C ASP C 174 -12.01 -27.90 0.17
N THR C 175 -12.14 -27.17 -0.94
CA THR C 175 -13.44 -26.84 -1.51
C THR C 175 -14.22 -25.84 -0.64
N MET C 176 -15.28 -26.29 0.02
CA MET C 176 -16.16 -25.37 0.73
C MET C 176 -16.85 -25.97 1.95
N ALA C 177 -16.35 -27.09 2.46
CA ALA C 177 -16.94 -27.72 3.64
C ALA C 177 -16.10 -27.42 4.87
N LYS C 178 -14.80 -27.61 4.75
CA LYS C 178 -13.88 -27.27 5.82
C LYS C 178 -13.12 -25.99 5.52
N ARG C 179 -13.31 -25.46 4.30
CA ARG C 179 -12.78 -24.15 3.95
C ARG C 179 -13.65 -23.05 4.54
N ASN C 180 -14.80 -23.44 5.08
CA ASN C 180 -15.75 -22.49 5.65
C ASN C 180 -16.06 -22.73 7.13
N THR C 181 -15.96 -23.97 7.59
CA THR C 181 -16.28 -24.30 8.97
C THR C 181 -15.15 -23.89 9.92
N VAL C 182 -13.91 -23.98 9.42
CA VAL C 182 -12.75 -23.55 10.18
C VAL C 182 -12.73 -22.03 10.29
N ILE C 183 -13.09 -21.36 9.20
CA ILE C 183 -13.21 -19.90 9.20
C ILE C 183 -14.21 -19.45 10.26
N GLY C 184 -15.23 -20.26 10.50
CA GLY C 184 -16.28 -19.91 11.45
C GLY C 184 -15.81 -19.85 12.88
N THR C 185 -14.65 -20.46 13.16
CA THR C 185 -14.08 -20.45 14.49
C THR C 185 -12.57 -20.23 14.42
N PRO C 186 -12.15 -18.97 14.24
CA PRO C 186 -10.74 -18.60 14.06
C PRO C 186 -10.09 -18.05 15.33
N PHE C 187 -10.72 -18.25 16.48
CA PHE C 187 -10.27 -17.63 17.71
C PHE C 187 -8.93 -18.20 18.22
N TRP C 188 -8.68 -19.47 17.91
CA TRP C 188 -7.45 -20.12 18.36
C TRP C 188 -6.37 -20.12 17.27
N MET C 189 -6.63 -19.43 16.16
CA MET C 189 -5.72 -19.44 15.02
C MET C 189 -4.61 -18.41 15.16
N ALA C 190 -3.40 -18.80 14.79
CA ALA C 190 -2.26 -17.89 14.77
C ALA C 190 -2.41 -16.93 13.60
N PRO C 191 -1.81 -15.73 13.70
CA PRO C 191 -1.89 -14.74 12.63
C PRO C 191 -1.39 -15.26 11.28
N GLU C 192 -0.24 -15.94 11.29
CA GLU C 192 0.39 -16.36 10.03
C GLU C 192 -0.40 -17.46 9.33
N VAL C 193 -1.29 -18.13 10.06
CA VAL C 193 -2.15 -19.13 9.46
C VAL C 193 -3.24 -18.43 8.64
N ILE C 194 -3.65 -17.26 9.11
CA ILE C 194 -4.65 -16.45 8.42
C ILE C 194 -4.03 -15.75 7.22
N GLN C 195 -2.74 -15.45 7.30
CA GLN C 195 -2.06 -14.69 6.25
C GLN C 195 -1.37 -15.58 5.22
N GLU C 196 -1.05 -16.81 5.61
CA GLU C 196 -0.38 -17.74 4.72
C GLU C 196 -1.32 -18.86 4.27
N ILE C 197 -2.49 -18.94 4.89
CA ILE C 197 -3.44 -20.01 4.63
C ILE C 197 -2.74 -21.37 4.69
N GLY C 198 -2.30 -21.73 5.89
CA GLY C 198 -1.57 -22.98 6.09
C GLY C 198 -1.01 -23.03 7.49
N TYR C 199 -0.47 -24.19 7.86
CA TYR C 199 0.03 -24.39 9.21
C TYR C 199 1.49 -24.83 9.24
N ASN C 200 2.24 -24.28 10.20
CA ASN C 200 3.54 -24.80 10.55
C ASN C 200 3.55 -25.09 12.05
N CYS C 201 4.46 -25.95 12.50
CA CYS C 201 4.46 -26.41 13.88
C CYS C 201 4.12 -25.32 14.88
N VAL C 202 4.78 -24.17 14.77
CA VAL C 202 4.62 -23.09 15.75
C VAL C 202 3.19 -22.54 15.86
N ALA C 203 2.35 -22.85 14.89
CA ALA C 203 0.95 -22.43 14.95
C ALA C 203 0.29 -22.99 16.20
N ASP C 204 0.63 -24.22 16.55
CA ASP C 204 0.07 -24.87 17.74
C ASP C 204 0.43 -24.11 19.00
N ILE C 205 1.61 -23.50 19.03
CA ILE C 205 2.06 -22.77 20.20
C ILE C 205 1.18 -21.55 20.46
N TRP C 206 0.86 -20.82 19.40
CA TRP C 206 -0.07 -19.70 19.52
C TRP C 206 -1.38 -20.19 20.09
N SER C 207 -1.92 -21.25 19.50
CA SER C 207 -3.16 -21.85 19.95
C SER C 207 -3.10 -22.21 21.44
N LEU C 208 -1.94 -22.73 21.86
CA LEU C 208 -1.75 -23.11 23.26
C LEU C 208 -1.84 -21.89 24.16
N GLY C 209 -1.36 -20.75 23.67
CA GLY C 209 -1.42 -19.51 24.41
C GLY C 209 -2.85 -19.06 24.60
N ILE C 210 -3.64 -19.13 23.52
CA ILE C 210 -5.04 -18.76 23.58
C ILE C 210 -5.79 -19.70 24.51
N THR C 211 -5.45 -20.97 24.44
CA THR C 211 -6.09 -21.99 25.27
C THR C 211 -5.80 -21.74 26.75
N SER C 212 -4.59 -21.28 27.05
CA SER C 212 -4.23 -20.95 28.42
C SER C 212 -5.16 -19.87 28.95
N ILE C 213 -5.39 -18.84 28.15
CA ILE C 213 -6.30 -17.76 28.54
C ILE C 213 -7.73 -18.29 28.60
N GLU C 214 -8.07 -19.20 27.69
CA GLU C 214 -9.41 -19.79 27.67
C GLU C 214 -9.72 -20.48 28.99
N MET C 215 -8.79 -21.29 29.46
CA MET C 215 -8.97 -22.02 30.71
C MET C 215 -9.08 -21.07 31.89
N ALA C 216 -8.36 -19.96 31.81
CA ALA C 216 -8.27 -19.02 32.92
C ALA C 216 -9.51 -18.12 33.03
N GLU C 217 -10.06 -17.71 31.90
CA GLU C 217 -11.14 -16.73 31.87
C GLU C 217 -12.48 -17.32 31.43
N GLY C 218 -12.46 -18.55 30.92
CA GLY C 218 -13.68 -19.23 30.54
C GLY C 218 -13.84 -19.37 29.03
N LYS C 219 -13.50 -18.31 28.30
CA LYS C 219 -13.60 -18.31 26.85
C LYS C 219 -12.40 -17.57 26.25
N PRO C 220 -12.04 -17.93 25.01
CA PRO C 220 -10.87 -17.30 24.37
C PRO C 220 -11.16 -15.86 23.98
N PRO C 221 -10.11 -15.03 23.86
CA PRO C 221 -10.31 -13.64 23.42
C PRO C 221 -10.98 -13.59 22.06
N TYR C 222 -11.88 -12.61 21.88
CA TYR C 222 -12.59 -12.42 20.62
C TYR C 222 -13.75 -13.41 20.44
N ALA C 223 -14.01 -14.23 21.46
CA ALA C 223 -15.04 -15.25 21.35
C ALA C 223 -16.41 -14.65 21.06
N ASP C 224 -16.71 -13.53 21.71
CA ASP C 224 -18.00 -12.87 21.53
C ASP C 224 -17.96 -11.86 20.38
N ILE C 225 -17.01 -12.05 19.47
CA ILE C 225 -16.89 -11.20 18.29
C ILE C 225 -17.21 -11.99 17.03
N HIS C 226 -17.56 -11.29 15.96
CA HIS C 226 -18.00 -11.91 14.72
C HIS C 226 -16.78 -12.51 14.03
N PRO C 227 -16.89 -13.77 13.58
CA PRO C 227 -15.75 -14.44 12.96
C PRO C 227 -15.00 -13.54 11.98
N MET C 228 -15.69 -13.09 10.95
CA MET C 228 -15.13 -12.12 10.00
C MET C 228 -14.33 -11.03 10.70
N ARG C 229 -14.94 -10.35 11.66
CA ARG C 229 -14.28 -9.25 12.37
C ARG C 229 -13.03 -9.72 13.11
N ALA C 230 -13.09 -10.91 13.68
CA ALA C 230 -11.95 -11.47 14.40
C ALA C 230 -10.82 -11.79 13.43
N ILE C 231 -11.17 -12.43 12.31
CA ILE C 231 -10.19 -12.81 11.30
C ILE C 231 -9.33 -11.62 10.90
N PHE C 232 -9.88 -10.42 11.08
CA PHE C 232 -9.16 -9.19 10.74
C PHE C 232 -8.34 -8.66 11.91
N MET C 233 -8.84 -8.86 13.13
CA MET C 233 -8.18 -8.33 14.32
C MET C 233 -6.95 -9.15 14.73
N ILE C 234 -7.04 -10.47 14.56
CA ILE C 234 -5.99 -11.36 15.05
C ILE C 234 -4.61 -11.02 14.51
N PRO C 235 -4.48 -10.80 13.18
CA PRO C 235 -3.18 -10.44 12.63
C PRO C 235 -2.86 -8.95 12.74
N THR C 236 -3.85 -8.14 13.08
CA THR C 236 -3.70 -6.69 13.12
C THR C 236 -3.33 -6.18 14.51
N ASN C 237 -4.19 -6.48 15.48
CA ASN C 237 -4.03 -6.00 16.84
C ASN C 237 -2.84 -6.62 17.59
N PRO C 238 -2.51 -6.08 18.76
CA PRO C 238 -1.45 -6.67 19.57
C PRO C 238 -1.97 -7.92 20.27
N PRO C 239 -1.10 -8.91 20.50
CA PRO C 239 -1.55 -10.15 21.12
C PRO C 239 -2.45 -9.89 22.32
N PRO C 240 -3.47 -10.73 22.53
CA PRO C 240 -4.39 -10.51 23.65
C PRO C 240 -3.76 -10.80 25.00
N THR C 241 -4.34 -10.25 26.06
CA THR C 241 -3.93 -10.56 27.42
C THR C 241 -5.16 -10.66 28.31
N PHE C 242 -4.96 -11.16 29.52
CA PHE C 242 -6.07 -11.34 30.46
C PHE C 242 -6.93 -10.09 30.58
N ARG C 243 -8.23 -10.29 30.69
CA ARG C 243 -9.18 -9.20 30.89
C ARG C 243 -8.93 -8.50 32.23
N LYS C 244 -8.35 -9.23 33.17
CA LYS C 244 -7.93 -8.66 34.45
C LYS C 244 -6.53 -9.18 34.79
N PRO C 245 -5.49 -8.50 34.27
CA PRO C 245 -4.11 -8.98 34.31
C PRO C 245 -3.53 -9.16 35.72
N GLU C 246 -4.10 -8.50 36.71
CA GLU C 246 -3.54 -8.53 38.06
C GLU C 246 -3.79 -9.86 38.76
N LEU C 247 -4.88 -10.53 38.39
CA LEU C 247 -5.29 -11.78 39.03
C LEU C 247 -4.32 -12.94 38.80
N TRP C 248 -3.34 -12.74 37.92
CA TRP C 248 -2.46 -13.82 37.51
C TRP C 248 -0.99 -13.51 37.80
N SER C 249 -0.23 -14.56 38.11
CA SER C 249 1.16 -14.42 38.53
C SER C 249 2.01 -13.78 37.43
N ASP C 250 3.25 -13.46 37.76
CA ASP C 250 4.17 -12.91 36.80
C ASP C 250 4.64 -13.99 35.85
N ASP C 251 4.79 -15.21 36.37
CA ASP C 251 5.24 -16.34 35.56
C ASP C 251 4.16 -16.76 34.58
N PHE C 252 2.91 -16.81 35.03
CA PHE C 252 1.81 -17.19 34.17
C PHE C 252 1.62 -16.14 33.08
N THR C 253 1.61 -14.88 33.48
CA THR C 253 1.46 -13.76 32.55
C THR C 253 2.59 -13.74 31.52
N ASP C 254 3.79 -14.10 31.96
CA ASP C 254 4.94 -14.11 31.06
C ASP C 254 4.87 -15.30 30.12
N PHE C 255 4.44 -16.45 30.64
CA PHE C 255 4.32 -17.65 29.83
C PHE C 255 3.42 -17.40 28.62
N VAL C 256 2.23 -16.87 28.87
CA VAL C 256 1.29 -16.57 27.80
C VAL C 256 1.92 -15.60 26.80
N LYS C 257 2.66 -14.63 27.31
CA LYS C 257 3.32 -13.64 26.46
C LYS C 257 4.33 -14.30 25.52
N LYS C 258 4.98 -15.36 26.00
CA LYS C 258 5.99 -16.06 25.21
C LYS C 258 5.35 -16.89 24.10
N CYS C 259 4.15 -17.41 24.35
CA CYS C 259 3.43 -18.18 23.34
C CYS C 259 2.89 -17.28 22.25
N LEU C 260 2.20 -16.22 22.65
CA LEU C 260 1.55 -15.33 21.70
C LEU C 260 2.52 -14.30 21.12
N VAL C 261 3.48 -14.78 20.33
CA VAL C 261 4.37 -13.90 19.59
C VAL C 261 3.94 -13.91 18.13
N LYS C 262 3.47 -12.76 17.64
CA LYS C 262 2.89 -12.68 16.30
C LYS C 262 3.89 -13.10 15.22
N ASN C 263 5.17 -12.88 15.46
CA ASN C 263 6.19 -13.39 14.56
C ASN C 263 6.49 -14.85 14.88
N PRO C 264 6.11 -15.76 13.97
CA PRO C 264 6.29 -17.19 14.22
C PRO C 264 7.76 -17.58 14.39
N GLU C 265 8.66 -16.82 13.78
CA GLU C 265 10.09 -17.09 13.88
C GLU C 265 10.62 -16.70 15.26
N GLN C 266 9.89 -15.84 15.95
CA GLN C 266 10.27 -15.40 17.30
C GLN C 266 9.43 -16.07 18.37
N ARG C 267 8.64 -17.07 17.99
CA ARG C 267 7.73 -17.72 18.93
C ARG C 267 8.39 -18.92 19.60
N ALA C 268 8.22 -19.03 20.92
CA ALA C 268 8.81 -20.12 21.68
C ALA C 268 8.31 -21.47 21.19
N THR C 269 9.21 -22.46 21.17
CA THR C 269 8.83 -23.83 20.82
C THR C 269 8.33 -24.56 22.07
N ALA C 270 7.80 -25.76 21.87
CA ALA C 270 7.33 -26.56 22.99
C ALA C 270 8.47 -26.94 23.93
N THR C 271 9.56 -27.44 23.35
CA THR C 271 10.72 -27.84 24.13
C THR C 271 11.17 -26.70 25.04
N GLN C 272 11.14 -25.48 24.52
CA GLN C 272 11.60 -24.32 25.26
C GLN C 272 10.59 -23.89 26.33
N LEU C 273 9.30 -24.05 26.03
CA LEU C 273 8.26 -23.70 26.99
C LEU C 273 8.23 -24.67 28.18
N LEU C 274 8.81 -25.85 28.00
CA LEU C 274 8.91 -26.82 29.08
C LEU C 274 9.87 -26.33 30.16
N GLN C 275 10.77 -25.42 29.79
CA GLN C 275 11.79 -24.91 30.70
C GLN C 275 11.31 -23.67 31.42
N HIS C 276 10.17 -23.13 30.98
CA HIS C 276 9.63 -21.91 31.58
C HIS C 276 9.16 -22.18 33.01
N PRO C 277 9.58 -21.33 33.97
CA PRO C 277 9.26 -21.52 35.39
C PRO C 277 7.84 -21.99 35.64
N PHE C 278 6.86 -21.30 35.06
CA PHE C 278 5.46 -21.66 35.20
C PHE C 278 5.24 -23.15 34.95
N ILE C 279 5.97 -23.71 33.99
CA ILE C 279 5.84 -25.12 33.63
C ILE C 279 6.77 -26.00 34.46
N LYS C 280 7.99 -25.56 34.66
CA LYS C 280 8.98 -26.34 35.42
C LYS C 280 8.56 -26.47 36.88
N ASN C 281 7.74 -25.54 37.35
CA ASN C 281 7.28 -25.55 38.73
C ASN C 281 5.82 -25.95 38.86
N ALA C 282 5.37 -26.85 37.99
CA ALA C 282 4.00 -27.34 38.04
C ALA C 282 3.87 -28.44 39.08
N LYS C 283 2.75 -28.47 39.77
CA LYS C 283 2.50 -29.46 40.82
C LYS C 283 2.33 -30.84 40.18
N PRO C 284 2.37 -31.89 41.00
CA PRO C 284 2.11 -33.24 40.46
C PRO C 284 0.68 -33.37 39.95
N VAL C 285 0.42 -34.38 39.13
CA VAL C 285 -0.89 -34.54 38.51
C VAL C 285 -1.97 -34.72 39.58
N SER C 286 -1.55 -35.00 40.80
CA SER C 286 -2.49 -35.24 41.90
C SER C 286 -3.38 -34.04 42.18
N ILE C 287 -2.91 -32.84 41.84
CA ILE C 287 -3.69 -31.64 42.09
C ILE C 287 -4.91 -31.58 41.17
N LEU C 288 -4.84 -32.31 40.06
CA LEU C 288 -5.95 -32.37 39.11
C LEU C 288 -6.98 -33.40 39.56
N ARG C 289 -6.52 -34.43 40.25
CA ARG C 289 -7.39 -35.52 40.67
C ARG C 289 -8.51 -35.03 41.60
N ASP C 290 -8.28 -33.89 42.25
CA ASP C 290 -9.28 -33.35 43.17
C ASP C 290 -10.36 -32.57 42.44
N LEU C 291 -10.01 -31.90 41.35
CA LEU C 291 -10.99 -31.19 40.55
C LEU C 291 -11.65 -32.14 39.56
N ILE C 292 -10.94 -33.21 39.22
CA ILE C 292 -11.45 -34.25 38.34
C ILE C 292 -12.56 -35.04 39.02
N THR C 293 -12.37 -35.30 40.32
CA THR C 293 -13.36 -36.07 41.09
C THR C 293 -14.65 -35.28 41.23
N GLU C 294 -14.52 -33.97 41.40
CA GLU C 294 -15.70 -33.10 41.48
C GLU C 294 -16.46 -33.14 40.16
N ALA C 295 -15.72 -33.12 39.06
CA ALA C 295 -16.33 -33.17 37.74
C ALA C 295 -17.07 -34.49 37.54
N MET C 296 -16.39 -35.59 37.86
CA MET C 296 -16.98 -36.92 37.71
C MET C 296 -18.05 -37.16 38.77
N GLU C 297 -17.99 -36.42 39.87
CA GLU C 297 -19.01 -36.48 40.90
C GLU C 297 -20.30 -35.83 40.38
N ILE C 298 -20.15 -34.69 39.73
CA ILE C 298 -21.28 -33.99 39.13
C ILE C 298 -21.76 -34.72 37.88
N LYS C 299 -20.81 -35.28 37.12
CA LYS C 299 -21.13 -36.02 35.91
C LYS C 299 -21.98 -37.23 36.26
N ALA C 300 -21.71 -37.83 37.41
CA ALA C 300 -22.44 -39.00 37.87
C ALA C 300 -23.76 -38.60 38.53
N LYS C 301 -23.71 -37.57 39.37
CA LYS C 301 -24.89 -37.13 40.12
C LYS C 301 -25.94 -36.49 39.22
N ARG C 302 -25.52 -35.99 38.06
CA ARG C 302 -26.46 -35.41 37.11
C ARG C 302 -27.09 -36.50 36.23
N HIS C 303 -26.40 -37.63 36.11
CA HIS C 303 -26.92 -38.75 35.35
C HIS C 303 -28.13 -39.35 36.06
N GLU C 304 -28.03 -39.45 37.39
CA GLU C 304 -29.13 -39.94 38.20
C GLU C 304 -30.17 -38.84 38.43
N GLU C 305 -29.70 -37.61 38.58
CA GLU C 305 -30.59 -36.46 38.74
C GLU C 305 -31.51 -36.33 37.53
N GLN C 306 -30.99 -36.72 36.36
CA GLN C 306 -31.76 -36.62 35.13
C GLN C 306 -32.59 -37.88 34.88
N GLN C 307 -32.25 -38.96 35.58
CA GLN C 307 -33.04 -40.18 35.51
C GLN C 307 -34.32 -40.03 36.33
N ARG C 308 -34.17 -39.51 37.55
CA ARG C 308 -35.32 -39.30 38.42
C ARG C 308 -36.29 -38.29 37.81
N GLU C 309 -35.78 -37.42 36.95
CA GLU C 309 -36.61 -36.41 36.30
C GLU C 309 -37.41 -37.00 35.15
N LEU C 310 -36.77 -37.81 34.32
CA LEU C 310 -37.44 -38.45 33.19
C LEU C 310 -38.39 -39.56 33.64
N GLU C 311 -38.17 -40.08 34.83
CA GLU C 311 -39.04 -41.10 35.40
C GLU C 311 -40.29 -40.47 36.02
N GLU C 312 -40.19 -39.19 36.37
CA GLU C 312 -41.31 -38.48 36.98
C GLU C 312 -42.32 -37.98 35.96
N GLU C 313 -41.95 -36.94 35.21
CA GLU C 313 -42.89 -36.26 34.32
C GLU C 313 -43.18 -37.00 33.02
N GLU C 314 -42.96 -38.31 33.00
CA GLU C 314 -43.26 -39.09 31.82
C GLU C 314 -44.76 -39.09 31.55
N PHE C 324 -32.70 -48.72 20.84
CA PHE C 324 -32.99 -50.13 20.60
C PHE C 324 -32.01 -51.02 21.35
N ASP C 325 -31.62 -50.58 22.54
CA ASP C 325 -30.73 -51.36 23.40
C ASP C 325 -31.19 -51.28 24.85
N PHE C 326 -31.44 -50.05 25.32
CA PHE C 326 -31.90 -49.85 26.68
C PHE C 326 -33.19 -50.63 26.95
N LEU C 327 -34.01 -50.80 25.92
CA LEU C 327 -35.27 -51.53 26.06
C LEU C 327 -35.01 -53.03 26.23
N LYS C 328 -33.99 -53.54 25.55
CA LYS C 328 -33.63 -54.94 25.65
C LYS C 328 -32.94 -55.21 26.99
N ASN C 329 -32.42 -54.15 27.61
CA ASN C 329 -31.73 -54.27 28.89
C ASN C 329 -32.56 -53.73 30.05
N LEU C 330 -33.81 -53.36 29.76
CA LEU C 330 -34.68 -52.77 30.77
C LEU C 330 -35.56 -53.83 31.43
N SER C 331 -36.11 -53.50 32.60
CA SER C 331 -36.96 -54.43 33.33
C SER C 331 -38.40 -54.36 32.85
N LEU C 332 -39.17 -55.40 33.18
CA LEU C 332 -40.55 -55.52 32.73
C LEU C 332 -41.44 -54.40 33.25
N GLU C 333 -41.31 -54.07 34.53
CA GLU C 333 -42.18 -53.06 35.15
C GLU C 333 -41.76 -51.63 34.82
N GLU C 334 -40.72 -51.49 34.01
CA GLU C 334 -40.34 -50.19 33.47
C GLU C 334 -40.66 -50.14 31.97
N LEU C 335 -41.13 -51.26 31.44
CA LEU C 335 -41.58 -51.33 30.05
C LEU C 335 -43.10 -51.17 30.01
N GLN C 336 -43.78 -51.72 31.01
CA GLN C 336 -45.23 -51.60 31.11
C GLN C 336 -45.61 -50.17 31.47
N MET C 337 -44.66 -49.40 31.98
CA MET C 337 -44.92 -48.04 32.44
C MET C 337 -44.68 -47.01 31.33
N ARG C 338 -43.76 -47.32 30.42
CA ARG C 338 -43.46 -46.42 29.32
C ARG C 338 -44.36 -46.67 28.12
N LEU C 339 -44.82 -47.90 27.98
CA LEU C 339 -45.70 -48.26 26.87
C LEU C 339 -47.11 -47.72 27.07
N LYS C 340 -47.49 -47.53 28.33
CA LYS C 340 -48.83 -47.07 28.67
C LYS C 340 -48.88 -45.54 28.78
N ALA C 341 -47.76 -44.94 29.17
CA ALA C 341 -47.66 -43.49 29.28
C ALA C 341 -47.01 -42.92 28.02
N LEU C 342 -47.23 -43.59 26.89
CA LEU C 342 -46.61 -43.20 25.63
C LEU C 342 -47.38 -42.07 24.95
N ASP C 343 -48.69 -42.20 24.89
CA ASP C 343 -49.52 -41.22 24.20
C ASP C 343 -49.46 -39.84 24.86
N PRO C 344 -49.55 -39.78 26.20
CA PRO C 344 -49.42 -38.50 26.89
C PRO C 344 -48.11 -37.77 26.59
N MET C 345 -47.11 -38.51 26.11
CA MET C 345 -45.82 -37.92 25.75
C MET C 345 -45.75 -37.61 24.26
N MET C 346 -46.70 -38.15 23.49
CA MET C 346 -46.76 -37.92 22.05
C MET C 346 -47.61 -36.69 21.74
N GLU C 347 -48.87 -36.73 22.18
CA GLU C 347 -49.79 -35.62 21.99
C GLU C 347 -49.23 -34.36 22.65
N ARG C 348 -48.26 -34.55 23.54
CA ARG C 348 -47.58 -33.44 24.20
C ARG C 348 -46.57 -32.80 23.25
N GLU C 349 -46.03 -33.61 22.34
CA GLU C 349 -45.08 -33.13 21.34
C GLU C 349 -45.81 -32.64 20.08
N ILE C 350 -46.99 -33.19 19.84
CA ILE C 350 -47.77 -32.85 18.66
C ILE C 350 -48.56 -31.55 18.84
N GLU C 351 -49.06 -31.34 20.05
CA GLU C 351 -49.76 -30.09 20.35
C GLU C 351 -48.78 -28.93 20.40
N GLU C 352 -47.50 -29.25 20.56
CA GLU C 352 -46.45 -28.25 20.47
C GLU C 352 -46.24 -27.86 19.01
N LEU C 353 -46.56 -28.80 18.12
CA LEU C 353 -46.41 -28.57 16.69
C LEU C 353 -47.59 -27.78 16.13
N ARG C 354 -48.78 -28.02 16.70
CA ARG C 354 -49.96 -27.29 16.27
C ARG C 354 -49.93 -25.85 16.76
N GLN C 355 -49.42 -25.66 17.98
CA GLN C 355 -49.23 -24.31 18.52
C GLN C 355 -48.13 -23.59 17.75
N ARG C 356 -47.16 -24.37 17.27
CA ARG C 356 -46.02 -23.82 16.55
C ARG C 356 -46.41 -23.35 15.15
N TYR C 357 -47.30 -24.10 14.49
CA TYR C 357 -47.68 -23.79 13.12
C TYR C 357 -48.87 -22.85 13.03
N THR C 358 -49.65 -22.76 14.10
CA THR C 358 -50.70 -21.75 14.18
C THR C 358 -50.07 -20.37 14.36
N ALA C 359 -48.89 -20.36 14.97
CA ALA C 359 -48.15 -19.12 15.20
C ALA C 359 -47.45 -18.68 13.92
N LYS C 360 -47.01 -19.64 13.11
CA LYS C 360 -46.34 -19.35 11.85
C LYS C 360 -47.34 -18.81 10.83
N ARG C 361 -48.57 -19.29 10.90
CA ARG C 361 -49.60 -18.94 9.91
C ARG C 361 -50.46 -17.76 10.35
N GLN C 362 -50.27 -17.28 11.56
CA GLN C 362 -51.10 -16.20 12.09
C GLN C 362 -50.97 -14.92 11.26
N PRO C 363 -49.72 -14.51 10.97
CA PRO C 363 -49.54 -13.29 10.16
C PRO C 363 -50.15 -13.44 8.77
N ILE C 364 -49.97 -14.62 8.18
CA ILE C 364 -50.44 -14.89 6.83
C ILE C 364 -51.96 -14.93 6.78
N LEU C 365 -52.57 -15.42 7.84
CA LEU C 365 -54.03 -15.54 7.90
C LEU C 365 -54.66 -14.16 8.14
N ASP C 366 -54.12 -13.42 9.11
CA ASP C 366 -54.64 -12.09 9.41
C ASP C 366 -54.53 -11.16 8.21
N ALA C 367 -53.47 -11.33 7.42
CA ALA C 367 -53.28 -10.54 6.21
C ALA C 367 -54.33 -10.90 5.17
N MET C 368 -54.39 -12.18 4.83
CA MET C 368 -55.34 -12.69 3.86
C MET C 368 -56.77 -12.36 4.29
N ASP C 369 -56.99 -12.31 5.60
CA ASP C 369 -58.33 -12.04 6.14
C ASP C 369 -58.72 -10.59 5.90
N ALA C 370 -57.79 -9.68 6.11
CA ALA C 370 -58.04 -8.26 5.93
C ALA C 370 -58.41 -7.94 4.48
N LYS C 371 -57.65 -8.51 3.55
CA LYS C 371 -57.88 -8.27 2.13
C LYS C 371 -59.25 -8.77 1.68
N LYS C 372 -59.78 -9.76 2.40
CA LYS C 372 -61.11 -10.28 2.10
C LYS C 372 -62.20 -9.34 2.61
N ARG C 373 -61.83 -8.42 3.50
CA ARG C 373 -62.78 -7.46 4.05
C ARG C 373 -62.93 -6.23 3.16
N ARG C 374 -61.88 -5.90 2.41
CA ARG C 374 -61.96 -4.79 1.46
C ARG C 374 -62.65 -5.23 0.18
N GLN C 375 -62.43 -6.48 -0.20
CA GLN C 375 -62.94 -7.02 -1.46
C GLN C 375 -64.47 -7.01 -1.50
N GLN C 376 -65.08 -7.44 -0.40
CA GLN C 376 -66.54 -7.49 -0.32
C GLN C 376 -67.12 -6.08 -0.29
N ASN C 377 -66.70 -5.30 0.70
CA ASN C 377 -67.23 -3.96 0.90
C ASN C 377 -66.63 -2.93 -0.06
N LEU D 12 -45.59 -5.73 -19.24
CA LEU D 12 -46.53 -6.51 -18.44
C LEU D 12 -46.67 -5.95 -17.03
N LYS D 13 -47.85 -6.10 -16.44
CA LYS D 13 -48.10 -5.60 -15.10
C LYS D 13 -48.19 -6.76 -14.11
N LYS D 14 -48.32 -6.43 -12.83
CA LYS D 14 -48.45 -7.44 -11.79
C LYS D 14 -49.70 -8.29 -12.04
N LEU D 15 -49.52 -9.60 -12.04
CA LEU D 15 -50.58 -10.54 -12.43
C LEU D 15 -51.88 -10.34 -11.67
N SER D 16 -52.99 -10.31 -12.41
CA SER D 16 -54.32 -10.13 -11.84
C SER D 16 -54.60 -11.18 -10.78
N GLU D 17 -55.42 -10.81 -9.81
CA GLU D 17 -55.84 -11.74 -8.77
C GLU D 17 -56.43 -12.98 -9.40
N ASP D 18 -57.13 -12.79 -10.51
CA ASP D 18 -57.78 -13.90 -11.20
C ASP D 18 -56.74 -14.84 -11.79
N SER D 19 -55.80 -14.29 -12.55
CA SER D 19 -54.81 -15.09 -13.25
C SER D 19 -53.96 -15.89 -12.28
N LEU D 20 -53.92 -15.46 -11.01
CA LEU D 20 -53.11 -16.14 -10.00
C LEU D 20 -53.81 -17.37 -9.44
N THR D 21 -55.14 -17.42 -9.57
CA THR D 21 -55.90 -18.57 -9.11
C THR D 21 -55.81 -19.72 -10.12
N LYS D 22 -55.57 -19.39 -11.38
CA LYS D 22 -55.42 -20.42 -12.40
C LYS D 22 -54.09 -21.13 -12.21
N GLN D 23 -53.96 -22.31 -12.80
CA GLN D 23 -52.71 -23.06 -12.74
C GLN D 23 -51.71 -22.44 -13.70
N PRO D 24 -50.43 -22.38 -13.29
CA PRO D 24 -49.39 -21.68 -14.07
C PRO D 24 -49.36 -22.07 -15.55
N GLU D 25 -49.35 -23.37 -15.85
CA GLU D 25 -49.29 -23.82 -17.24
C GLU D 25 -50.47 -23.30 -18.06
N GLU D 26 -51.55 -22.93 -17.37
CA GLU D 26 -52.72 -22.37 -18.04
C GLU D 26 -52.48 -20.91 -18.46
N VAL D 27 -51.52 -20.26 -17.82
CA VAL D 27 -51.23 -18.86 -18.10
C VAL D 27 -49.94 -18.67 -18.89
N PHE D 28 -49.00 -19.61 -18.74
CA PHE D 28 -47.70 -19.46 -19.38
C PHE D 28 -47.29 -20.69 -20.19
N ASP D 29 -46.60 -20.43 -21.30
CA ASP D 29 -45.92 -21.48 -22.05
C ASP D 29 -44.47 -21.52 -21.62
N VAL D 30 -44.12 -22.48 -20.78
CA VAL D 30 -42.76 -22.60 -20.27
C VAL D 30 -41.83 -23.11 -21.36
N LEU D 31 -40.85 -22.28 -21.74
CA LEU D 31 -39.94 -22.60 -22.82
C LEU D 31 -38.59 -23.10 -22.30
N GLU D 32 -37.51 -22.76 -22.99
CA GLU D 32 -36.19 -23.32 -22.67
C GLU D 32 -35.72 -22.96 -21.26
N LYS D 33 -34.80 -23.76 -20.75
CA LYS D 33 -34.17 -23.51 -19.46
C LYS D 33 -33.01 -22.53 -19.61
N LEU D 34 -32.95 -21.54 -18.72
CA LEU D 34 -31.95 -20.48 -18.82
C LEU D 34 -30.75 -20.74 -17.92
N GLY D 35 -30.86 -21.74 -17.05
CA GLY D 35 -29.80 -22.06 -16.14
C GLY D 35 -30.32 -22.24 -14.72
N GLU D 36 -29.42 -22.21 -13.76
CA GLU D 36 -29.80 -22.36 -12.36
C GLU D 36 -28.66 -21.97 -11.43
N GLY D 37 -28.97 -21.80 -10.16
CA GLY D 37 -27.99 -21.39 -9.18
C GLY D 37 -27.94 -22.34 -8.00
N SER D 38 -28.56 -21.94 -6.90
CA SER D 38 -28.48 -22.70 -5.66
C SER D 38 -29.84 -22.94 -5.01
N TYR D 39 -30.85 -22.17 -5.41
CA TYR D 39 -32.16 -22.24 -4.76
C TYR D 39 -33.26 -22.63 -5.74
N GLY D 40 -32.90 -22.90 -6.99
CA GLY D 40 -33.88 -23.27 -7.99
C GLY D 40 -33.39 -23.05 -9.40
N SER D 41 -34.24 -23.32 -10.39
CA SER D 41 -33.91 -23.10 -11.79
C SER D 41 -34.76 -22.00 -12.42
N VAL D 42 -34.18 -21.28 -13.37
CA VAL D 42 -34.90 -20.21 -14.07
C VAL D 42 -35.27 -20.64 -15.48
N PHE D 43 -36.44 -20.20 -15.94
CA PHE D 43 -36.93 -20.58 -17.26
C PHE D 43 -37.42 -19.37 -18.05
N LYS D 44 -37.34 -19.47 -19.37
CA LYS D 44 -37.97 -18.50 -20.26
C LYS D 44 -39.39 -18.97 -20.51
N ALA D 45 -40.35 -18.06 -20.40
CA ALA D 45 -41.76 -18.41 -20.53
C ALA D 45 -42.54 -17.29 -21.18
N ILE D 46 -43.73 -17.61 -21.68
CA ILE D 46 -44.57 -16.63 -22.36
C ILE D 46 -45.93 -16.50 -21.71
N HIS D 47 -46.34 -15.26 -21.48
CA HIS D 47 -47.68 -14.97 -21.00
C HIS D 47 -48.61 -15.08 -22.20
N LYS D 48 -49.43 -16.13 -22.21
CA LYS D 48 -50.23 -16.47 -23.38
C LYS D 48 -51.09 -15.30 -23.87
N GLU D 49 -51.86 -14.71 -22.95
CA GLU D 49 -52.78 -13.61 -23.29
C GLU D 49 -52.08 -12.44 -23.97
N SER D 50 -50.85 -12.13 -23.55
CA SER D 50 -50.17 -10.93 -24.03
C SER D 50 -48.97 -11.24 -24.91
N GLY D 51 -48.56 -12.51 -24.93
CA GLY D 51 -47.39 -12.91 -25.70
C GLY D 51 -46.10 -12.30 -25.17
N GLN D 52 -46.16 -11.71 -23.99
CA GLN D 52 -44.99 -11.09 -23.37
C GLN D 52 -44.09 -12.18 -22.78
N VAL D 53 -42.79 -12.09 -23.04
CA VAL D 53 -41.85 -13.07 -22.49
C VAL D 53 -41.52 -12.74 -21.04
N VAL D 54 -41.42 -13.76 -20.21
CA VAL D 54 -41.09 -13.58 -18.80
C VAL D 54 -40.08 -14.62 -18.35
N ALA D 55 -39.62 -14.48 -17.12
CA ALA D 55 -38.72 -15.46 -16.52
C ALA D 55 -39.42 -16.08 -15.32
N ILE D 56 -39.41 -17.40 -15.25
CA ILE D 56 -40.03 -18.11 -14.14
C ILE D 56 -39.00 -18.94 -13.38
N LYS D 57 -38.79 -18.57 -12.12
CA LYS D 57 -37.85 -19.29 -11.26
C LYS D 57 -38.62 -20.35 -10.49
N GLN D 58 -38.20 -21.60 -10.59
CA GLN D 58 -38.81 -22.69 -9.85
C GLN D 58 -37.95 -23.09 -8.66
N VAL D 59 -38.45 -22.85 -7.45
CA VAL D 59 -37.73 -23.20 -6.24
C VAL D 59 -38.53 -24.23 -5.44
N PRO D 60 -37.85 -25.27 -4.93
CA PRO D 60 -38.55 -26.25 -4.11
C PRO D 60 -38.92 -25.67 -2.74
N VAL D 61 -40.09 -26.02 -2.24
CA VAL D 61 -40.59 -25.46 -0.99
C VAL D 61 -39.90 -26.05 0.24
N GLU D 62 -39.49 -27.30 0.15
CA GLU D 62 -38.87 -27.98 1.28
C GLU D 62 -37.77 -27.15 1.97
N SER D 63 -36.87 -26.57 1.18
CA SER D 63 -35.68 -25.93 1.75
C SER D 63 -35.85 -24.44 2.11
N ASP D 64 -36.21 -24.19 3.37
CA ASP D 64 -36.09 -22.86 3.96
C ASP D 64 -36.89 -21.77 3.25
N LEU D 65 -38.12 -22.09 2.88
CA LEU D 65 -39.03 -21.12 2.28
C LEU D 65 -38.86 -19.69 2.78
N GLN D 66 -39.12 -19.48 4.07
CA GLN D 66 -39.18 -18.13 4.62
C GLN D 66 -38.15 -17.18 4.01
N GLU D 67 -36.95 -17.68 3.75
CA GLU D 67 -35.89 -16.86 3.20
C GLU D 67 -36.30 -16.36 1.81
N ILE D 68 -36.84 -17.26 1.00
CA ILE D 68 -37.32 -16.90 -0.33
C ILE D 68 -38.46 -15.89 -0.27
N ILE D 69 -39.49 -16.22 0.50
CA ILE D 69 -40.68 -15.37 0.59
C ILE D 69 -40.33 -13.99 1.14
N LYS D 70 -39.39 -13.95 2.08
CA LYS D 70 -38.93 -12.69 2.61
C LYS D 70 -38.25 -11.91 1.49
N GLU D 71 -37.49 -12.61 0.66
CA GLU D 71 -36.76 -12.00 -0.44
C GLU D 71 -37.72 -11.55 -1.54
N ILE D 72 -38.85 -12.25 -1.67
CA ILE D 72 -39.85 -11.91 -2.67
C ILE D 72 -40.55 -10.59 -2.31
N SER D 73 -40.95 -10.46 -1.04
CA SER D 73 -41.63 -9.25 -0.58
C SER D 73 -40.74 -8.02 -0.73
N ILE D 74 -39.42 -8.24 -0.80
CA ILE D 74 -38.48 -7.14 -0.98
C ILE D 74 -38.53 -6.62 -2.41
N MET D 75 -38.50 -7.54 -3.38
CA MET D 75 -38.57 -7.15 -4.79
C MET D 75 -39.90 -6.51 -5.10
N GLN D 76 -40.96 -6.99 -4.44
CA GLN D 76 -42.31 -6.53 -4.73
C GLN D 76 -42.56 -5.12 -4.22
N GLN D 77 -41.89 -4.74 -3.15
CA GLN D 77 -42.04 -3.38 -2.61
C GLN D 77 -41.14 -2.40 -3.33
N CYS D 78 -40.39 -2.89 -4.32
CA CYS D 78 -39.63 -2.03 -5.21
C CYS D 78 -40.30 -1.97 -6.58
N ASP D 79 -40.84 -0.80 -6.91
CA ASP D 79 -41.45 -0.59 -8.22
C ASP D 79 -40.61 0.43 -8.97
N SER D 80 -39.55 -0.04 -9.60
CA SER D 80 -38.62 0.83 -10.30
C SER D 80 -38.12 0.15 -11.58
N PRO D 81 -37.90 0.94 -12.64
CA PRO D 81 -37.32 0.43 -13.89
C PRO D 81 -35.84 0.07 -13.74
N TYR D 82 -35.30 0.14 -12.52
CA TYR D 82 -33.93 -0.26 -12.27
C TYR D 82 -33.86 -1.49 -11.39
N VAL D 83 -35.02 -1.98 -10.95
CA VAL D 83 -35.10 -3.18 -10.14
C VAL D 83 -36.01 -4.20 -10.82
N VAL D 84 -35.47 -5.39 -11.09
CA VAL D 84 -36.23 -6.45 -11.75
C VAL D 84 -37.60 -6.60 -11.09
N LYS D 85 -38.65 -6.56 -11.90
CA LYS D 85 -40.02 -6.59 -11.39
C LYS D 85 -40.48 -8.00 -11.03
N TYR D 86 -41.30 -8.09 -9.99
CA TYR D 86 -41.93 -9.35 -9.59
C TYR D 86 -43.41 -9.31 -9.96
N TYR D 87 -43.83 -10.29 -10.76
CA TYR D 87 -45.20 -10.31 -11.28
C TYR D 87 -46.16 -11.09 -10.38
N GLY D 88 -45.69 -12.20 -9.84
CA GLY D 88 -46.50 -13.03 -8.97
C GLY D 88 -45.90 -14.42 -8.80
N SER D 89 -46.54 -15.25 -7.98
CA SER D 89 -46.05 -16.61 -7.76
C SER D 89 -47.18 -17.64 -7.73
N TYR D 90 -46.83 -18.88 -8.05
CA TYR D 90 -47.78 -19.99 -8.01
C TYR D 90 -47.18 -21.13 -7.19
N PHE D 91 -48.04 -21.91 -6.55
CA PHE D 91 -47.61 -23.15 -5.89
C PHE D 91 -48.03 -24.32 -6.77
N LYS D 92 -47.06 -25.12 -7.21
CA LYS D 92 -47.33 -26.20 -8.15
C LYS D 92 -46.34 -27.34 -8.01
N ASN D 93 -46.83 -28.49 -7.56
CA ASN D 93 -46.00 -29.69 -7.44
C ASN D 93 -44.76 -29.49 -6.58
N THR D 94 -44.97 -29.10 -5.33
CA THR D 94 -43.88 -28.94 -4.38
C THR D 94 -42.90 -27.80 -4.74
N ASP D 95 -43.11 -27.15 -5.87
CA ASP D 95 -42.24 -26.06 -6.30
C ASP D 95 -43.00 -24.74 -6.29
N LEU D 96 -42.33 -23.69 -5.83
CA LEU D 96 -42.90 -22.34 -5.87
C LEU D 96 -42.44 -21.65 -7.15
N TRP D 97 -43.39 -21.33 -8.02
CA TRP D 97 -43.07 -20.68 -9.29
C TRP D 97 -43.07 -19.16 -9.16
N ILE D 98 -41.89 -18.57 -9.28
CA ILE D 98 -41.75 -17.12 -9.17
C ILE D 98 -41.65 -16.52 -10.56
N VAL D 99 -42.61 -15.66 -10.89
CA VAL D 99 -42.65 -15.01 -12.20
C VAL D 99 -42.11 -13.59 -12.07
N MET D 100 -41.17 -13.24 -12.95
CA MET D 100 -40.50 -11.96 -12.85
C MET D 100 -40.10 -11.44 -14.24
N GLU D 101 -39.72 -10.17 -14.29
CA GLU D 101 -39.35 -9.53 -15.55
C GLU D 101 -38.22 -10.29 -16.24
N TYR D 102 -38.32 -10.40 -17.56
CA TYR D 102 -37.35 -11.15 -18.34
C TYR D 102 -36.27 -10.23 -18.90
N CYS D 103 -35.04 -10.39 -18.39
CA CYS D 103 -33.90 -9.65 -18.89
C CYS D 103 -33.09 -10.54 -19.81
N GLY D 104 -33.36 -10.40 -21.11
CA GLY D 104 -32.88 -11.34 -22.11
C GLY D 104 -31.39 -11.61 -22.14
N ALA D 105 -30.59 -10.58 -21.88
CA ALA D 105 -29.14 -10.70 -22.00
C ALA D 105 -28.54 -11.50 -20.83
N GLY D 106 -29.25 -11.53 -19.70
CA GLY D 106 -28.75 -12.19 -18.51
C GLY D 106 -28.05 -11.20 -17.59
N SER D 107 -27.08 -11.68 -16.82
CA SER D 107 -26.31 -10.80 -15.95
C SER D 107 -25.04 -10.34 -16.68
N VAL D 108 -24.52 -9.20 -16.24
CA VAL D 108 -23.29 -8.67 -16.81
C VAL D 108 -22.21 -9.75 -16.80
N SER D 109 -22.18 -10.53 -15.71
CA SER D 109 -21.23 -11.63 -15.59
C SER D 109 -21.46 -12.67 -16.69
N ASP D 110 -22.72 -13.08 -16.86
CA ASP D 110 -23.09 -14.04 -17.90
C ASP D 110 -22.64 -13.57 -19.28
N ILE D 111 -22.84 -12.28 -19.55
CA ILE D 111 -22.44 -11.70 -20.82
C ILE D 111 -20.94 -11.85 -21.01
N ILE D 112 -20.17 -11.43 -20.01
CA ILE D 112 -18.72 -11.50 -20.07
C ILE D 112 -18.25 -12.93 -20.17
N ARG D 113 -19.01 -13.85 -19.59
CA ARG D 113 -18.69 -15.26 -19.65
C ARG D 113 -18.98 -15.81 -21.05
N LEU D 114 -20.10 -15.39 -21.62
CA LEU D 114 -20.58 -15.93 -22.90
C LEU D 114 -19.68 -15.53 -24.07
N ARG D 115 -19.43 -14.24 -24.20
CA ARG D 115 -18.61 -13.75 -25.31
C ARG D 115 -17.13 -14.06 -25.06
N ASN D 116 -16.79 -14.43 -23.84
CA ASN D 116 -15.41 -14.68 -23.47
C ASN D 116 -14.56 -13.43 -23.69
N LYS D 117 -15.17 -12.27 -23.44
CA LYS D 117 -14.50 -10.99 -23.58
C LYS D 117 -14.99 -10.04 -22.49
N THR D 118 -14.09 -9.23 -21.96
CA THR D 118 -14.46 -8.25 -20.95
C THR D 118 -15.19 -7.09 -21.62
N LEU D 119 -15.62 -6.12 -20.82
CA LEU D 119 -16.35 -4.97 -21.34
C LEU D 119 -15.42 -3.78 -21.54
N ILE D 120 -15.61 -3.08 -22.66
CA ILE D 120 -14.84 -1.88 -22.95
C ILE D 120 -15.45 -0.70 -22.19
N GLU D 121 -14.74 0.43 -22.14
CA GLU D 121 -15.11 1.53 -21.24
C GLU D 121 -16.52 2.07 -21.44
N ASP D 122 -16.82 2.57 -22.63
CA ASP D 122 -18.13 3.15 -22.90
C ASP D 122 -19.27 2.17 -22.57
N GLU D 123 -19.08 0.91 -22.92
CA GLU D 123 -20.04 -0.13 -22.56
C GLU D 123 -20.22 -0.14 -21.05
N ILE D 124 -19.11 -0.06 -20.33
CA ILE D 124 -19.14 -0.04 -18.87
C ILE D 124 -19.86 1.20 -18.35
N ALA D 125 -19.46 2.36 -18.86
CA ALA D 125 -20.03 3.62 -18.38
C ALA D 125 -21.55 3.65 -18.50
N THR D 126 -22.07 3.13 -19.60
CA THR D 126 -23.52 3.08 -19.81
C THR D 126 -24.20 2.17 -18.79
N ILE D 127 -23.68 0.96 -18.64
CA ILE D 127 -24.24 0.00 -17.70
C ILE D 127 -24.25 0.58 -16.29
N LEU D 128 -23.16 1.26 -15.93
CA LEU D 128 -23.01 1.79 -14.58
C LEU D 128 -23.91 3.00 -14.34
N LYS D 129 -24.22 3.74 -15.40
CA LYS D 129 -25.07 4.92 -15.27
C LYS D 129 -26.46 4.52 -14.80
N SER D 130 -27.01 3.48 -15.43
CA SER D 130 -28.32 2.97 -15.03
C SER D 130 -28.24 2.40 -13.62
N THR D 131 -27.29 1.51 -13.41
CA THR D 131 -27.09 0.90 -12.10
C THR D 131 -27.10 1.98 -11.03
N LEU D 132 -26.42 3.09 -11.30
CA LEU D 132 -26.35 4.21 -10.34
C LEU D 132 -27.72 4.81 -10.10
N LYS D 133 -28.46 5.05 -11.18
CA LYS D 133 -29.83 5.53 -11.06
C LYS D 133 -30.60 4.63 -10.09
N GLY D 134 -30.33 3.34 -10.18
CA GLY D 134 -30.95 2.35 -9.31
C GLY D 134 -30.55 2.54 -7.87
N LEU D 135 -29.25 2.43 -7.60
CA LEU D 135 -28.72 2.61 -6.26
C LEU D 135 -29.20 3.93 -5.65
N GLU D 136 -29.30 4.94 -6.50
CA GLU D 136 -29.80 6.24 -6.07
C GLU D 136 -31.23 6.14 -5.55
N TYR D 137 -32.09 5.44 -6.28
CA TYR D 137 -33.46 5.22 -5.84
C TYR D 137 -33.52 4.42 -4.55
N LEU D 138 -32.80 3.30 -4.51
CA LEU D 138 -32.75 2.45 -3.33
C LEU D 138 -32.30 3.25 -2.12
N HIS D 139 -31.22 4.00 -2.27
CA HIS D 139 -30.64 4.73 -1.16
C HIS D 139 -31.58 5.81 -0.65
N PHE D 140 -32.32 6.46 -1.56
CA PHE D 140 -33.26 7.49 -1.16
C PHE D 140 -34.44 6.88 -0.41
N MET D 141 -34.78 5.65 -0.77
CA MET D 141 -35.87 4.92 -0.11
C MET D 141 -35.42 4.33 1.22
N ARG D 142 -34.19 4.67 1.63
CA ARG D 142 -33.63 4.16 2.87
C ARG D 142 -33.42 2.65 2.79
N LYS D 143 -33.14 2.16 1.59
CA LYS D 143 -32.85 0.75 1.39
C LYS D 143 -31.41 0.54 0.95
N ILE D 144 -30.91 -0.68 1.12
CA ILE D 144 -29.55 -1.02 0.79
C ILE D 144 -29.51 -2.39 0.11
N HIS D 145 -28.80 -2.48 -1.01
CA HIS D 145 -28.71 -3.74 -1.74
C HIS D 145 -27.94 -4.77 -0.93
N ARG D 146 -26.86 -4.34 -0.30
CA ARG D 146 -26.07 -5.20 0.58
C ARG D 146 -25.41 -6.36 -0.17
N ASN D 147 -25.44 -6.34 -1.50
CA ASN D 147 -24.92 -7.46 -2.28
C ASN D 147 -24.77 -7.17 -3.77
N ILE D 148 -24.21 -6.00 -4.09
CA ILE D 148 -23.98 -5.62 -5.48
C ILE D 148 -22.79 -6.37 -6.09
N LYS D 149 -22.95 -6.79 -7.33
CA LYS D 149 -21.87 -7.43 -8.08
C LYS D 149 -22.32 -7.70 -9.51
N ALA D 150 -21.37 -7.93 -10.41
CA ALA D 150 -21.66 -8.07 -11.83
C ALA D 150 -22.76 -9.10 -12.11
N GLY D 151 -22.74 -10.19 -11.35
CA GLY D 151 -23.69 -11.28 -11.57
C GLY D 151 -25.13 -10.94 -11.16
N ASN D 152 -25.30 -9.82 -10.46
CA ASN D 152 -26.62 -9.39 -10.03
C ASN D 152 -27.07 -8.09 -10.69
N ILE D 153 -26.44 -7.77 -11.83
CA ILE D 153 -26.90 -6.67 -12.67
C ILE D 153 -27.37 -7.26 -13.98
N LEU D 154 -28.69 -7.27 -14.18
CA LEU D 154 -29.28 -7.89 -15.36
C LEU D 154 -29.55 -6.87 -16.46
N LEU D 155 -29.21 -7.23 -17.70
CA LEU D 155 -29.52 -6.40 -18.85
C LEU D 155 -30.67 -7.03 -19.64
N ASN D 156 -31.72 -6.25 -19.89
CA ASN D 156 -32.78 -6.71 -20.78
C ASN D 156 -32.35 -6.48 -22.22
N THR D 157 -33.24 -6.75 -23.17
CA THR D 157 -32.89 -6.71 -24.58
C THR D 157 -32.72 -5.29 -25.12
N GLU D 158 -33.29 -4.31 -24.42
CA GLU D 158 -33.18 -2.91 -24.86
C GLU D 158 -31.94 -2.25 -24.27
N GLY D 159 -31.25 -2.94 -23.38
CA GLY D 159 -29.97 -2.48 -22.86
C GLY D 159 -30.02 -1.81 -21.50
N HIS D 160 -31.16 -1.90 -20.81
CA HIS D 160 -31.28 -1.32 -19.48
C HIS D 160 -30.88 -2.28 -18.38
N ALA D 161 -29.96 -1.86 -17.54
CA ALA D 161 -29.47 -2.67 -16.44
C ALA D 161 -30.44 -2.63 -15.27
N LYS D 162 -30.57 -3.75 -14.56
CA LYS D 162 -31.50 -3.84 -13.45
C LYS D 162 -30.89 -4.63 -12.28
N LEU D 163 -31.17 -4.17 -11.07
CA LEU D 163 -30.66 -4.80 -9.86
C LEU D 163 -31.46 -6.05 -9.54
N ALA D 164 -30.77 -7.11 -9.16
CA ALA D 164 -31.41 -8.39 -8.87
C ALA D 164 -30.72 -9.09 -7.71
N ASP D 165 -31.32 -10.17 -7.23
CA ASP D 165 -30.78 -10.93 -6.10
C ASP D 165 -30.30 -9.99 -4.99
N PHE D 166 -31.24 -9.24 -4.42
CA PHE D 166 -30.94 -8.33 -3.32
C PHE D 166 -30.43 -9.08 -2.10
N GLY D 167 -29.78 -8.37 -1.19
CA GLY D 167 -29.39 -8.91 0.10
C GLY D 167 -30.36 -8.42 1.16
N VAL D 168 -30.55 -9.20 2.22
CA VAL D 168 -31.54 -8.87 3.24
C VAL D 168 -30.89 -8.47 4.56
N ALA D 169 -31.46 -7.46 5.20
CA ALA D 169 -30.93 -6.90 6.42
C ALA D 169 -30.62 -7.98 7.47
N GLY D 170 -29.48 -7.84 8.12
CA GLY D 170 -29.11 -8.72 9.22
C GLY D 170 -28.55 -10.05 8.78
N GLN D 171 -28.30 -10.20 7.48
CA GLN D 171 -27.84 -11.49 6.95
C GLN D 171 -26.47 -11.88 7.50
N LEU D 172 -25.72 -10.92 8.03
CA LEU D 172 -24.41 -11.18 8.60
C LEU D 172 -24.50 -11.67 10.04
N THR D 173 -25.62 -11.38 10.70
CA THR D 173 -25.77 -11.70 12.12
C THR D 173 -26.94 -12.63 12.40
N ASP D 174 -27.21 -13.54 11.47
CA ASP D 174 -28.31 -14.50 11.64
C ASP D 174 -27.84 -15.95 11.51
N THR D 175 -27.12 -16.40 12.53
CA THR D 175 -26.78 -17.81 12.70
C THR D 175 -25.54 -18.26 11.93
N MET D 176 -25.71 -19.15 10.93
CA MET D 176 -24.55 -19.82 10.38
C MET D 176 -24.56 -19.91 8.85
N ALA D 177 -25.70 -20.25 8.28
CA ALA D 177 -25.76 -20.50 6.84
C ALA D 177 -25.34 -19.29 6.02
N LYS D 178 -26.04 -18.17 6.19
CA LYS D 178 -25.73 -16.96 5.42
C LYS D 178 -24.73 -16.08 6.16
N ARG D 179 -24.56 -16.32 7.45
CA ARG D 179 -23.49 -15.68 8.20
C ARG D 179 -22.16 -16.18 7.65
N ASN D 180 -22.19 -17.33 7.00
CA ASN D 180 -20.98 -17.98 6.51
C ASN D 180 -20.92 -18.11 4.98
N THR D 181 -22.08 -18.03 4.32
CA THR D 181 -22.12 -18.05 2.86
C THR D 181 -21.65 -16.71 2.30
N VAL D 182 -21.98 -15.64 3.01
CA VAL D 182 -21.52 -14.31 2.66
C VAL D 182 -20.01 -14.21 2.86
N ILE D 183 -19.52 -14.85 3.91
CA ILE D 183 -18.10 -14.83 4.24
C ILE D 183 -17.26 -15.56 3.19
N GLY D 184 -17.86 -16.57 2.55
CA GLY D 184 -17.17 -17.36 1.56
C GLY D 184 -16.78 -16.57 0.33
N THR D 185 -17.42 -15.42 0.13
CA THR D 185 -17.17 -14.57 -1.02
C THR D 185 -17.29 -13.10 -0.64
N PRO D 186 -16.25 -12.55 0.00
CA PRO D 186 -16.24 -11.20 0.55
C PRO D 186 -15.58 -10.17 -0.36
N PHE D 187 -15.32 -10.54 -1.61
CA PHE D 187 -14.50 -9.72 -2.50
C PHE D 187 -15.14 -8.38 -2.81
N TRP D 188 -16.48 -8.31 -2.76
CA TRP D 188 -17.19 -7.09 -3.07
C TRP D 188 -17.56 -6.31 -1.82
N MET D 189 -17.13 -6.79 -0.66
CA MET D 189 -17.50 -6.15 0.60
C MET D 189 -16.65 -4.90 0.85
N ALA D 190 -17.29 -3.84 1.31
CA ALA D 190 -16.59 -2.63 1.69
C ALA D 190 -15.82 -2.89 2.99
N PRO D 191 -14.71 -2.16 3.20
CA PRO D 191 -13.87 -2.36 4.39
C PRO D 191 -14.63 -2.18 5.70
N GLU D 192 -15.52 -1.20 5.76
CA GLU D 192 -16.26 -0.93 6.99
C GLU D 192 -17.30 -2.01 7.28
N VAL D 193 -17.75 -2.70 6.25
CA VAL D 193 -18.71 -3.78 6.42
C VAL D 193 -18.05 -4.97 7.13
N ILE D 194 -16.75 -5.13 6.91
CA ILE D 194 -15.99 -6.20 7.55
C ILE D 194 -15.69 -5.87 9.01
N GLN D 195 -15.47 -4.59 9.30
CA GLN D 195 -15.09 -4.16 10.64
C GLN D 195 -16.29 -3.84 11.52
N GLU D 196 -17.29 -3.18 10.95
CA GLU D 196 -18.49 -2.79 11.70
C GLU D 196 -19.56 -3.89 11.69
N ILE D 197 -19.32 -4.96 10.92
CA ILE D 197 -20.32 -6.03 10.78
C ILE D 197 -21.70 -5.43 10.56
N GLY D 198 -21.93 -4.94 9.35
CA GLY D 198 -23.19 -4.30 9.00
C GLY D 198 -23.03 -3.47 7.74
N TYR D 199 -24.13 -2.99 7.20
CA TYR D 199 -24.10 -2.23 5.95
C TYR D 199 -24.66 -0.82 6.12
N ASN D 200 -24.17 0.09 5.28
CA ASN D 200 -24.73 1.43 5.17
C ASN D 200 -24.98 1.76 3.71
N CYS D 201 -25.77 2.80 3.45
CA CYS D 201 -26.13 3.16 2.08
C CYS D 201 -24.90 3.12 1.17
N VAL D 202 -23.81 3.70 1.64
CA VAL D 202 -22.60 3.86 0.84
C VAL D 202 -21.85 2.54 0.58
N ALA D 203 -22.17 1.52 1.35
CA ALA D 203 -21.51 0.22 1.19
C ALA D 203 -21.66 -0.34 -0.23
N ASP D 204 -22.74 0.01 -0.90
CA ASP D 204 -22.98 -0.47 -2.26
C ASP D 204 -22.07 0.24 -3.26
N ILE D 205 -21.71 1.48 -2.97
CA ILE D 205 -20.86 2.25 -3.86
C ILE D 205 -19.48 1.62 -3.98
N TRP D 206 -18.93 1.17 -2.84
CA TRP D 206 -17.68 0.43 -2.87
C TRP D 206 -17.83 -0.79 -3.76
N SER D 207 -18.87 -1.58 -3.49
CA SER D 207 -19.15 -2.76 -4.29
C SER D 207 -19.20 -2.38 -5.78
N LEU D 208 -19.89 -1.29 -6.10
CA LEU D 208 -20.02 -0.84 -7.47
C LEU D 208 -18.65 -0.54 -8.07
N GLY D 209 -17.77 0.03 -7.25
CA GLY D 209 -16.40 0.29 -7.67
C GLY D 209 -15.72 -1.02 -8.01
N ILE D 210 -15.82 -2.00 -7.10
CA ILE D 210 -15.23 -3.30 -7.31
C ILE D 210 -15.82 -3.99 -8.55
N THR D 211 -17.12 -3.78 -8.77
CA THR D 211 -17.79 -4.37 -9.92
C THR D 211 -17.25 -3.75 -11.21
N SER D 212 -16.94 -2.46 -11.15
CA SER D 212 -16.38 -1.76 -12.30
C SER D 212 -15.08 -2.44 -12.73
N ILE D 213 -14.25 -2.78 -11.74
CA ILE D 213 -13.01 -3.50 -12.02
C ILE D 213 -13.34 -4.90 -12.54
N GLU D 214 -14.34 -5.54 -11.94
CA GLU D 214 -14.77 -6.86 -12.38
C GLU D 214 -15.15 -6.87 -13.85
N MET D 215 -15.87 -5.83 -14.28
CA MET D 215 -16.32 -5.71 -15.66
C MET D 215 -15.16 -5.40 -16.60
N ALA D 216 -14.18 -4.69 -16.10
CA ALA D 216 -13.06 -4.24 -16.93
C ALA D 216 -11.98 -5.31 -17.06
N GLU D 217 -11.79 -6.10 -16.00
CA GLU D 217 -10.69 -7.06 -15.96
C GLU D 217 -11.17 -8.51 -15.97
N GLY D 218 -12.45 -8.74 -15.68
CA GLY D 218 -13.01 -10.07 -15.74
C GLY D 218 -13.28 -10.68 -14.38
N LYS D 219 -12.48 -10.28 -13.38
CA LYS D 219 -12.63 -10.79 -12.03
C LYS D 219 -12.22 -9.71 -11.04
N PRO D 220 -12.80 -9.74 -9.83
CA PRO D 220 -12.49 -8.71 -8.82
C PRO D 220 -11.12 -8.92 -8.20
N PRO D 221 -10.57 -7.87 -7.58
CA PRO D 221 -9.28 -8.02 -6.87
C PRO D 221 -9.35 -9.08 -5.77
N TYR D 222 -8.29 -9.87 -5.65
CA TYR D 222 -8.21 -10.93 -4.65
C TYR D 222 -9.12 -12.11 -5.00
N ALA D 223 -9.57 -12.18 -6.25
CA ALA D 223 -10.48 -13.23 -6.68
C ALA D 223 -9.84 -14.62 -6.55
N ASP D 224 -8.54 -14.68 -6.76
CA ASP D 224 -7.82 -15.95 -6.69
C ASP D 224 -7.19 -16.16 -5.32
N ILE D 225 -7.65 -15.40 -4.33
CA ILE D 225 -7.11 -15.49 -2.99
C ILE D 225 -8.12 -16.04 -1.99
N HIS D 226 -7.64 -16.88 -1.07
CA HIS D 226 -8.48 -17.48 -0.04
C HIS D 226 -9.28 -16.42 0.71
N PRO D 227 -10.60 -16.58 0.80
CA PRO D 227 -11.50 -15.60 1.42
C PRO D 227 -10.99 -15.07 2.75
N MET D 228 -10.72 -15.97 3.69
CA MET D 228 -10.22 -15.60 5.00
C MET D 228 -9.09 -14.56 4.89
N ARG D 229 -8.10 -14.85 4.07
CA ARG D 229 -6.99 -13.92 3.87
C ARG D 229 -7.46 -12.62 3.21
N ALA D 230 -8.49 -12.73 2.37
CA ALA D 230 -9.04 -11.55 1.69
C ALA D 230 -9.82 -10.67 2.66
N ILE D 231 -10.45 -11.29 3.65
CA ILE D 231 -11.20 -10.54 4.66
C ILE D 231 -10.25 -9.68 5.48
N PHE D 232 -9.02 -10.16 5.61
CA PHE D 232 -8.00 -9.43 6.35
C PHE D 232 -7.39 -8.32 5.50
N MET D 233 -7.28 -8.57 4.19
CA MET D 233 -6.60 -7.63 3.29
C MET D 233 -7.45 -6.40 2.96
N ILE D 234 -8.75 -6.59 2.74
CA ILE D 234 -9.62 -5.52 2.29
C ILE D 234 -9.56 -4.30 3.20
N PRO D 235 -9.75 -4.48 4.52
CA PRO D 235 -9.68 -3.32 5.41
C PRO D 235 -8.26 -2.81 5.60
N THR D 236 -7.28 -3.69 5.37
CA THR D 236 -5.87 -3.36 5.58
C THR D 236 -5.28 -2.58 4.40
N ASN D 237 -5.03 -3.29 3.31
CA ASN D 237 -4.39 -2.72 2.13
C ASN D 237 -5.10 -1.48 1.60
N PRO D 238 -4.44 -0.73 0.71
CA PRO D 238 -5.08 0.44 0.12
C PRO D 238 -6.10 0.03 -0.93
N PRO D 239 -7.01 0.95 -1.28
CA PRO D 239 -8.01 0.60 -2.31
C PRO D 239 -7.33 0.03 -3.55
N PRO D 240 -7.94 -1.00 -4.16
CA PRO D 240 -7.35 -1.63 -5.34
C PRO D 240 -7.47 -0.77 -6.60
N THR D 241 -6.73 -1.17 -7.64
CA THR D 241 -6.78 -0.50 -8.92
C THR D 241 -6.65 -1.53 -10.04
N PHE D 242 -6.55 -1.07 -11.28
CA PHE D 242 -6.47 -1.98 -12.41
C PHE D 242 -5.11 -2.68 -12.46
N ARG D 243 -5.12 -3.96 -12.80
CA ARG D 243 -3.89 -4.72 -12.98
C ARG D 243 -3.01 -4.09 -14.05
N LYS D 244 -3.62 -3.29 -14.92
CA LYS D 244 -2.90 -2.56 -15.97
C LYS D 244 -3.52 -1.19 -16.18
N PRO D 245 -3.17 -0.22 -15.31
CA PRO D 245 -3.80 1.11 -15.30
C PRO D 245 -3.57 1.93 -16.57
N GLU D 246 -2.66 1.49 -17.43
CA GLU D 246 -2.33 2.23 -18.65
C GLU D 246 -3.36 1.99 -19.75
N LEU D 247 -4.17 0.94 -19.60
CA LEU D 247 -5.17 0.60 -20.60
C LEU D 247 -6.43 1.46 -20.45
N TRP D 248 -6.54 2.19 -19.35
CA TRP D 248 -7.79 2.85 -19.01
C TRP D 248 -7.68 4.36 -18.98
N SER D 249 -8.79 5.02 -19.30
CA SER D 249 -8.86 6.48 -19.35
C SER D 249 -8.73 7.10 -17.96
N ASP D 250 -8.54 8.41 -17.93
CA ASP D 250 -8.47 9.14 -16.67
C ASP D 250 -9.84 9.17 -16.02
N ASP D 251 -10.88 9.37 -16.81
CA ASP D 251 -12.24 9.40 -16.30
C ASP D 251 -12.58 8.09 -15.59
N PHE D 252 -12.24 6.97 -16.23
CA PHE D 252 -12.52 5.67 -15.64
C PHE D 252 -11.71 5.48 -14.36
N THR D 253 -10.40 5.69 -14.46
CA THR D 253 -9.52 5.56 -13.30
C THR D 253 -10.02 6.38 -12.11
N ASP D 254 -10.35 7.64 -12.37
CA ASP D 254 -10.77 8.54 -11.30
C ASP D 254 -12.12 8.12 -10.72
N PHE D 255 -13.03 7.69 -11.57
CA PHE D 255 -14.33 7.21 -11.12
C PHE D 255 -14.17 6.09 -10.09
N VAL D 256 -13.38 5.09 -10.45
CA VAL D 256 -13.13 3.97 -9.54
C VAL D 256 -12.49 4.46 -8.25
N LYS D 257 -11.66 5.49 -8.37
CA LYS D 257 -10.98 6.06 -7.21
C LYS D 257 -11.96 6.71 -6.24
N LYS D 258 -13.06 7.26 -6.75
CA LYS D 258 -14.06 7.90 -5.92
C LYS D 258 -15.00 6.89 -5.25
N CYS D 259 -15.11 5.70 -5.86
CA CYS D 259 -15.94 4.65 -5.30
C CYS D 259 -15.19 3.88 -4.21
N LEU D 260 -13.90 3.66 -4.45
CA LEU D 260 -13.10 2.87 -3.52
C LEU D 260 -12.43 3.75 -2.47
N VAL D 261 -13.25 4.55 -1.78
CA VAL D 261 -12.79 5.40 -0.69
C VAL D 261 -13.11 4.72 0.63
N LYS D 262 -12.07 4.26 1.33
CA LYS D 262 -12.25 3.38 2.49
C LYS D 262 -13.10 4.00 3.60
N ASN D 263 -12.90 5.28 3.89
CA ASN D 263 -13.76 5.97 4.84
C ASN D 263 -15.13 6.24 4.20
N PRO D 264 -16.18 5.56 4.67
CA PRO D 264 -17.51 5.76 4.08
C PRO D 264 -17.99 7.21 4.20
N GLU D 265 -17.49 7.92 5.20
CA GLU D 265 -17.87 9.32 5.39
C GLU D 265 -17.35 10.17 4.23
N GLN D 266 -16.30 9.70 3.59
CA GLN D 266 -15.65 10.44 2.51
C GLN D 266 -15.89 9.81 1.15
N ARG D 267 -16.54 8.65 1.13
CA ARG D 267 -16.87 7.98 -0.12
C ARG D 267 -18.08 8.64 -0.75
N ALA D 268 -18.05 8.81 -2.07
CA ALA D 268 -19.12 9.48 -2.81
C ALA D 268 -20.44 8.70 -2.75
N THR D 269 -21.54 9.43 -2.92
CA THR D 269 -22.86 8.81 -3.00
C THR D 269 -23.23 8.59 -4.46
N ALA D 270 -24.24 7.77 -4.70
CA ALA D 270 -24.69 7.49 -6.07
C ALA D 270 -25.12 8.78 -6.76
N THR D 271 -25.91 9.59 -6.07
CA THR D 271 -26.37 10.87 -6.59
C THR D 271 -25.18 11.68 -7.09
N GLN D 272 -24.13 11.73 -6.27
CA GLN D 272 -22.92 12.48 -6.62
C GLN D 272 -22.17 11.83 -7.78
N LEU D 273 -22.09 10.50 -7.76
CA LEU D 273 -21.37 9.78 -8.81
C LEU D 273 -22.01 9.90 -10.19
N LEU D 274 -23.28 10.28 -10.24
CA LEU D 274 -23.95 10.49 -11.52
C LEU D 274 -23.39 11.70 -12.26
N GLN D 275 -22.80 12.63 -11.51
CA GLN D 275 -22.28 13.87 -12.11
C GLN D 275 -20.81 13.72 -12.51
N HIS D 276 -20.22 12.57 -12.21
CA HIS D 276 -18.83 12.32 -12.56
C HIS D 276 -18.70 12.14 -14.08
N PRO D 277 -17.76 12.85 -14.72
CA PRO D 277 -17.61 12.81 -16.18
C PRO D 277 -17.76 11.42 -16.80
N PHE D 278 -17.00 10.45 -16.32
CA PHE D 278 -17.10 9.08 -16.83
C PHE D 278 -18.55 8.64 -16.96
N ILE D 279 -19.36 9.00 -15.97
CA ILE D 279 -20.77 8.60 -15.95
C ILE D 279 -21.66 9.60 -16.70
N LYS D 280 -21.38 10.89 -16.56
CA LYS D 280 -22.20 11.91 -17.20
C LYS D 280 -21.93 11.99 -18.70
N ASN D 281 -20.86 11.34 -19.15
CA ASN D 281 -20.53 11.30 -20.58
C ASN D 281 -20.82 9.92 -21.18
N ALA D 282 -21.54 9.09 -20.43
CA ALA D 282 -21.90 7.75 -20.89
C ALA D 282 -22.80 7.89 -22.11
N LYS D 283 -22.61 7.01 -23.08
CA LYS D 283 -23.40 7.03 -24.30
C LYS D 283 -24.84 6.62 -24.00
N PRO D 284 -25.77 6.91 -24.93
CA PRO D 284 -27.13 6.41 -24.77
C PRO D 284 -27.16 4.88 -24.74
N VAL D 285 -28.22 4.31 -24.18
CA VAL D 285 -28.29 2.88 -23.93
C VAL D 285 -28.08 2.07 -25.20
N SER D 286 -28.43 2.66 -26.34
CA SER D 286 -28.39 1.96 -27.63
C SER D 286 -27.04 1.33 -27.96
N ILE D 287 -25.96 1.80 -27.32
CA ILE D 287 -24.64 1.27 -27.63
C ILE D 287 -24.47 -0.17 -27.16
N LEU D 288 -25.41 -0.67 -26.37
CA LEU D 288 -25.31 -2.01 -25.80
C LEU D 288 -26.03 -3.05 -26.66
N ARG D 289 -26.77 -2.59 -27.66
CA ARG D 289 -27.56 -3.48 -28.50
C ARG D 289 -26.70 -4.51 -29.22
N ASP D 290 -25.50 -4.09 -29.63
CA ASP D 290 -24.59 -4.98 -30.35
C ASP D 290 -24.07 -6.12 -29.46
N LEU D 291 -23.49 -5.78 -28.32
CA LEU D 291 -22.95 -6.81 -27.43
C LEU D 291 -24.06 -7.69 -26.86
N ILE D 292 -25.23 -7.09 -26.66
CA ILE D 292 -26.39 -7.83 -26.18
C ILE D 292 -26.86 -8.86 -27.19
N THR D 293 -26.89 -8.45 -28.47
CA THR D 293 -27.27 -9.36 -29.54
C THR D 293 -26.31 -10.54 -29.57
N GLU D 294 -25.01 -10.26 -29.62
CA GLU D 294 -24.00 -11.30 -29.65
C GLU D 294 -24.23 -12.29 -28.50
N ALA D 295 -24.56 -11.77 -27.33
CA ALA D 295 -24.75 -12.60 -26.15
C ALA D 295 -25.91 -13.58 -26.32
N MET D 296 -27.08 -13.06 -26.67
CA MET D 296 -28.27 -13.90 -26.83
C MET D 296 -28.11 -14.88 -27.99
N GLU D 297 -27.52 -14.41 -29.07
CA GLU D 297 -27.24 -15.28 -30.21
C GLU D 297 -26.35 -16.45 -29.77
N ILE D 298 -25.39 -16.15 -28.89
CA ILE D 298 -24.49 -17.18 -28.37
C ILE D 298 -25.22 -18.13 -27.43
N LYS D 299 -26.00 -17.56 -26.51
CA LYS D 299 -26.75 -18.37 -25.55
C LYS D 299 -27.70 -19.30 -26.29
N ALA D 300 -28.33 -18.78 -27.33
CA ALA D 300 -29.23 -19.58 -28.15
C ALA D 300 -28.45 -20.66 -28.89
N LYS D 301 -27.35 -20.27 -29.51
CA LYS D 301 -26.51 -21.21 -30.24
C LYS D 301 -26.04 -22.33 -29.32
N ARG D 302 -25.85 -22.00 -28.05
CA ARG D 302 -25.41 -22.99 -27.06
C ARG D 302 -26.54 -23.94 -26.68
N HIS D 303 -27.75 -23.41 -26.56
CA HIS D 303 -28.92 -24.21 -26.17
C HIS D 303 -29.27 -25.19 -27.28
N GLU D 304 -29.32 -24.71 -28.51
CA GLU D 304 -29.60 -25.56 -29.66
C GLU D 304 -28.57 -26.67 -29.75
N GLU D 305 -27.30 -26.31 -29.59
CA GLU D 305 -26.21 -27.27 -29.64
C GLU D 305 -26.35 -28.32 -28.55
N GLN D 306 -26.83 -27.91 -27.38
CA GLN D 306 -26.92 -28.80 -26.23
C GLN D 306 -28.14 -29.72 -26.32
N GLN D 307 -29.21 -29.22 -26.94
CA GLN D 307 -30.40 -30.03 -27.15
C GLN D 307 -30.13 -31.14 -28.15
N ARG D 308 -29.45 -30.80 -29.25
CA ARG D 308 -29.13 -31.78 -30.28
C ARG D 308 -28.15 -32.83 -29.77
N GLU D 309 -27.53 -32.57 -28.62
CA GLU D 309 -26.58 -33.51 -28.03
C GLU D 309 -27.24 -34.46 -27.04
N LEU D 310 -28.12 -33.92 -26.19
CA LEU D 310 -28.80 -34.74 -25.19
C LEU D 310 -29.86 -35.64 -25.83
N GLU D 311 -30.26 -35.31 -27.06
CA GLU D 311 -31.23 -36.11 -27.78
C GLU D 311 -30.57 -37.36 -28.36
N GLU D 312 -29.43 -37.18 -29.02
CA GLU D 312 -28.74 -38.27 -29.70
C GLU D 312 -28.42 -39.43 -28.78
N GLU D 313 -27.20 -39.45 -28.24
CA GLU D 313 -26.76 -40.53 -27.38
C GLU D 313 -27.46 -40.47 -26.02
N GLU D 314 -28.72 -40.90 -26.00
CA GLU D 314 -29.54 -40.87 -24.80
C GLU D 314 -29.22 -42.02 -23.85
N LEU D 342 -32.28 -50.95 -24.04
CA LEU D 342 -32.30 -50.42 -22.68
C LEU D 342 -31.17 -51.03 -21.86
N ASP D 343 -30.85 -52.29 -22.12
CA ASP D 343 -29.81 -52.99 -21.39
C ASP D 343 -28.41 -52.50 -21.76
N PRO D 344 -28.16 -52.29 -23.07
CA PRO D 344 -26.86 -51.75 -23.48
C PRO D 344 -26.56 -50.38 -22.88
N MET D 345 -27.57 -49.74 -22.31
CA MET D 345 -27.39 -48.42 -21.67
C MET D 345 -27.57 -48.51 -20.16
N MET D 346 -27.95 -49.68 -19.66
CA MET D 346 -27.99 -49.92 -18.22
C MET D 346 -26.64 -50.42 -17.76
N GLU D 347 -26.10 -51.40 -18.49
CA GLU D 347 -24.79 -51.96 -18.18
C GLU D 347 -23.68 -51.08 -18.72
N ARG D 348 -24.04 -49.97 -19.35
CA ARG D 348 -23.08 -48.93 -19.70
C ARG D 348 -22.99 -47.94 -18.55
N GLU D 349 -23.98 -48.01 -17.65
CA GLU D 349 -24.01 -47.17 -16.46
C GLU D 349 -23.52 -47.96 -15.25
N ILE D 350 -23.70 -49.28 -15.28
CA ILE D 350 -23.25 -50.14 -14.19
C ILE D 350 -21.76 -50.41 -14.29
N GLU D 351 -21.28 -50.73 -15.49
CA GLU D 351 -19.85 -50.93 -15.69
C GLU D 351 -19.10 -49.62 -15.50
N GLU D 352 -19.80 -48.51 -15.68
CA GLU D 352 -19.23 -47.21 -15.38
C GLU D 352 -19.14 -47.02 -13.87
N LEU D 353 -20.08 -47.66 -13.16
CA LEU D 353 -20.09 -47.61 -11.71
C LEU D 353 -19.08 -48.60 -11.13
N ARG D 354 -18.87 -49.71 -11.83
CA ARG D 354 -17.92 -50.72 -11.39
C ARG D 354 -16.48 -50.22 -11.51
N GLN D 355 -16.20 -49.48 -12.58
CA GLN D 355 -14.88 -48.92 -12.79
C GLN D 355 -14.56 -47.85 -11.74
N ARG D 356 -15.59 -47.13 -11.31
CA ARG D 356 -15.42 -46.04 -10.37
C ARG D 356 -15.03 -46.54 -8.98
N TYR D 357 -15.42 -47.77 -8.67
CA TYR D 357 -15.11 -48.37 -7.37
C TYR D 357 -13.74 -49.07 -7.40
N THR D 358 -13.33 -49.50 -8.57
CA THR D 358 -12.01 -50.10 -8.74
C THR D 358 -10.96 -49.05 -8.42
N ALA D 359 -11.29 -47.79 -8.71
CA ALA D 359 -10.40 -46.67 -8.44
C ALA D 359 -10.38 -46.35 -6.95
N LYS D 360 -11.52 -46.51 -6.30
CA LYS D 360 -11.63 -46.22 -4.86
C LYS D 360 -10.80 -47.20 -4.03
N ARG D 361 -10.72 -48.44 -4.47
CA ARG D 361 -10.05 -49.48 -3.68
C ARG D 361 -8.69 -49.84 -4.23
N GLN D 362 -8.21 -49.10 -5.22
CA GLN D 362 -6.89 -49.37 -5.78
C GLN D 362 -5.81 -49.16 -4.72
N PRO D 363 -5.95 -48.10 -3.91
CA PRO D 363 -5.01 -47.86 -2.81
C PRO D 363 -5.11 -48.93 -1.72
N ILE D 364 -6.32 -49.21 -1.26
CA ILE D 364 -6.54 -50.19 -0.20
C ILE D 364 -6.11 -51.58 -0.64
N LEU D 365 -6.30 -51.87 -1.92
CA LEU D 365 -5.95 -53.18 -2.46
C LEU D 365 -4.43 -53.31 -2.57
N ASP D 366 -3.78 -52.24 -3.02
CA ASP D 366 -2.33 -52.22 -3.14
C ASP D 366 -1.68 -52.27 -1.76
N ALA D 367 -2.32 -51.65 -0.77
CA ALA D 367 -1.81 -51.65 0.59
C ALA D 367 -1.83 -53.05 1.17
N MET D 368 -3.00 -53.70 1.09
CA MET D 368 -3.13 -55.07 1.58
C MET D 368 -2.23 -56.01 0.79
N ASP D 369 -2.08 -55.74 -0.51
CA ASP D 369 -1.24 -56.56 -1.36
C ASP D 369 0.16 -56.69 -0.78
N ALA D 370 0.81 -55.55 -0.57
CA ALA D 370 2.18 -55.54 -0.06
C ALA D 370 2.26 -56.16 1.33
N LYS D 371 1.39 -55.71 2.24
CA LYS D 371 1.42 -56.18 3.62
C LYS D 371 1.22 -57.69 3.72
N LYS D 372 0.50 -58.27 2.77
CA LYS D 372 0.32 -59.72 2.73
C LYS D 372 1.59 -60.40 2.27
N ARG D 373 2.43 -59.65 1.54
CA ARG D 373 3.70 -60.19 1.05
C ARG D 373 4.81 -60.06 2.10
N ARG D 374 4.75 -59.01 2.90
CA ARG D 374 5.77 -58.76 3.92
C ARG D 374 5.75 -59.83 5.01
N GLN D 375 4.56 -60.24 5.42
CA GLN D 375 4.41 -61.27 6.44
C GLN D 375 4.93 -62.61 5.95
N GLN D 376 4.34 -63.12 4.88
CA GLN D 376 4.73 -64.42 4.33
C GLN D 376 6.17 -64.39 3.85
N VAL E 3 17.63 35.72 13.67
CA VAL E 3 18.52 35.43 14.78
C VAL E 3 18.05 36.14 16.06
N GLU E 4 18.11 35.43 17.18
CA GLU E 4 17.81 36.03 18.47
C GLU E 4 19.11 36.45 19.15
N TRP E 5 19.57 37.65 18.83
CA TRP E 5 20.87 38.13 19.28
C TRP E 5 20.95 38.25 20.81
N ASP E 6 19.79 38.23 21.46
CA ASP E 6 19.75 38.31 22.92
C ASP E 6 20.32 37.05 23.55
N ALA E 7 20.59 36.04 22.73
CA ALA E 7 21.07 34.75 23.22
C ALA E 7 22.58 34.71 23.43
N PHE E 8 23.29 35.66 22.82
CA PHE E 8 24.75 35.65 22.88
C PHE E 8 25.28 36.53 24.00
N SER E 9 26.60 36.44 24.24
CA SER E 9 27.25 37.24 25.27
C SER E 9 27.92 38.47 24.67
N ILE E 10 28.49 39.32 25.53
CA ILE E 10 29.13 40.54 25.07
C ILE E 10 30.32 40.24 24.14
N PRO E 11 31.28 39.44 24.62
CA PRO E 11 32.43 39.10 23.77
C PRO E 11 32.03 38.42 22.46
N GLU E 12 31.12 37.45 22.53
CA GLU E 12 30.64 36.79 21.32
C GLU E 12 30.08 37.84 20.37
N LEU E 13 29.02 38.52 20.78
CA LEU E 13 28.41 39.57 19.98
C LEU E 13 29.46 40.52 19.41
N GLN E 14 30.48 40.82 20.20
CA GLN E 14 31.54 41.71 19.75
C GLN E 14 32.28 41.11 18.55
N ASN E 15 32.45 39.79 18.57
CA ASN E 15 33.08 39.09 17.45
C ASN E 15 32.28 39.28 16.16
N PHE E 16 30.97 39.46 16.29
CA PHE E 16 30.10 39.60 15.14
C PHE E 16 30.18 41.00 14.54
N LEU E 17 30.18 42.01 15.40
CA LEU E 17 30.37 43.38 14.94
C LEU E 17 31.69 43.48 14.19
N THR E 18 32.72 42.84 14.73
CA THR E 18 34.04 42.83 14.12
C THR E 18 34.02 42.18 12.73
N ILE E 19 33.28 41.09 12.60
CA ILE E 19 33.18 40.39 11.34
C ILE E 19 32.45 41.22 10.28
N LEU E 20 31.37 41.90 10.70
CA LEU E 20 30.61 42.75 9.81
C LEU E 20 31.43 43.96 9.36
N GLU E 21 32.26 44.48 10.25
CA GLU E 21 33.14 45.58 9.91
C GLU E 21 34.24 45.10 8.96
N LYS E 22 34.80 43.93 9.24
CA LYS E 22 35.82 43.35 8.37
C LYS E 22 35.26 43.09 6.98
N GLU E 23 33.95 42.83 6.91
CA GLU E 23 33.28 42.59 5.64
C GLU E 23 32.99 43.92 4.94
N GLU E 24 32.67 44.94 5.72
CA GLU E 24 32.38 46.27 5.18
C GLU E 24 33.61 46.88 4.53
N GLN E 25 34.72 46.90 5.27
CA GLN E 25 35.95 47.48 4.77
C GLN E 25 36.44 46.76 3.52
N ASP E 26 36.17 45.45 3.45
CA ASP E 26 36.63 44.65 2.32
C ASP E 26 35.76 44.84 1.08
N LYS E 27 34.62 45.51 1.25
CA LYS E 27 33.76 45.82 0.12
C LYS E 27 33.79 47.30 -0.23
N ILE E 28 34.15 48.13 0.75
CA ILE E 28 34.39 49.55 0.47
C ILE E 28 35.68 49.68 -0.32
N GLN E 29 36.62 48.76 -0.09
CA GLN E 29 37.88 48.76 -0.82
C GLN E 29 37.79 47.98 -2.12
N GLN E 30 36.73 47.20 -2.28
CA GLN E 30 36.50 46.45 -3.51
C GLN E 30 35.95 47.40 -4.57
N VAL E 31 35.24 48.43 -4.13
CA VAL E 31 34.69 49.42 -5.05
C VAL E 31 35.73 50.49 -5.37
N GLN E 32 36.64 50.74 -4.43
CA GLN E 32 37.73 51.67 -4.68
C GLN E 32 38.66 51.12 -5.75
N LYS E 33 38.91 49.81 -5.69
CA LYS E 33 39.71 49.14 -6.72
C LYS E 33 38.97 49.11 -8.05
N LYS E 34 37.66 49.32 -8.00
CA LYS E 34 36.84 49.37 -9.20
C LYS E 34 36.89 50.75 -9.84
N TYR E 35 36.89 51.80 -9.00
CA TYR E 35 36.94 53.17 -9.49
C TYR E 35 38.35 53.60 -9.86
N ASP E 36 39.35 52.94 -9.29
CA ASP E 36 40.74 53.24 -9.59
C ASP E 36 41.25 52.44 -10.78
N LYS E 37 40.48 51.44 -11.20
CA LYS E 37 40.77 50.73 -12.44
C LYS E 37 39.99 51.37 -13.57
N PHE E 38 39.10 52.30 -13.22
CA PHE E 38 38.25 52.97 -14.20
C PHE E 38 38.86 54.31 -14.60
N ARG E 39 39.50 54.99 -13.65
CA ARG E 39 40.26 56.20 -13.98
C ARG E 39 41.42 55.84 -14.88
N GLN E 40 42.08 54.72 -14.57
CA GLN E 40 43.25 54.30 -15.34
C GLN E 40 42.90 53.84 -16.75
N LYS E 41 41.60 53.78 -17.06
CA LYS E 41 41.15 53.40 -18.39
C LYS E 41 40.51 54.58 -19.12
N LEU E 42 39.81 55.43 -18.39
CA LEU E 42 39.31 56.68 -18.96
C LEU E 42 40.49 57.57 -19.30
N GLU E 43 41.52 57.51 -18.48
CA GLU E 43 42.69 58.37 -18.66
C GLU E 43 43.56 57.86 -19.80
N GLU E 44 43.77 56.55 -19.85
CA GLU E 44 44.55 55.96 -20.93
C GLU E 44 43.84 56.13 -22.26
N ALA E 45 42.52 56.31 -22.21
CA ALA E 45 41.72 56.53 -23.41
C ALA E 45 41.87 57.97 -23.88
N LEU E 46 41.89 58.91 -22.93
CA LEU E 46 42.13 60.30 -23.25
C LEU E 46 43.48 60.46 -23.93
N ARG E 47 44.41 59.55 -23.62
CA ARG E 47 45.73 59.57 -24.21
C ARG E 47 45.72 59.03 -25.64
N GLU E 48 44.61 58.41 -26.03
CA GLU E 48 44.47 57.90 -27.39
C GLU E 48 43.82 58.93 -28.30
N SER E 49 43.17 59.92 -27.71
CA SER E 49 42.55 60.99 -28.48
C SER E 49 43.61 61.86 -29.15
N ASP F 6 30.38 15.63 -31.30
CA ASP F 6 31.14 14.66 -32.08
C ASP F 6 31.54 15.23 -33.44
N ALA F 7 30.57 15.35 -34.33
CA ALA F 7 30.84 15.80 -35.70
C ALA F 7 30.67 17.31 -35.86
N PHE F 8 31.75 18.04 -35.60
CA PHE F 8 31.78 19.47 -35.87
C PHE F 8 32.52 19.71 -37.18
N SER F 9 32.87 20.95 -37.47
CA SER F 9 33.69 21.27 -38.64
C SER F 9 35.14 21.44 -38.20
N ILE F 10 36.03 21.58 -39.17
CA ILE F 10 37.46 21.65 -38.87
C ILE F 10 37.83 22.87 -38.02
N PRO F 11 37.53 24.08 -38.51
CA PRO F 11 37.89 25.28 -37.73
C PRO F 11 37.34 25.23 -36.31
N GLU F 12 36.10 24.76 -36.16
CA GLU F 12 35.49 24.65 -34.85
C GLU F 12 36.33 23.76 -33.94
N LEU F 13 36.53 22.51 -34.36
CA LEU F 13 37.30 21.55 -33.57
C LEU F 13 38.61 22.14 -33.06
N GLN F 14 39.28 22.92 -33.89
CA GLN F 14 40.56 23.51 -33.51
C GLN F 14 40.39 24.48 -32.34
N ASN F 15 39.25 25.18 -32.31
CA ASN F 15 38.97 26.12 -31.23
C ASN F 15 38.77 25.41 -29.89
N PHE F 16 38.44 24.12 -29.96
CA PHE F 16 38.23 23.33 -28.74
C PHE F 16 39.58 22.95 -28.15
N LEU F 17 40.45 22.40 -29.00
CA LEU F 17 41.81 22.08 -28.60
C LEU F 17 42.47 23.33 -28.04
N THR F 18 42.24 24.45 -28.70
CA THR F 18 42.82 25.73 -28.30
C THR F 18 42.46 26.09 -26.87
N ILE F 19 41.17 25.98 -26.53
CA ILE F 19 40.71 26.34 -25.20
C ILE F 19 41.21 25.38 -24.14
N LEU F 20 41.31 24.10 -24.48
CA LEU F 20 41.81 23.10 -23.55
C LEU F 20 43.30 23.30 -23.28
N GLU F 21 44.03 23.81 -24.27
CA GLU F 21 45.44 24.13 -24.10
C GLU F 21 45.59 25.33 -23.18
N LYS F 22 44.70 26.31 -23.35
CA LYS F 22 44.71 27.50 -22.50
C LYS F 22 44.33 27.14 -21.07
N GLU F 23 43.56 26.06 -20.91
CA GLU F 23 43.14 25.60 -19.60
C GLU F 23 44.24 24.76 -18.96
N GLU F 24 45.04 24.09 -19.79
CA GLU F 24 46.12 23.25 -19.30
C GLU F 24 47.32 24.07 -18.85
N GLN F 25 47.63 25.12 -19.60
CA GLN F 25 48.78 25.98 -19.30
C GLN F 25 48.51 26.85 -18.07
N ASP F 26 47.28 27.34 -17.95
CA ASP F 26 46.90 28.15 -16.80
C ASP F 26 46.80 27.29 -15.55
N LYS F 27 46.54 26.00 -15.72
CA LYS F 27 46.51 25.07 -14.60
C LYS F 27 47.91 24.55 -14.31
N ILE F 28 48.76 24.53 -15.33
CA ILE F 28 50.16 24.18 -15.15
C ILE F 28 50.86 25.32 -14.39
N GLN F 29 50.39 26.54 -14.59
CA GLN F 29 50.96 27.70 -13.93
C GLN F 29 50.36 27.92 -12.54
N GLN F 30 49.25 27.24 -12.24
CA GLN F 30 48.64 27.34 -10.93
C GLN F 30 49.41 26.49 -9.92
N VAL F 31 50.09 25.46 -10.41
CA VAL F 31 50.93 24.63 -9.55
C VAL F 31 52.34 25.22 -9.47
N GLN F 32 52.75 25.92 -10.52
CA GLN F 32 54.01 26.66 -10.50
C GLN F 32 53.90 27.81 -9.51
N LYS F 33 52.74 28.45 -9.49
CA LYS F 33 52.47 29.51 -8.51
C LYS F 33 52.34 28.89 -7.13
N LYS F 34 51.80 27.69 -7.07
CA LYS F 34 51.69 26.94 -5.82
C LYS F 34 53.04 26.29 -5.49
N GLU G 2 -38.80 -9.12 9.28
CA GLU G 2 -39.80 -10.11 8.89
C GLU G 2 -40.48 -9.74 7.57
N VAL G 3 -41.44 -10.55 7.16
CA VAL G 3 -42.10 -10.38 5.86
C VAL G 3 -43.23 -9.35 5.91
N GLU G 4 -43.45 -8.68 4.79
CA GLU G 4 -44.58 -7.76 4.66
C GLU G 4 -45.68 -8.44 3.85
N TRP G 5 -46.58 -9.12 4.56
CA TRP G 5 -47.57 -9.98 3.92
C TRP G 5 -48.67 -9.23 3.19
N ASP G 6 -48.93 -8.00 3.61
CA ASP G 6 -49.99 -7.19 3.02
C ASP G 6 -49.71 -6.84 1.56
N ALA G 7 -48.50 -7.16 1.09
CA ALA G 7 -48.10 -6.86 -0.28
C ALA G 7 -48.56 -7.93 -1.26
N PHE G 8 -48.99 -9.08 -0.74
CA PHE G 8 -49.38 -10.21 -1.59
C PHE G 8 -50.85 -10.17 -1.97
N SER G 9 -51.28 -11.16 -2.74
CA SER G 9 -52.68 -11.28 -3.14
C SER G 9 -53.32 -12.46 -2.41
N ILE G 10 -54.65 -12.55 -2.48
CA ILE G 10 -55.37 -13.60 -1.78
C ILE G 10 -54.87 -14.99 -2.20
N PRO G 11 -54.78 -15.24 -3.52
CA PRO G 11 -54.35 -16.56 -3.99
C PRO G 11 -52.94 -16.93 -3.53
N GLU G 12 -52.04 -15.95 -3.51
CA GLU G 12 -50.66 -16.20 -3.11
C GLU G 12 -50.57 -16.47 -1.61
N LEU G 13 -51.24 -15.64 -0.82
CA LEU G 13 -51.31 -15.86 0.62
C LEU G 13 -51.85 -17.25 0.90
N GLN G 14 -52.86 -17.64 0.14
CA GLN G 14 -53.48 -18.95 0.30
C GLN G 14 -52.47 -20.06 0.05
N ASN G 15 -51.64 -19.90 -0.98
CA ASN G 15 -50.61 -20.90 -1.27
C ASN G 15 -49.66 -21.06 -0.10
N PHE G 16 -49.37 -19.95 0.58
CA PHE G 16 -48.45 -19.97 1.70
C PHE G 16 -49.07 -20.67 2.91
N LEU G 17 -50.36 -20.47 3.13
CA LEU G 17 -51.08 -21.20 4.16
C LEU G 17 -51.04 -22.69 3.85
N THR G 18 -51.42 -23.04 2.62
CA THR G 18 -51.42 -24.43 2.18
C THR G 18 -50.07 -25.10 2.37
N ILE G 19 -49.02 -24.46 1.88
CA ILE G 19 -47.68 -25.01 1.99
C ILE G 19 -47.34 -25.30 3.46
N LEU G 20 -47.63 -24.34 4.33
CA LEU G 20 -47.38 -24.51 5.75
C LEU G 20 -48.22 -25.64 6.35
N GLU G 21 -49.42 -25.83 5.82
CA GLU G 21 -50.28 -26.93 6.26
C GLU G 21 -49.64 -28.26 5.88
N LYS G 22 -49.24 -28.41 4.62
CA LYS G 22 -48.59 -29.62 4.17
C LYS G 22 -47.32 -29.91 4.97
N GLU G 23 -46.65 -28.84 5.41
CA GLU G 23 -45.46 -28.99 6.23
C GLU G 23 -45.83 -29.44 7.63
N GLU G 24 -46.95 -28.92 8.13
CA GLU G 24 -47.44 -29.28 9.45
C GLU G 24 -47.82 -30.76 9.51
N GLN G 25 -48.59 -31.20 8.51
CA GLN G 25 -49.03 -32.59 8.45
C GLN G 25 -47.85 -33.55 8.26
N ASP G 26 -46.88 -33.13 7.45
CA ASP G 26 -45.74 -33.98 7.12
C ASP G 26 -44.79 -34.15 8.29
N LYS G 27 -44.88 -33.27 9.29
CA LYS G 27 -44.07 -33.42 10.50
C LYS G 27 -44.86 -34.12 11.60
N ILE G 28 -46.16 -33.89 11.63
CA ILE G 28 -47.04 -34.58 12.57
C ILE G 28 -47.07 -36.07 12.29
N GLN G 29 -46.83 -36.43 11.03
CA GLN G 29 -46.81 -37.84 10.62
C GLN G 29 -45.43 -38.47 10.82
N GLN G 30 -44.42 -37.64 11.11
CA GLN G 30 -43.08 -38.14 11.34
C GLN G 30 -42.87 -38.47 12.81
N VAL G 31 -43.63 -37.83 13.69
CA VAL G 31 -43.57 -38.14 15.11
C VAL G 31 -44.45 -39.34 15.44
N GLN G 32 -45.47 -39.56 14.62
CA GLN G 32 -46.31 -40.74 14.76
C GLN G 32 -45.52 -41.98 14.33
N LYS G 33 -44.84 -41.86 13.19
CA LYS G 33 -44.02 -42.96 12.70
C LYS G 33 -42.82 -43.17 13.60
N LYS G 34 -42.54 -42.19 14.45
CA LYS G 34 -41.45 -42.29 15.43
C LYS G 34 -41.94 -42.98 16.71
N TYR G 35 -43.19 -42.73 17.07
CA TYR G 35 -43.78 -43.29 18.28
C TYR G 35 -44.40 -44.67 18.07
N ASP G 36 -44.56 -45.05 16.80
CA ASP G 36 -45.09 -46.37 16.47
C ASP G 36 -43.99 -47.37 16.20
N LYS G 37 -42.79 -46.87 15.89
CA LYS G 37 -41.62 -47.72 15.80
C LYS G 37 -41.07 -47.92 17.21
N PHE G 38 -41.68 -47.26 18.18
CA PHE G 38 -41.31 -47.39 19.57
C PHE G 38 -42.24 -48.39 20.26
N ARG G 39 -43.50 -48.40 19.86
CA ARG G 39 -44.44 -49.43 20.30
C ARG G 39 -44.00 -50.77 19.75
N GLN G 40 -43.66 -50.80 18.47
CA GLN G 40 -43.21 -52.01 17.79
C GLN G 40 -42.02 -52.64 18.52
N LYS G 41 -41.28 -51.82 19.26
CA LYS G 41 -40.09 -52.29 19.96
C LYS G 41 -40.34 -52.51 21.45
N LEU G 42 -41.13 -51.65 22.06
CA LEU G 42 -41.52 -51.83 23.45
C LEU G 42 -42.29 -53.15 23.61
N GLU G 43 -43.19 -53.41 22.66
CA GLU G 43 -44.00 -54.61 22.70
C GLU G 43 -43.18 -55.85 22.38
N GLU G 44 -42.25 -55.74 21.45
CA GLU G 44 -41.39 -56.86 21.10
C GLU G 44 -40.41 -57.16 22.23
N ALA G 45 -40.19 -56.16 23.08
CA ALA G 45 -39.33 -56.35 24.25
C ALA G 45 -40.11 -57.00 25.38
N LEU G 46 -41.41 -56.74 25.42
CA LEU G 46 -42.30 -57.38 26.39
C LEU G 46 -42.51 -58.85 26.02
N ARG G 47 -42.21 -59.19 24.77
CA ARG G 47 -42.30 -60.57 24.31
C ARG G 47 -41.05 -61.34 24.71
N GLU G 48 -39.95 -60.62 24.90
CA GLU G 48 -38.70 -61.22 25.36
C GLU G 48 -38.82 -61.61 26.82
N SER G 49 -39.60 -60.84 27.56
CA SER G 49 -39.83 -61.10 28.97
C SER G 49 -40.42 -62.51 29.14
N GLU H 2 -6.49 -38.13 0.67
CA GLU H 2 -5.13 -38.61 0.90
C GLU H 2 -5.03 -39.39 2.22
N VAL H 3 -5.51 -40.62 2.21
CA VAL H 3 -5.44 -41.49 3.39
C VAL H 3 -4.21 -42.38 3.32
N GLU H 4 -3.53 -42.56 4.44
CA GLU H 4 -2.37 -43.43 4.51
C GLU H 4 -2.78 -44.84 4.90
N TRP H 5 -2.94 -45.70 3.89
CA TRP H 5 -3.47 -47.04 4.10
C TRP H 5 -2.44 -48.01 4.66
N ASP H 6 -1.16 -47.68 4.47
CA ASP H 6 -0.08 -48.52 4.96
C ASP H 6 -0.06 -48.55 6.50
N ALA H 7 -0.81 -47.63 7.11
CA ALA H 7 -0.85 -47.53 8.56
C ALA H 7 -1.73 -48.62 9.19
N PHE H 8 -2.62 -49.19 8.39
CA PHE H 8 -3.58 -50.16 8.88
C PHE H 8 -3.04 -51.59 8.81
N SER H 9 -3.80 -52.52 9.38
CA SER H 9 -3.46 -53.94 9.30
C SER H 9 -4.36 -54.62 8.29
N ILE H 10 -3.98 -55.84 7.89
CA ILE H 10 -4.70 -56.57 6.87
C ILE H 10 -6.19 -56.72 7.18
N PRO H 11 -6.53 -57.15 8.41
CA PRO H 11 -7.95 -57.30 8.77
C PRO H 11 -8.74 -55.99 8.67
N GLU H 12 -8.07 -54.87 8.90
CA GLU H 12 -8.74 -53.57 8.85
C GLU H 12 -8.89 -53.10 7.40
N LEU H 13 -7.87 -53.35 6.59
CA LEU H 13 -7.97 -53.09 5.16
C LEU H 13 -9.10 -53.92 4.57
N GLN H 14 -9.28 -55.11 5.12
CA GLN H 14 -10.34 -56.00 4.68
C GLN H 14 -11.71 -55.43 5.05
N ASN H 15 -11.83 -54.96 6.30
CA ASN H 15 -13.07 -54.33 6.76
C ASN H 15 -13.51 -53.22 5.81
N PHE H 16 -12.54 -52.49 5.27
CA PHE H 16 -12.84 -51.35 4.41
C PHE H 16 -13.28 -51.82 3.01
N LEU H 17 -12.50 -52.70 2.40
CA LEU H 17 -12.87 -53.26 1.11
C LEU H 17 -14.27 -53.84 1.18
N THR H 18 -14.58 -54.53 2.28
CA THR H 18 -15.87 -55.13 2.49
C THR H 18 -16.98 -54.07 2.51
N ILE H 19 -16.73 -52.96 3.20
CA ILE H 19 -17.70 -51.87 3.25
C ILE H 19 -17.93 -51.30 1.86
N LEU H 20 -16.88 -51.29 1.04
CA LEU H 20 -16.98 -50.83 -0.33
C LEU H 20 -17.78 -51.80 -1.20
N GLU H 21 -17.69 -53.09 -0.88
CA GLU H 21 -18.44 -54.11 -1.59
C GLU H 21 -19.93 -53.95 -1.34
N LYS H 22 -20.32 -54.00 -0.06
CA LYS H 22 -21.73 -53.87 0.31
C LYS H 22 -22.29 -52.52 -0.16
N GLU H 23 -21.42 -51.54 -0.34
CA GLU H 23 -21.84 -50.23 -0.82
C GLU H 23 -22.02 -50.25 -2.34
N GLU H 24 -21.17 -51.01 -3.02
CA GLU H 24 -21.22 -51.08 -4.48
C GLU H 24 -22.41 -51.90 -4.94
N GLN H 25 -22.65 -53.02 -4.26
CA GLN H 25 -23.76 -53.90 -4.62
C GLN H 25 -25.10 -53.21 -4.37
N ASP H 26 -25.15 -52.39 -3.33
CA ASP H 26 -26.37 -51.67 -2.96
C ASP H 26 -26.59 -50.44 -3.84
N LYS H 27 -25.62 -50.12 -4.67
CA LYS H 27 -25.78 -49.06 -5.66
C LYS H 27 -25.98 -49.64 -7.06
N ILE H 28 -25.46 -50.85 -7.28
CA ILE H 28 -25.70 -51.57 -8.52
C ILE H 28 -27.14 -52.05 -8.57
N GLN H 29 -27.71 -52.30 -7.40
CA GLN H 29 -29.11 -52.73 -7.30
C GLN H 29 -30.06 -51.53 -7.27
N GLN H 30 -29.52 -50.35 -6.96
CA GLN H 30 -30.33 -49.14 -6.94
C GLN H 30 -30.46 -48.53 -8.34
N VAL H 31 -29.60 -48.96 -9.26
CA VAL H 31 -29.72 -48.55 -10.65
C VAL H 31 -30.52 -49.58 -11.44
N GLN H 32 -30.65 -50.78 -10.88
CA GLN H 32 -31.47 -51.82 -11.49
C GLN H 32 -32.94 -51.58 -11.17
N LYS H 33 -33.23 -51.20 -9.93
CA LYS H 33 -34.60 -50.91 -9.52
C LYS H 33 -35.09 -49.60 -10.15
N LYS H 34 -34.15 -48.79 -10.65
CA LYS H 34 -34.51 -47.59 -11.39
C LYS H 34 -34.85 -47.95 -12.83
N TYR H 35 -34.15 -48.94 -13.37
CA TYR H 35 -34.37 -49.38 -14.74
C TYR H 35 -35.53 -50.38 -14.85
N ASP H 36 -35.87 -51.01 -13.73
CA ASP H 36 -36.99 -51.95 -13.70
C ASP H 36 -38.31 -51.25 -13.39
N LYS H 37 -38.22 -50.09 -12.76
CA LYS H 37 -39.38 -49.22 -12.57
C LYS H 37 -39.52 -48.33 -13.80
N PHE H 38 -38.62 -48.52 -14.76
CA PHE H 38 -38.65 -47.79 -16.03
C PHE H 38 -39.24 -48.69 -17.11
N ARG H 39 -38.98 -50.00 -17.00
CA ARG H 39 -39.59 -50.98 -17.90
C ARG H 39 -41.05 -51.17 -17.56
N GLN H 40 -41.38 -51.06 -16.27
CA GLN H 40 -42.76 -51.12 -15.83
C GLN H 40 -43.57 -50.03 -16.51
N LYS H 41 -42.91 -48.92 -16.82
CA LYS H 41 -43.55 -47.81 -17.53
C LYS H 41 -42.98 -47.69 -18.95
PG ANP I . 17.97 29.51 -20.46
O1G ANP I . 16.77 28.84 -21.05
O2G ANP I . 18.41 28.70 -19.20
O3G ANP I . 19.13 29.53 -21.50
PB ANP I . 17.38 32.03 -21.39
O1B ANP I . 16.05 32.69 -21.28
O2B ANP I . 17.38 31.13 -22.66
N3B ANP I . 17.61 31.08 -20.04
PA ANP I . 19.37 33.22 -22.86
O1A ANP I . 19.36 31.89 -23.58
O2A ANP I . 20.79 33.61 -22.53
O3A ANP I . 18.49 33.14 -21.54
O5' ANP I . 18.71 34.33 -23.78
C5' ANP I . 18.10 35.43 -23.18
C4' ANP I . 16.94 35.89 -24.00
O4' ANP I . 17.37 36.52 -25.17
C3' ANP I . 16.05 34.78 -24.43
O3' ANP I . 15.12 34.45 -23.46
C2' ANP I . 15.39 35.36 -25.60
O2' ANP I . 14.27 36.07 -25.23
C1' ANP I . 16.42 36.26 -26.17
N9 ANP I . 17.02 35.65 -27.32
C8 ANP I . 17.73 34.50 -27.32
N7 ANP I . 18.12 34.23 -28.55
C5 ANP I . 17.69 35.17 -29.38
C6 ANP I . 17.80 35.40 -30.74
N6 ANP I . 18.54 34.46 -31.56
N1 ANP I . 17.23 36.48 -31.29
C2 ANP I . 16.54 37.37 -30.55
N3 ANP I . 16.42 37.18 -29.22
C4 ANP I . 16.97 36.11 -28.61
HOG2 ANP I . 17.92 27.96 -19.14
HOG3 ANP I . 19.69 28.87 -21.33
HOB2 ANP I . 16.55 30.95 -22.89
HNB1 ANP I . 18.27 31.41 -19.54
H5'1 ANP I . 18.76 36.16 -23.10
H5'2 ANP I . 17.80 35.19 -22.29
H4' ANP I . 16.41 36.52 -23.48
H3' ANP I . 16.58 34.01 -24.68
H2' ANP I . 15.15 34.67 -26.24
HO2' ANP I . 13.69 36.07 -25.88
H1' ANP I . 16.00 37.11 -26.41
H8 ANP I . 17.92 33.96 -26.54
HN61 ANP I . 18.97 33.76 -31.17
HN62 ANP I . 18.56 34.57 -32.47
H2 ANP I . 16.13 38.14 -30.97
MG MG J . 18.11 30.26 -24.41
S SO4 K . 16.08 10.10 -20.83
O1 SO4 K . 16.97 11.25 -20.74
O2 SO4 K . 16.56 9.04 -19.95
O3 SO4 K . 14.73 10.50 -20.44
O4 SO4 K . 16.06 9.61 -22.21
PG ANP L . 26.64 18.03 6.79
O1G ANP L . 27.85 17.48 6.11
O2G ANP L . 26.93 19.48 7.30
O3G ANP L . 25.46 18.06 5.80
PB ANP L . 27.44 16.96 9.21
O1B ANP L . 28.02 15.59 9.22
O2B ANP L . 26.75 17.29 10.56
N3B ANP L . 26.25 17.04 8.06
PA ANP L . 29.49 18.41 10.21
O1A ANP L . 30.68 19.21 9.77
O2A ANP L . 28.62 19.19 11.17
O3A ANP L . 28.61 17.99 8.96
O5' ANP L . 29.99 17.12 10.99
C5' ANP L . 31.12 16.42 10.54
C4' ANP L . 31.25 15.10 11.26
O4' ANP L . 32.03 15.23 12.42
C3' ANP L . 29.95 14.51 11.71
O3' ANP L . 29.41 13.69 10.75
C2' ANP L . 30.31 13.76 12.92
O2' ANP L . 30.71 12.48 12.62
C1' ANP L . 31.41 14.56 13.48
N9 ANP L . 30.91 15.49 14.48
C8 ANP L . 30.16 16.58 14.24
N7 ANP L . 29.88 17.20 15.38
C5 ANP L . 30.44 16.54 16.39
C6 ANP L . 30.48 16.71 17.77
N6 ANP L . 29.80 17.84 18.35
N1 ANP L . 31.15 15.84 18.53
C2 ANP L . 31.80 14.78 17.98
N3 ANP L . 31.77 14.58 16.65
C4 ANP L . 31.12 15.43 15.83
HOG2 ANP L . 26.62 20.07 6.70
HOG3 ANP L . 25.76 18.18 4.97
HOB2 ANP L . 25.97 16.88 10.60
HNB1 ANP L . 25.49 17.35 8.45
H5'1 ANP L . 31.92 16.96 10.71
H5'2 ANP L . 31.04 16.26 9.60
H4' ANP L . 31.68 14.47 10.68
H3' ANP L . 29.33 15.22 11.93
H2' ANP L . 29.56 13.73 13.55
HO2' ANP L . 30.43 11.93 13.26
H1' ANP L . 32.06 13.96 13.88
H8 ANP L . 29.85 16.87 13.37
HN61 ANP L . 29.34 18.43 17.82
HN62 ANP L . 29.82 17.97 19.25
H2 ANP L . 32.27 14.16 18.56
MG MG M . 26.67 19.06 12.35
S SO4 N . 7.88 26.25 9.64
O1 SO4 N . 9.21 26.78 9.92
O2 SO4 N . 7.93 24.80 9.60
O3 SO4 N . 6.96 26.67 10.69
O4 SO4 N . 7.41 26.76 8.34
S SO4 O . 36.19 28.67 31.68
O1 SO4 O . 36.70 27.98 32.86
O2 SO4 O . 36.19 27.76 30.53
O3 SO4 O . 34.82 29.13 31.94
O4 SO4 O . 37.04 29.82 31.38
S SO4 P . 14.09 -4.06 24.26
O1 SO4 P . 13.86 -4.75 25.53
O2 SO4 P . 14.35 -5.04 23.21
O3 SO4 P . 12.91 -3.27 23.90
O4 SO4 P . 15.24 -3.17 24.40
S SO4 Q . 38.33 36.39 19.72
O1 SO4 Q . 38.36 36.19 21.17
O2 SO4 Q . 37.14 35.75 19.16
O3 SO4 Q . 38.28 37.84 19.44
O4 SO4 Q . 39.53 35.82 19.11
PG ANP R . -17.10 -32.35 17.71
O1G ANP R . -16.95 -31.18 16.81
O2G ANP R . -18.49 -32.29 18.41
O3G ANP R . -16.98 -33.66 16.88
PB ANP R . -16.14 -33.36 20.10
O1B ANP R . -16.52 -32.59 21.31
O2B ANP R . -14.80 -34.10 20.36
N3B ANP R . -15.89 -32.29 18.85
PA ANP R . -17.08 -35.94 20.00
O1A ANP R . -15.70 -36.32 19.52
O2A ANP R . -18.12 -36.76 19.26
O3A ANP R . -17.31 -34.38 19.77
O5' ANP R . -17.22 -36.23 21.55
C5' ANP R . -18.45 -36.02 22.20
C4' ANP R . -18.27 -36.17 23.68
O4' ANP R . -17.85 -37.46 23.97
C3' ANP R . -17.27 -35.21 24.23
O3' ANP R . -17.79 -34.52 25.29
C2' ANP R . -16.14 -36.04 24.66
O2' ANP R . -15.58 -35.60 25.83
C1' ANP R . -16.74 -37.39 24.83
N9 ANP R . -15.76 -38.42 24.55
C8 ANP R . -15.29 -38.74 23.34
N7 ANP R . -14.40 -39.73 23.45
C5 ANP R . -14.28 -40.06 24.74
C6 ANP R . -13.52 -40.99 25.43
N6 ANP R . -12.63 -41.87 24.72
N1 ANP R . -13.63 -41.08 26.77
C2 ANP R . -14.46 -40.29 27.46
N3 ANP R . -15.21 -39.36 26.82
C4 ANP R . -15.15 -39.23 25.47
HOG2 ANP R . -18.94 -31.59 18.09
HOG3 ANP R . -16.99 -33.45 16.00
HOB2 ANP R . -14.13 -33.54 20.24
HNB1 ANP R . -15.83 -31.46 19.18
H5'1 ANP R . -19.10 -36.68 21.88
H5'2 ANP R . -18.78 -35.12 21.99
H4' ANP R . -19.12 -36.01 24.11
H3' ANP R . -17.00 -34.60 23.53
H2' ANP R . -15.45 -36.08 23.96
HO2' ANP R . -15.09 -34.88 25.66
H1' ANP R . -17.06 -37.47 25.74
H8 ANP R . -15.56 -38.33 22.51
HN61 ANP R . -12.82 -42.13 23.87
HN62 ANP R . -11.85 -42.15 25.11
H2 ANP R . -14.52 -40.36 28.42
MG MG S . -13.68 -35.54 19.28
S SO4 T . -1.27 -27.38 5.89
O1 SO4 T . -0.34 -28.50 5.79
O2 SO4 T . -2.63 -27.87 6.02
O3 SO4 T . -0.93 -26.57 7.05
O4 SO4 T . -1.17 -26.55 4.69
NA NA U . 2.56 -22.70 39.35
NA NA V . -15.10 -55.61 11.31
PG ANP W . -27.01 -18.07 -7.14
O1G ANP W . -26.08 -17.71 -6.03
O2G ANP W . -26.29 -19.06 -8.09
O3G ANP W . -28.29 -18.73 -6.53
PB ANP W . -27.97 -16.84 -9.47
O1B ANP W . -26.84 -16.91 -10.43
O2B ANP W . -28.81 -15.56 -9.76
N3B ANP W . -27.38 -16.65 -7.93
PA ANP W . -30.29 -18.04 -10.24
O1A ANP W . -30.96 -16.85 -9.56
O2A ANP W . -31.09 -19.30 -9.98
O3A ANP W . -28.83 -18.16 -9.66
O5' ANP W . -30.21 -17.80 -11.81
C5' ANP W . -29.68 -18.79 -12.65
C4' ANP W . -29.65 -18.34 -14.09
O4' ANP W . -30.87 -17.74 -14.46
C3' ANP W . -28.57 -17.35 -14.36
O3' ANP W . -27.84 -17.73 -15.46
C2' ANP W . -29.27 -16.08 -14.63
O2' ANP W . -28.63 -15.36 -15.62
C1' ANP W . -30.62 -16.50 -15.04
N9 ANP W . -31.62 -15.54 -14.63
C8 ANP W . -32.00 -15.28 -13.37
N7 ANP W . -32.93 -14.35 -13.35
C5 ANP W . -33.19 -13.96 -14.60
C6 ANP W . -34.06 -13.05 -15.17
N6 ANP W . -34.93 -12.27 -14.32
N1 ANP W . -34.08 -12.90 -16.50
C2 ANP W . -33.27 -13.62 -17.31
N3 ANP W . -32.42 -14.53 -16.79
C4 ANP W . -32.36 -14.72 -15.45
HOG2 ANP W . -25.85 -19.67 -7.61
HOG3 ANP W . -28.26 -18.69 -5.65
HOB2 ANP W . -28.31 -14.85 -9.67
HNB1 ANP W . -27.96 -16.16 -7.43
H5'1 ANP W . -28.77 -18.99 -12.36
H5'2 ANP W . -30.23 -19.59 -12.58
H4' ANP W . -29.51 -19.11 -14.65
H3' ANP W . -28.00 -17.27 -13.59
H2' ANP W . -29.32 -15.53 -13.81
HO2' ANP W . -28.21 -14.67 -15.26
H1' ANP W . -30.64 -16.60 -16.01
H8 ANP W . -31.64 -15.72 -12.58
HN61 ANP W . -35.51 -11.67 -14.69
HN62 ANP W . -34.89 -12.38 -13.41
H2 ANP W . -33.31 -13.49 -18.27
MG MG X . -30.69 -14.88 -8.83
S SO4 Y . -27.48 -4.69 8.35
O1 SO4 Y . -26.89 -4.94 9.66
O2 SO4 Y . -27.33 -5.89 7.52
O3 SO4 Y . -28.89 -4.37 8.51
O4 SO4 Y . -26.80 -3.57 7.72
S SO4 Z . -53.15 -10.91 -16.32
O1 SO4 Z . -53.13 -11.18 -14.88
O2 SO4 Z . -52.61 -12.07 -17.02
O3 SO4 Z . -54.53 -10.67 -16.76
O4 SO4 Z . -52.34 -9.73 -16.62
S SO4 AA . -52.69 -21.92 -7.36
O1 SO4 AA . -52.71 -22.59 -6.06
O2 SO4 AA . -53.82 -22.39 -8.16
O3 SO4 AA . -52.81 -20.48 -7.16
O4 SO4 AA . -51.45 -22.22 -8.06
NA NA BA . -17.23 7.17 -21.55
#